data_2M71
#
_entry.id   2M71
#
_entity_poly.entity_id   1
_entity_poly.type   'polypeptide(L)'
_entity_poly.pdbx_seq_one_letter_code
;MSLKVIDIKEIKLSVKIAQNDINYKVKHALEFLEQGKHVRFRVFLKGREMATPEAGVALLEKIWTMIENEANRDKEPNFE
GRYVNMLVTPKKAEGHHHHHH
;
_entity_poly.pdbx_strand_id   A
#
# COMPACT_ATOMS: atom_id res chain seq x y z
N LYS A 4 -6.36 2.28 20.27
CA LYS A 4 -6.98 2.55 18.98
C LYS A 4 -7.81 1.35 18.55
N VAL A 5 -8.99 1.61 18.03
CA VAL A 5 -9.87 0.54 17.57
C VAL A 5 -9.56 0.18 16.13
N ILE A 6 -8.91 1.08 15.45
CA ILE A 6 -8.55 0.88 14.08
C ILE A 6 -7.24 0.11 13.99
N ASP A 7 -7.35 -1.14 13.58
CA ASP A 7 -6.19 -2.01 13.43
C ASP A 7 -5.64 -1.88 12.03
N ILE A 8 -4.38 -1.62 11.92
CA ILE A 8 -3.78 -1.38 10.63
C ILE A 8 -2.69 -2.38 10.34
N LYS A 9 -2.74 -2.95 9.15
CA LYS A 9 -1.76 -3.93 8.75
C LYS A 9 -0.68 -3.27 7.93
N GLU A 10 0.56 -3.52 8.26
CA GLU A 10 1.66 -2.94 7.55
C GLU A 10 2.35 -3.99 6.71
N ILE A 11 2.00 -4.05 5.44
CA ILE A 11 2.56 -5.02 4.54
C ILE A 11 3.84 -4.49 3.89
N LYS A 12 4.92 -5.24 4.02
CA LYS A 12 6.24 -4.83 3.53
C LYS A 12 6.55 -5.43 2.16
N LEU A 13 7.27 -4.66 1.36
CA LEU A 13 7.77 -5.11 0.07
C LEU A 13 9.23 -4.67 -0.09
N SER A 14 9.85 -5.06 -1.18
CA SER A 14 11.23 -4.70 -1.43
C SER A 14 11.40 -4.34 -2.90
N VAL A 15 12.42 -3.55 -3.21
CA VAL A 15 12.70 -3.17 -4.59
C VAL A 15 12.98 -4.41 -5.44
N LYS A 16 13.76 -5.31 -4.88
CA LYS A 16 14.04 -6.56 -5.54
C LYS A 16 13.07 -7.62 -5.02
N ILE A 17 11.85 -7.54 -5.51
CA ILE A 17 10.81 -8.46 -5.10
C ILE A 17 10.18 -9.14 -6.32
N ALA A 18 9.74 -10.37 -6.13
CA ALA A 18 9.08 -11.12 -7.18
C ALA A 18 7.66 -10.59 -7.38
N GLN A 19 7.20 -10.54 -8.63
CA GLN A 19 5.86 -10.05 -8.95
C GLN A 19 4.79 -10.96 -8.35
N ASN A 20 5.08 -12.24 -8.30
CA ASN A 20 4.19 -13.23 -7.73
C ASN A 20 3.93 -12.89 -6.27
N ASP A 21 4.98 -12.48 -5.58
CA ASP A 21 4.89 -12.10 -4.18
C ASP A 21 4.05 -10.84 -4.02
N ILE A 22 4.22 -9.89 -4.96
CA ILE A 22 3.43 -8.65 -4.95
C ILE A 22 1.95 -8.95 -5.14
N ASN A 23 1.67 -9.83 -6.10
CA ASN A 23 0.31 -10.22 -6.44
C ASN A 23 -0.39 -10.87 -5.26
N TYR A 24 0.32 -11.72 -4.58
CA TYR A 24 -0.18 -12.39 -3.42
C TYR A 24 -0.51 -11.38 -2.31
N LYS A 25 0.40 -10.43 -2.08
CA LYS A 25 0.23 -9.42 -1.05
C LYS A 25 -0.96 -8.49 -1.30
N VAL A 26 -1.16 -8.05 -2.55
CA VAL A 26 -2.30 -7.19 -2.85
C VAL A 26 -3.63 -7.90 -2.61
N LYS A 27 -3.63 -9.22 -2.75
CA LYS A 27 -4.82 -10.02 -2.48
C LYS A 27 -5.25 -9.85 -1.03
N HIS A 28 -4.31 -10.01 -0.13
CA HIS A 28 -4.59 -9.85 1.28
C HIS A 28 -4.89 -8.42 1.61
N ALA A 29 -4.20 -7.50 0.96
CA ALA A 29 -4.41 -6.08 1.16
C ALA A 29 -5.88 -5.74 0.91
N LEU A 30 -6.41 -6.26 -0.19
CA LEU A 30 -7.80 -6.04 -0.54
C LEU A 30 -8.74 -6.63 0.51
N GLU A 31 -8.42 -7.83 0.99
CA GLU A 31 -9.26 -8.51 1.95
C GLU A 31 -9.32 -7.75 3.28
N PHE A 32 -8.19 -7.19 3.72
CA PHE A 32 -8.17 -6.39 4.95
C PHE A 32 -8.94 -5.09 4.76
N LEU A 33 -8.87 -4.53 3.55
CA LEU A 33 -9.61 -3.32 3.22
C LEU A 33 -11.11 -3.60 3.32
N GLU A 34 -11.50 -4.78 2.86
CA GLU A 34 -12.89 -5.23 2.93
C GLU A 34 -13.35 -5.33 4.39
N GLN A 35 -12.40 -5.45 5.29
CA GLN A 35 -12.67 -5.51 6.72
C GLN A 35 -12.77 -4.10 7.31
N GLY A 36 -12.48 -3.10 6.49
CA GLY A 36 -12.57 -1.73 6.92
C GLY A 36 -11.29 -1.25 7.56
N LYS A 37 -10.19 -1.93 7.31
CA LYS A 37 -8.92 -1.57 7.90
C LYS A 37 -8.01 -0.91 6.88
N HIS A 38 -6.90 -0.40 7.35
CA HIS A 38 -5.90 0.24 6.52
C HIS A 38 -4.70 -0.67 6.34
N VAL A 39 -4.09 -0.60 5.16
CA VAL A 39 -2.87 -1.32 4.90
C VAL A 39 -1.79 -0.32 4.56
N ARG A 40 -0.69 -0.41 5.29
CA ARG A 40 0.42 0.48 5.07
C ARG A 40 1.48 -0.24 4.30
N PHE A 41 1.75 0.21 3.10
CA PHE A 41 2.75 -0.43 2.27
C PHE A 41 4.08 0.22 2.52
N ARG A 42 5.01 -0.56 3.04
CA ARG A 42 6.31 -0.04 3.37
C ARG A 42 7.36 -0.84 2.62
N VAL A 43 8.29 -0.14 2.01
CA VAL A 43 9.34 -0.80 1.28
C VAL A 43 10.69 -0.28 1.73
N PHE A 44 11.59 -1.20 2.00
CA PHE A 44 12.92 -0.85 2.41
C PHE A 44 13.86 -1.09 1.27
N LEU A 45 14.67 -0.10 0.95
CA LEU A 45 15.61 -0.23 -0.13
C LEU A 45 16.75 -1.14 0.33
N LYS A 46 17.04 -2.16 -0.46
CA LYS A 46 17.98 -3.21 -0.06
C LYS A 46 19.38 -2.67 0.22
N GLY A 47 19.88 -1.82 -0.66
CA GLY A 47 21.19 -1.23 -0.44
C GLY A 47 21.68 -0.44 -1.62
N ARG A 48 21.85 -1.11 -2.75
CA ARG A 48 22.33 -0.46 -3.97
C ARG A 48 21.31 0.54 -4.51
N GLU A 49 20.04 0.19 -4.39
CA GLU A 49 18.96 1.04 -4.86
C GLU A 49 18.64 2.15 -3.87
N MET A 50 19.31 2.15 -2.71
CA MET A 50 19.08 3.14 -1.69
C MET A 50 19.46 4.54 -2.18
N ALA A 51 20.27 4.59 -3.23
CA ALA A 51 20.68 5.85 -3.82
C ALA A 51 19.56 6.46 -4.67
N THR A 52 18.51 5.68 -4.93
CA THR A 52 17.38 6.15 -5.73
C THR A 52 16.04 5.86 -5.05
N PRO A 53 15.47 6.88 -4.39
CA PRO A 53 14.19 6.76 -3.66
C PRO A 53 13.02 6.45 -4.59
N GLU A 54 13.16 6.83 -5.86
CA GLU A 54 12.13 6.63 -6.86
C GLU A 54 11.83 5.14 -7.08
N ALA A 55 12.82 4.30 -6.80
CA ALA A 55 12.65 2.86 -6.97
C ALA A 55 11.52 2.35 -6.06
N GLY A 56 11.53 2.81 -4.81
CA GLY A 56 10.48 2.45 -3.88
C GLY A 56 9.15 3.03 -4.28
N VAL A 57 9.20 4.26 -4.78
CA VAL A 57 8.00 4.96 -5.21
C VAL A 57 7.32 4.23 -6.36
N ALA A 58 8.12 3.84 -7.36
CA ALA A 58 7.60 3.14 -8.53
C ALA A 58 7.00 1.79 -8.14
N LEU A 59 7.63 1.12 -7.18
CA LEU A 59 7.14 -0.17 -6.70
C LEU A 59 5.76 0.00 -6.06
N LEU A 60 5.65 1.00 -5.21
CA LEU A 60 4.40 1.27 -4.50
C LEU A 60 3.30 1.71 -5.44
N GLU A 61 3.67 2.53 -6.43
CA GLU A 61 2.71 2.99 -7.42
C GLU A 61 2.11 1.81 -8.20
N LYS A 62 2.94 0.80 -8.45
CA LYS A 62 2.46 -0.39 -9.15
C LYS A 62 1.41 -1.10 -8.29
N ILE A 63 1.67 -1.14 -6.98
CA ILE A 63 0.76 -1.75 -6.03
C ILE A 63 -0.58 -1.01 -6.05
N TRP A 64 -0.49 0.31 -6.00
CA TRP A 64 -1.66 1.15 -6.04
C TRP A 64 -2.46 0.90 -7.31
N THR A 65 -1.76 0.73 -8.41
CA THR A 65 -2.40 0.44 -9.69
C THR A 65 -3.20 -0.89 -9.62
N MET A 66 -2.61 -1.86 -8.95
CA MET A 66 -3.23 -3.18 -8.80
C MET A 66 -4.52 -3.15 -7.95
N ILE A 67 -4.50 -2.40 -6.84
CA ILE A 67 -5.62 -2.41 -5.88
C ILE A 67 -6.52 -1.18 -5.93
N GLU A 68 -6.21 -0.24 -6.81
CA GLU A 68 -6.99 1.01 -6.91
C GLU A 68 -8.49 0.77 -7.16
N ASN A 69 -8.82 -0.42 -7.62
CA ASN A 69 -10.21 -0.78 -7.88
C ASN A 69 -11.04 -0.84 -6.60
N GLU A 70 -10.46 -1.30 -5.50
CA GLU A 70 -11.19 -1.41 -4.24
C GLU A 70 -10.52 -0.63 -3.13
N ALA A 71 -9.50 0.12 -3.48
CA ALA A 71 -8.77 0.90 -2.50
C ALA A 71 -8.78 2.38 -2.82
N ASN A 72 -8.67 3.19 -1.79
CA ASN A 72 -8.59 4.62 -1.93
C ASN A 72 -7.19 5.06 -1.51
N ARG A 73 -6.70 6.10 -2.12
CA ARG A 73 -5.37 6.56 -1.88
C ARG A 73 -5.34 7.59 -0.76
N ASP A 74 -4.76 7.21 0.38
CA ASP A 74 -4.63 8.13 1.52
C ASP A 74 -3.59 9.20 1.24
N LYS A 75 -2.50 8.80 0.60
CA LYS A 75 -1.42 9.73 0.28
C LYS A 75 -0.49 9.15 -0.80
N GLU A 76 0.55 9.89 -1.13
CA GLU A 76 1.51 9.46 -2.14
C GLU A 76 2.66 8.70 -1.50
N PRO A 77 3.27 7.76 -2.25
CA PRO A 77 4.45 7.05 -1.78
C PRO A 77 5.65 7.99 -1.72
N ASN A 78 6.37 7.96 -0.62
CA ASN A 78 7.52 8.82 -0.46
C ASN A 78 8.59 8.14 0.39
N PHE A 79 9.83 8.51 0.14
CA PHE A 79 10.95 7.97 0.87
C PHE A 79 11.19 8.79 2.13
N GLU A 80 11.01 8.16 3.28
CA GLU A 80 11.18 8.85 4.54
C GLU A 80 11.60 7.86 5.63
N GLY A 81 12.83 7.97 6.06
CA GLY A 81 13.35 7.07 7.09
C GLY A 81 13.88 5.78 6.50
N ARG A 82 14.41 5.87 5.28
CA ARG A 82 14.97 4.73 4.54
C ARG A 82 13.88 3.76 4.09
N TYR A 83 12.65 4.11 4.36
CA TYR A 83 11.51 3.35 3.92
C TYR A 83 10.62 4.22 3.06
N VAL A 84 10.15 3.68 1.98
CA VAL A 84 9.20 4.37 1.14
C VAL A 84 7.84 3.82 1.50
N ASN A 85 6.92 4.67 1.86
CA ASN A 85 5.62 4.18 2.32
C ASN A 85 4.44 4.87 1.65
N MET A 86 3.41 4.08 1.39
CA MET A 86 2.17 4.56 0.82
C MET A 86 1.03 3.91 1.59
N LEU A 87 -0.04 4.65 1.80
CA LEU A 87 -1.15 4.14 2.58
C LEU A 87 -2.44 4.17 1.79
N VAL A 88 -3.24 3.13 1.96
CA VAL A 88 -4.51 3.00 1.27
C VAL A 88 -5.66 2.84 2.24
N THR A 89 -6.71 3.60 1.99
CA THR A 89 -7.91 3.56 2.79
C THR A 89 -8.93 2.68 2.09
N PRO A 90 -9.62 1.82 2.82
CA PRO A 90 -10.63 0.93 2.25
C PRO A 90 -11.81 1.73 1.67
N LYS A 91 -12.36 1.24 0.59
CA LYS A 91 -13.44 1.93 -0.11
C LYS A 91 -14.78 1.73 0.60
N LYS A 92 -14.76 0.92 1.64
CA LYS A 92 -15.94 0.66 2.45
C LYS A 92 -16.04 1.65 3.62
N ALA A 93 -15.25 2.71 3.54
CA ALA A 93 -15.26 3.73 4.56
C ALA A 93 -16.48 4.63 4.42
N GLU A 94 -16.72 5.48 5.44
CA GLU A 94 -17.86 6.39 5.46
C GLU A 94 -19.19 5.67 5.55
N GLY A 95 -19.16 4.45 6.07
CA GLY A 95 -20.40 3.72 6.29
C GLY A 95 -21.24 4.37 7.35
N HIS A 96 -20.54 4.87 8.40
CA HIS A 96 -21.14 5.60 9.55
C HIS A 96 -22.08 4.75 10.41
N HIS A 97 -22.98 4.03 9.78
CA HIS A 97 -23.90 3.15 10.51
C HIS A 97 -23.61 1.69 10.18
N HIS A 98 -22.68 1.49 9.27
CA HIS A 98 -22.35 0.15 8.80
C HIS A 98 -21.34 -0.53 9.71
N HIS A 99 -21.79 -0.88 10.92
CA HIS A 99 -20.95 -1.58 11.88
C HIS A 99 -21.81 -2.22 12.97
N HIS A 100 -21.40 -3.41 13.43
CA HIS A 100 -22.08 -4.15 14.50
C HIS A 100 -23.50 -4.58 14.08
N HIS A 101 -23.68 -5.86 13.89
CA HIS A 101 -24.98 -6.42 13.51
C HIS A 101 -25.79 -6.76 14.76
N LYS A 4 -2.18 2.95 17.57
CA LYS A 4 -2.43 1.51 17.42
C LYS A 4 -3.85 1.13 17.81
N VAL A 5 -4.70 2.12 17.97
CA VAL A 5 -6.10 1.89 18.23
C VAL A 5 -6.75 1.26 17.02
N ILE A 6 -6.39 1.77 15.88
CA ILE A 6 -6.90 1.28 14.63
C ILE A 6 -5.88 0.31 14.05
N ASP A 7 -6.33 -0.90 13.75
CA ASP A 7 -5.44 -1.92 13.22
C ASP A 7 -5.09 -1.63 11.79
N ILE A 8 -3.93 -1.09 11.60
CA ILE A 8 -3.44 -0.83 10.29
C ILE A 8 -2.33 -1.79 10.00
N LYS A 9 -2.54 -2.64 9.03
CA LYS A 9 -1.59 -3.67 8.72
C LYS A 9 -0.51 -3.14 7.83
N GLU A 10 0.69 -3.46 8.17
CA GLU A 10 1.83 -3.03 7.41
C GLU A 10 2.34 -4.14 6.54
N ILE A 11 2.18 -3.97 5.25
CA ILE A 11 2.67 -4.92 4.29
C ILE A 11 3.93 -4.38 3.64
N LYS A 12 5.03 -5.06 3.88
CA LYS A 12 6.33 -4.63 3.43
C LYS A 12 6.74 -5.30 2.13
N LEU A 13 7.38 -4.55 1.26
CA LEU A 13 7.91 -5.07 0.03
C LEU A 13 9.32 -4.53 -0.20
N SER A 14 9.99 -5.05 -1.19
CA SER A 14 11.32 -4.60 -1.53
C SER A 14 11.41 -4.37 -3.02
N VAL A 15 12.31 -3.51 -3.45
CA VAL A 15 12.49 -3.22 -4.86
C VAL A 15 12.96 -4.49 -5.59
N LYS A 16 13.75 -5.30 -4.89
CA LYS A 16 14.15 -6.60 -5.39
C LYS A 16 13.24 -7.66 -4.81
N ILE A 17 12.04 -7.76 -5.34
CA ILE A 17 11.08 -8.73 -4.86
C ILE A 17 10.40 -9.45 -6.03
N ALA A 18 9.94 -10.66 -5.79
CA ALA A 18 9.29 -11.45 -6.80
C ALA A 18 7.91 -10.89 -7.14
N GLN A 19 7.54 -10.97 -8.41
CA GLN A 19 6.25 -10.49 -8.87
C GLN A 19 5.11 -11.29 -8.26
N ASN A 20 5.38 -12.55 -7.98
CA ASN A 20 4.40 -13.44 -7.36
C ASN A 20 4.04 -12.91 -5.98
N ASP A 21 5.06 -12.41 -5.27
CA ASP A 21 4.89 -11.85 -3.93
C ASP A 21 3.95 -10.65 -3.95
N ILE A 22 4.13 -9.78 -4.94
CA ILE A 22 3.31 -8.58 -5.10
C ILE A 22 1.84 -8.94 -5.31
N ASN A 23 1.61 -9.92 -6.18
CA ASN A 23 0.25 -10.38 -6.49
C ASN A 23 -0.44 -10.95 -5.26
N TYR A 24 0.29 -11.73 -4.53
CA TYR A 24 -0.22 -12.36 -3.33
C TYR A 24 -0.57 -11.33 -2.26
N LYS A 25 0.30 -10.34 -2.08
CA LYS A 25 0.11 -9.30 -1.08
C LYS A 25 -1.10 -8.40 -1.36
N VAL A 26 -1.31 -8.01 -2.60
CA VAL A 26 -2.47 -7.18 -2.92
C VAL A 26 -3.77 -7.93 -2.64
N LYS A 27 -3.74 -9.25 -2.82
CA LYS A 27 -4.90 -10.08 -2.53
C LYS A 27 -5.23 -10.03 -1.04
N HIS A 28 -4.19 -10.06 -0.22
CA HIS A 28 -4.36 -9.96 1.23
C HIS A 28 -4.86 -8.58 1.62
N ALA A 29 -4.28 -7.56 0.98
CA ALA A 29 -4.64 -6.18 1.26
C ALA A 29 -6.11 -5.93 0.98
N LEU A 30 -6.62 -6.53 -0.08
CA LEU A 30 -8.01 -6.36 -0.46
C LEU A 30 -8.94 -6.89 0.63
N GLU A 31 -8.59 -8.04 1.21
CA GLU A 31 -9.42 -8.66 2.24
C GLU A 31 -9.46 -7.78 3.49
N PHE A 32 -8.30 -7.24 3.88
CA PHE A 32 -8.21 -6.37 5.05
C PHE A 32 -9.00 -5.09 4.87
N LEU A 33 -8.98 -4.56 3.66
CA LEU A 33 -9.73 -3.34 3.35
C LEU A 33 -11.22 -3.61 3.53
N GLU A 34 -11.66 -4.75 3.06
CA GLU A 34 -13.04 -5.20 3.19
C GLU A 34 -13.42 -5.37 4.66
N GLN A 35 -12.42 -5.55 5.52
CA GLN A 35 -12.66 -5.69 6.96
C GLN A 35 -12.74 -4.32 7.62
N GLY A 36 -12.41 -3.28 6.87
CA GLY A 36 -12.40 -1.95 7.42
C GLY A 36 -11.04 -1.56 7.94
N LYS A 37 -10.03 -2.34 7.58
CA LYS A 37 -8.67 -2.08 8.01
C LYS A 37 -7.93 -1.33 6.93
N HIS A 38 -6.86 -0.68 7.31
CA HIS A 38 -6.03 0.04 6.37
C HIS A 38 -4.74 -0.72 6.17
N VAL A 39 -4.19 -0.66 4.98
CA VAL A 39 -2.94 -1.31 4.71
C VAL A 39 -1.88 -0.27 4.40
N ARG A 40 -0.79 -0.33 5.12
CA ARG A 40 0.29 0.57 4.91
C ARG A 40 1.37 -0.16 4.15
N PHE A 41 1.64 0.30 2.96
CA PHE A 41 2.65 -0.32 2.13
C PHE A 41 3.97 0.36 2.35
N ARG A 42 4.95 -0.39 2.79
CA ARG A 42 6.25 0.16 3.05
C ARG A 42 7.28 -0.66 2.31
N VAL A 43 8.19 0.00 1.64
CA VAL A 43 9.20 -0.68 0.89
C VAL A 43 10.59 -0.30 1.37
N PHE A 44 11.40 -1.31 1.60
CA PHE A 44 12.77 -1.11 2.01
C PHE A 44 13.67 -1.30 0.81
N LEU A 45 14.48 -0.31 0.52
CA LEU A 45 15.37 -0.35 -0.61
C LEU A 45 16.55 -1.26 -0.29
N LYS A 46 16.89 -2.13 -1.20
CA LYS A 46 17.92 -3.12 -0.94
C LYS A 46 19.17 -2.89 -1.78
N GLY A 47 20.27 -2.61 -1.11
CA GLY A 47 21.53 -2.40 -1.79
C GLY A 47 21.74 -0.95 -2.18
N ARG A 48 22.16 -0.72 -3.43
CA ARG A 48 22.43 0.62 -3.91
C ARG A 48 21.13 1.36 -4.19
N GLU A 49 20.03 0.64 -4.09
CA GLU A 49 18.70 1.19 -4.31
C GLU A 49 18.40 2.31 -3.33
N MET A 50 19.09 2.29 -2.18
CA MET A 50 18.88 3.29 -1.14
C MET A 50 19.23 4.69 -1.63
N ALA A 51 20.17 4.77 -2.56
CA ALA A 51 20.57 6.04 -3.14
C ALA A 51 19.49 6.59 -4.09
N THR A 52 18.51 5.76 -4.40
CA THR A 52 17.44 6.15 -5.30
C THR A 52 16.06 5.88 -4.68
N PRO A 53 15.49 6.91 -4.06
CA PRO A 53 14.18 6.82 -3.39
C PRO A 53 13.05 6.63 -4.40
N GLU A 54 13.34 6.95 -5.65
CA GLU A 54 12.40 6.84 -6.75
C GLU A 54 11.96 5.39 -6.95
N ALA A 55 12.87 4.46 -6.67
CA ALA A 55 12.62 3.04 -6.85
C ALA A 55 11.45 2.57 -5.97
N GLY A 56 11.42 3.06 -4.75
CA GLY A 56 10.35 2.70 -3.83
C GLY A 56 9.02 3.20 -4.31
N VAL A 57 9.02 4.39 -4.88
CA VAL A 57 7.82 5.01 -5.38
C VAL A 57 7.25 4.19 -6.54
N ALA A 58 8.13 3.79 -7.45
CA ALA A 58 7.72 3.01 -8.62
C ALA A 58 7.09 1.69 -8.22
N LEU A 59 7.68 1.04 -7.23
CA LEU A 59 7.16 -0.23 -6.74
C LEU A 59 5.77 -0.04 -6.13
N LEU A 60 5.64 0.97 -5.28
CA LEU A 60 4.38 1.23 -4.59
C LEU A 60 3.27 1.60 -5.56
N GLU A 61 3.59 2.42 -6.56
CA GLU A 61 2.60 2.81 -7.54
C GLU A 61 2.13 1.59 -8.34
N LYS A 62 3.06 0.67 -8.61
CA LYS A 62 2.74 -0.56 -9.31
C LYS A 62 1.75 -1.38 -8.49
N ILE A 63 1.99 -1.41 -7.17
CA ILE A 63 1.10 -2.09 -6.23
C ILE A 63 -0.26 -1.40 -6.21
N TRP A 64 -0.23 -0.08 -6.16
CA TRP A 64 -1.43 0.75 -6.16
C TRP A 64 -2.27 0.46 -7.40
N THR A 65 -1.59 0.27 -8.52
CA THR A 65 -2.27 -0.03 -9.78
C THR A 65 -3.15 -1.30 -9.62
N MET A 66 -2.62 -2.27 -8.88
CA MET A 66 -3.30 -3.53 -8.63
C MET A 66 -4.56 -3.36 -7.75
N ILE A 67 -4.46 -2.51 -6.73
CA ILE A 67 -5.56 -2.36 -5.74
C ILE A 67 -6.43 -1.12 -5.94
N GLU A 68 -6.06 -0.25 -6.87
CA GLU A 68 -6.81 0.99 -7.09
C GLU A 68 -8.26 0.69 -7.46
N ASN A 69 -8.51 -0.51 -7.93
CA ASN A 69 -9.82 -0.93 -8.36
C ASN A 69 -10.81 -0.95 -7.20
N GLU A 70 -10.35 -1.28 -5.99
CA GLU A 70 -11.25 -1.37 -4.84
C GLU A 70 -10.70 -0.63 -3.62
N ALA A 71 -9.61 0.09 -3.79
CA ALA A 71 -9.00 0.79 -2.66
C ALA A 71 -8.90 2.29 -2.95
N ASN A 72 -8.81 3.07 -1.88
CA ASN A 72 -8.64 4.50 -1.98
C ASN A 72 -7.25 4.86 -1.49
N ARG A 73 -6.69 5.93 -2.02
CA ARG A 73 -5.37 6.35 -1.64
C ARG A 73 -5.42 7.40 -0.52
N ASP A 74 -4.93 7.04 0.65
CA ASP A 74 -4.89 7.96 1.79
C ASP A 74 -3.74 8.93 1.64
N LYS A 75 -2.59 8.39 1.27
CA LYS A 75 -1.39 9.19 1.09
C LYS A 75 -0.54 8.62 -0.04
N GLU A 76 0.19 9.50 -0.71
CA GLU A 76 1.04 9.12 -1.81
C GLU A 76 2.35 8.55 -1.26
N PRO A 77 3.13 7.84 -2.10
CA PRO A 77 4.42 7.29 -1.67
C PRO A 77 5.41 8.40 -1.29
N ASN A 78 6.14 8.18 -0.22
CA ASN A 78 7.14 9.12 0.24
C ASN A 78 8.33 8.37 0.83
N PHE A 79 9.47 9.01 0.85
CA PHE A 79 10.67 8.38 1.39
C PHE A 79 11.00 8.96 2.75
N GLU A 80 10.79 8.19 3.78
CA GLU A 80 11.09 8.61 5.13
C GLU A 80 12.03 7.64 5.78
N GLY A 81 13.18 8.14 6.17
CA GLY A 81 14.18 7.31 6.78
C GLY A 81 14.84 6.40 5.78
N ARG A 82 14.45 5.15 5.79
CA ARG A 82 14.99 4.16 4.85
C ARG A 82 13.88 3.44 4.11
N TYR A 83 12.65 3.89 4.31
CA TYR A 83 11.49 3.25 3.69
C TYR A 83 10.65 4.24 2.89
N VAL A 84 10.10 3.75 1.79
CA VAL A 84 9.15 4.51 1.01
C VAL A 84 7.77 4.00 1.40
N ASN A 85 6.89 4.88 1.83
CA ASN A 85 5.60 4.46 2.38
C ASN A 85 4.43 5.01 1.58
N MET A 86 3.38 4.20 1.47
CA MET A 86 2.13 4.60 0.82
C MET A 86 0.98 3.94 1.56
N LEU A 87 -0.04 4.71 1.89
CA LEU A 87 -1.16 4.19 2.66
C LEU A 87 -2.45 4.19 1.86
N VAL A 88 -3.25 3.16 2.08
CA VAL A 88 -4.52 3.02 1.40
C VAL A 88 -5.67 2.86 2.38
N THR A 89 -6.87 3.16 1.92
CA THR A 89 -8.07 3.07 2.72
C THR A 89 -9.13 2.32 1.92
N PRO A 90 -9.95 1.51 2.57
CA PRO A 90 -11.03 0.80 1.90
C PRO A 90 -12.11 1.76 1.43
N LYS A 91 -12.83 1.38 0.40
CA LYS A 91 -13.88 2.23 -0.17
C LYS A 91 -15.03 2.47 0.81
N LYS A 92 -14.90 3.45 1.66
CA LYS A 92 -15.97 3.82 2.56
C LYS A 92 -16.71 5.03 2.01
N ALA A 93 -15.99 5.83 1.23
CA ALA A 93 -16.55 7.02 0.63
C ALA A 93 -16.49 6.94 -0.90
N GLU A 94 -17.42 6.22 -1.49
CA GLU A 94 -17.49 6.10 -2.93
C GLU A 94 -18.47 7.14 -3.48
N GLY A 95 -19.68 7.10 -2.96
CA GLY A 95 -20.69 8.04 -3.36
C GLY A 95 -20.61 9.31 -2.55
N HIS A 96 -19.51 10.03 -2.70
CA HIS A 96 -19.32 11.28 -1.97
C HIS A 96 -20.14 12.40 -2.60
N HIS A 97 -19.94 12.60 -3.89
CA HIS A 97 -20.66 13.63 -4.62
C HIS A 97 -21.40 13.01 -5.79
N HIS A 98 -22.70 13.24 -5.84
CA HIS A 98 -23.56 12.65 -6.87
C HIS A 98 -24.82 13.48 -7.09
N HIS A 99 -25.43 13.90 -6.00
CA HIS A 99 -26.64 14.69 -6.07
C HIS A 99 -26.42 16.04 -5.41
N HIS A 100 -26.48 17.09 -6.20
CA HIS A 100 -26.27 18.44 -5.71
C HIS A 100 -27.13 19.40 -6.53
N HIS A 101 -27.34 20.60 -5.99
CA HIS A 101 -28.11 21.65 -6.67
C HIS A 101 -27.60 21.86 -8.09
N LYS A 4 -4.72 2.34 23.10
CA LYS A 4 -5.63 1.50 22.34
C LYS A 4 -6.26 2.32 21.21
N VAL A 5 -5.85 2.02 19.99
CA VAL A 5 -6.30 2.74 18.81
C VAL A 5 -6.79 1.73 17.75
N ILE A 6 -7.12 2.20 16.57
CA ILE A 6 -7.60 1.34 15.49
C ILE A 6 -6.46 0.47 14.96
N ASP A 7 -6.76 -0.81 14.79
CA ASP A 7 -5.80 -1.79 14.29
C ASP A 7 -5.50 -1.56 12.80
N ILE A 8 -4.23 -1.31 12.51
CA ILE A 8 -3.78 -1.05 11.15
C ILE A 8 -2.62 -1.98 10.78
N LYS A 9 -2.66 -2.52 9.57
CA LYS A 9 -1.63 -3.45 9.14
C LYS A 9 -0.63 -2.82 8.24
N GLU A 10 0.52 -3.44 8.21
CA GLU A 10 1.62 -3.00 7.39
C GLU A 10 2.07 -4.11 6.47
N ILE A 11 2.06 -3.86 5.19
CA ILE A 11 2.52 -4.82 4.23
C ILE A 11 3.85 -4.36 3.64
N LYS A 12 4.89 -5.10 3.93
CA LYS A 12 6.24 -4.75 3.55
C LYS A 12 6.71 -5.46 2.28
N LEU A 13 7.34 -4.70 1.41
CA LEU A 13 7.90 -5.21 0.18
C LEU A 13 9.32 -4.71 0.00
N SER A 14 9.94 -5.05 -1.10
CA SER A 14 11.28 -4.62 -1.39
C SER A 14 11.44 -4.34 -2.87
N VAL A 15 12.41 -3.51 -3.22
CA VAL A 15 12.67 -3.20 -4.62
C VAL A 15 13.11 -4.47 -5.36
N LYS A 16 13.99 -5.25 -4.74
CA LYS A 16 14.37 -6.55 -5.28
C LYS A 16 13.38 -7.60 -4.82
N ILE A 17 12.18 -7.52 -5.37
CA ILE A 17 11.12 -8.45 -5.04
C ILE A 17 10.63 -9.14 -6.32
N ALA A 18 9.98 -10.26 -6.17
CA ALA A 18 9.42 -10.98 -7.28
C ALA A 18 8.01 -10.51 -7.57
N GLN A 19 7.63 -10.52 -8.84
CA GLN A 19 6.30 -10.06 -9.26
C GLN A 19 5.22 -10.95 -8.66
N ASN A 20 5.54 -12.23 -8.51
CA ASN A 20 4.64 -13.21 -7.93
C ASN A 20 4.30 -12.84 -6.48
N ASP A 21 5.31 -12.38 -5.75
CA ASP A 21 5.14 -12.00 -4.34
C ASP A 21 4.25 -10.76 -4.23
N ILE A 22 4.37 -9.86 -5.20
CA ILE A 22 3.57 -8.63 -5.23
C ILE A 22 2.08 -8.98 -5.33
N ASN A 23 1.77 -9.96 -6.16
CA ASN A 23 0.40 -10.44 -6.34
C ASN A 23 -0.16 -10.90 -5.01
N TYR A 24 0.66 -11.62 -4.30
CA TYR A 24 0.34 -12.13 -2.98
C TYR A 24 0.08 -10.97 -2.01
N LYS A 25 0.94 -9.96 -2.06
CA LYS A 25 0.83 -8.79 -1.18
C LYS A 25 -0.50 -8.05 -1.39
N VAL A 26 -0.86 -7.79 -2.65
CA VAL A 26 -2.11 -7.10 -2.95
C VAL A 26 -3.33 -7.96 -2.69
N LYS A 27 -3.19 -9.27 -2.89
CA LYS A 27 -4.28 -10.21 -2.68
C LYS A 27 -4.72 -10.16 -1.22
N HIS A 28 -3.74 -10.11 -0.32
CA HIS A 28 -4.02 -10.01 1.10
C HIS A 28 -4.49 -8.61 1.47
N ALA A 29 -3.92 -7.60 0.82
CA ALA A 29 -4.26 -6.20 1.09
C ALA A 29 -5.75 -5.95 0.86
N LEU A 30 -6.30 -6.57 -0.17
CA LEU A 30 -7.70 -6.41 -0.51
C LEU A 30 -8.58 -6.91 0.64
N GLU A 31 -8.17 -8.01 1.26
CA GLU A 31 -8.92 -8.63 2.33
C GLU A 31 -8.99 -7.72 3.56
N PHE A 32 -7.86 -7.06 3.87
CA PHE A 32 -7.81 -6.13 5.01
C PHE A 32 -8.70 -4.93 4.76
N LEU A 33 -8.73 -4.49 3.51
CA LEU A 33 -9.54 -3.36 3.09
C LEU A 33 -11.02 -3.67 3.29
N GLU A 34 -11.39 -4.88 2.95
CA GLU A 34 -12.75 -5.40 3.11
C GLU A 34 -13.20 -5.34 4.58
N GLN A 35 -12.25 -5.35 5.50
CA GLN A 35 -12.55 -5.32 6.91
C GLN A 35 -12.77 -3.89 7.38
N GLY A 36 -12.46 -2.93 6.51
CA GLY A 36 -12.61 -1.53 6.85
C GLY A 36 -11.36 -0.95 7.45
N LYS A 37 -10.28 -1.70 7.41
CA LYS A 37 -9.02 -1.26 7.97
C LYS A 37 -8.07 -0.76 6.90
N HIS A 38 -6.94 -0.21 7.34
CA HIS A 38 -5.97 0.38 6.42
C HIS A 38 -4.77 -0.51 6.23
N VAL A 39 -4.16 -0.42 5.07
CA VAL A 39 -2.93 -1.11 4.79
C VAL A 39 -1.84 -0.08 4.54
N ARG A 40 -0.77 -0.20 5.29
CA ARG A 40 0.37 0.68 5.12
C ARG A 40 1.43 -0.07 4.33
N PHE A 41 1.68 0.39 3.12
CA PHE A 41 2.68 -0.26 2.28
C PHE A 41 4.03 0.36 2.51
N ARG A 42 4.99 -0.47 2.83
CA ARG A 42 6.34 0.00 3.08
C ARG A 42 7.32 -0.84 2.31
N VAL A 43 8.33 -0.22 1.75
CA VAL A 43 9.32 -0.93 0.98
C VAL A 43 10.72 -0.71 1.56
N PHE A 44 11.45 -1.80 1.68
CA PHE A 44 12.80 -1.77 2.22
C PHE A 44 13.81 -1.85 1.10
N LEU A 45 14.73 -0.89 1.07
CA LEU A 45 15.79 -0.90 0.09
C LEU A 45 16.95 -1.73 0.62
N LYS A 46 17.19 -2.88 0.00
CA LYS A 46 18.19 -3.83 0.48
C LYS A 46 19.60 -3.29 0.39
N GLY A 47 19.90 -2.68 -0.73
CA GLY A 47 21.23 -2.18 -0.92
C GLY A 47 21.47 -1.78 -2.36
N ARG A 48 22.20 -0.67 -2.56
CA ARG A 48 22.49 -0.11 -3.91
C ARG A 48 21.22 0.53 -4.50
N GLU A 49 20.11 0.29 -3.83
CA GLU A 49 18.81 0.79 -4.24
C GLU A 49 18.54 2.15 -3.59
N MET A 50 19.30 2.47 -2.55
CA MET A 50 19.13 3.71 -1.80
C MET A 50 19.57 4.91 -2.61
N ALA A 51 20.32 4.66 -3.67
CA ALA A 51 20.76 5.72 -4.56
C ALA A 51 19.56 6.39 -5.23
N THR A 52 18.55 5.59 -5.51
CA THR A 52 17.35 6.07 -6.16
C THR A 52 16.09 5.63 -5.41
N PRO A 53 15.56 6.50 -4.54
CA PRO A 53 14.35 6.23 -3.74
C PRO A 53 13.09 6.12 -4.61
N GLU A 54 13.19 6.58 -5.86
CA GLU A 54 12.09 6.54 -6.82
C GLU A 54 11.57 5.12 -6.99
N ALA A 55 12.48 4.17 -6.93
CA ALA A 55 12.15 2.76 -7.08
C ALA A 55 11.11 2.32 -6.05
N GLY A 56 11.21 2.88 -4.84
CA GLY A 56 10.24 2.58 -3.80
C GLY A 56 8.88 3.08 -4.19
N VAL A 57 8.85 4.28 -4.75
CA VAL A 57 7.61 4.89 -5.19
C VAL A 57 7.04 4.11 -6.37
N ALA A 58 7.91 3.74 -7.31
CA ALA A 58 7.51 3.00 -8.49
C ALA A 58 6.90 1.66 -8.12
N LEU A 59 7.49 1.00 -7.12
CA LEU A 59 6.97 -0.27 -6.64
C LEU A 59 5.56 -0.08 -6.10
N LEU A 60 5.39 0.97 -5.30
CA LEU A 60 4.10 1.29 -4.72
C LEU A 60 3.09 1.68 -5.79
N GLU A 61 3.54 2.42 -6.79
CA GLU A 61 2.69 2.81 -7.91
C GLU A 61 2.14 1.59 -8.63
N LYS A 62 3.00 0.60 -8.87
CA LYS A 62 2.58 -0.62 -9.53
C LYS A 62 1.54 -1.34 -8.68
N ILE A 63 1.77 -1.35 -7.37
CA ILE A 63 0.84 -1.94 -6.42
C ILE A 63 -0.49 -1.19 -6.44
N TRP A 64 -0.40 0.14 -6.47
CA TRP A 64 -1.54 1.01 -6.47
C TRP A 64 -2.46 0.74 -7.66
N THR A 65 -1.89 0.55 -8.83
CA THR A 65 -2.68 0.31 -10.03
C THR A 65 -3.47 -1.01 -9.95
N MET A 66 -3.07 -1.88 -9.02
CA MET A 66 -3.75 -3.14 -8.81
C MET A 66 -4.90 -3.01 -7.80
N ILE A 67 -4.59 -2.38 -6.66
CA ILE A 67 -5.55 -2.29 -5.55
C ILE A 67 -6.50 -1.10 -5.66
N GLU A 68 -6.19 -0.16 -6.53
CA GLU A 68 -7.00 1.06 -6.69
C GLU A 68 -8.46 0.74 -7.04
N ASN A 69 -8.71 -0.49 -7.46
CA ASN A 69 -10.05 -0.92 -7.81
C ASN A 69 -10.98 -0.87 -6.60
N GLU A 70 -10.45 -1.29 -5.45
CA GLU A 70 -11.25 -1.36 -4.22
C GLU A 70 -10.67 -0.43 -3.15
N ALA A 71 -9.55 0.19 -3.44
CA ALA A 71 -8.88 1.06 -2.50
C ALA A 71 -8.76 2.47 -3.02
N ASN A 72 -8.82 3.43 -2.12
CA ASN A 72 -8.62 4.83 -2.45
C ASN A 72 -7.34 5.32 -1.80
N ARG A 73 -6.56 6.10 -2.52
CA ARG A 73 -5.31 6.58 -2.01
C ARG A 73 -5.53 7.59 -0.91
N ASP A 74 -5.19 7.18 0.30
CA ASP A 74 -5.33 8.03 1.46
C ASP A 74 -4.20 9.03 1.52
N LYS A 75 -2.99 8.56 1.24
CA LYS A 75 -1.80 9.39 1.27
C LYS A 75 -0.81 8.93 0.18
N GLU A 76 -0.23 9.90 -0.51
CA GLU A 76 0.76 9.62 -1.57
C GLU A 76 2.01 8.98 -0.95
N PRO A 77 2.81 8.24 -1.77
CA PRO A 77 4.04 7.61 -1.29
C PRO A 77 5.05 8.63 -0.78
N ASN A 78 5.74 8.29 0.28
CA ASN A 78 6.71 9.17 0.87
C ASN A 78 7.93 8.38 1.34
N PHE A 79 9.10 8.95 1.15
CA PHE A 79 10.34 8.30 1.57
C PHE A 79 10.81 8.87 2.90
N GLU A 80 10.84 8.02 3.90
CA GLU A 80 11.28 8.43 5.21
C GLU A 80 12.23 7.38 5.78
N GLY A 81 13.37 7.85 6.24
CA GLY A 81 14.36 6.95 6.76
C GLY A 81 15.02 6.13 5.67
N ARG A 82 14.49 4.95 5.45
CA ARG A 82 14.99 4.04 4.43
C ARG A 82 13.82 3.35 3.75
N TYR A 83 12.62 3.78 4.09
CA TYR A 83 11.41 3.17 3.57
C TYR A 83 10.58 4.16 2.80
N VAL A 84 9.97 3.69 1.76
CA VAL A 84 9.01 4.45 1.01
C VAL A 84 7.64 3.88 1.37
N ASN A 85 6.75 4.72 1.86
CA ASN A 85 5.47 4.22 2.35
C ASN A 85 4.29 4.91 1.71
N MET A 86 3.20 4.17 1.58
CA MET A 86 1.96 4.68 1.04
C MET A 86 0.79 4.10 1.84
N LEU A 87 -0.22 4.92 2.06
CA LEU A 87 -1.40 4.49 2.79
C LEU A 87 -2.61 4.38 1.88
N VAL A 88 -3.31 3.27 1.99
CA VAL A 88 -4.49 3.02 1.20
C VAL A 88 -5.68 2.74 2.10
N THR A 89 -6.80 3.34 1.77
CA THR A 89 -8.01 3.15 2.52
C THR A 89 -9.06 2.47 1.65
N PRO A 90 -9.83 1.54 2.21
CA PRO A 90 -10.86 0.82 1.47
C PRO A 90 -12.02 1.73 1.07
N LYS A 91 -12.69 1.39 -0.02
CA LYS A 91 -13.84 2.16 -0.48
C LYS A 91 -15.08 1.85 0.36
N LYS A 92 -15.01 2.21 1.63
CA LYS A 92 -16.10 2.01 2.56
C LYS A 92 -17.29 2.86 2.17
N ALA A 93 -17.01 4.09 1.76
CA ALA A 93 -18.04 5.02 1.36
C ALA A 93 -18.53 4.71 -0.05
N GLU A 94 -19.70 4.11 -0.12
CA GLU A 94 -20.31 3.78 -1.38
C GLU A 94 -21.79 4.13 -1.31
N GLY A 95 -22.16 5.24 -1.89
CA GLY A 95 -23.55 5.65 -1.88
C GLY A 95 -24.29 5.15 -3.09
N HIS A 96 -25.37 4.46 -2.86
CA HIS A 96 -26.19 3.96 -3.94
C HIS A 96 -27.30 4.95 -4.20
N HIS A 97 -26.97 5.99 -4.92
CA HIS A 97 -27.91 7.05 -5.21
C HIS A 97 -28.02 7.31 -6.70
N HIS A 98 -29.15 6.95 -7.25
CA HIS A 98 -29.45 7.19 -8.64
C HIS A 98 -30.69 8.04 -8.73
N HIS A 99 -30.89 8.69 -9.86
CA HIS A 99 -32.08 9.52 -10.03
C HIS A 99 -33.31 8.63 -10.07
N HIS A 100 -34.21 8.87 -9.14
CA HIS A 100 -35.41 8.06 -9.02
C HIS A 100 -36.35 8.36 -10.16
N HIS A 101 -36.37 7.47 -11.13
CA HIS A 101 -37.24 7.57 -12.28
C HIS A 101 -38.66 7.21 -11.88
N LYS A 4 -3.79 7.18 16.47
CA LYS A 4 -3.89 5.83 15.93
C LYS A 4 -4.94 5.04 16.72
N VAL A 5 -6.19 5.19 16.30
CA VAL A 5 -7.30 4.54 16.99
C VAL A 5 -7.63 3.21 16.36
N ILE A 6 -7.24 3.06 15.14
CA ILE A 6 -7.51 1.86 14.38
C ILE A 6 -6.24 1.12 14.06
N ASP A 7 -6.23 -0.18 14.30
CA ASP A 7 -5.07 -1.01 14.03
C ASP A 7 -4.86 -1.11 12.53
N ILE A 8 -3.80 -0.50 12.06
CA ILE A 8 -3.48 -0.49 10.66
C ILE A 8 -2.51 -1.59 10.32
N LYS A 9 -2.81 -2.29 9.23
CA LYS A 9 -2.02 -3.42 8.83
C LYS A 9 -0.84 -2.96 8.00
N GLU A 10 0.34 -3.38 8.37
CA GLU A 10 1.53 -3.00 7.64
C GLU A 10 2.00 -4.14 6.76
N ILE A 11 1.95 -3.94 5.46
CA ILE A 11 2.39 -4.93 4.52
C ILE A 11 3.70 -4.47 3.87
N LYS A 12 4.75 -5.23 4.12
CA LYS A 12 6.09 -4.90 3.67
C LYS A 12 6.47 -5.63 2.39
N LEU A 13 7.08 -4.89 1.48
CA LEU A 13 7.59 -5.43 0.24
C LEU A 13 9.04 -5.02 0.08
N SER A 14 9.68 -5.44 -1.00
CA SER A 14 11.06 -5.12 -1.24
C SER A 14 11.27 -4.69 -2.68
N VAL A 15 12.26 -3.85 -2.92
CA VAL A 15 12.56 -3.40 -4.27
C VAL A 15 13.07 -4.57 -5.12
N LYS A 16 13.65 -5.56 -4.46
CA LYS A 16 14.07 -6.77 -5.13
C LYS A 16 13.05 -7.86 -4.81
N ILE A 17 11.88 -7.73 -5.42
CA ILE A 17 10.78 -8.65 -5.21
C ILE A 17 10.27 -9.18 -6.55
N ALA A 18 9.70 -10.37 -6.53
CA ALA A 18 9.16 -10.97 -7.73
C ALA A 18 7.68 -10.61 -7.87
N GLN A 19 7.14 -10.73 -9.09
CA GLN A 19 5.74 -10.40 -9.34
C GLN A 19 4.84 -11.32 -8.55
N ASN A 20 5.28 -12.55 -8.37
CA ASN A 20 4.54 -13.54 -7.61
C ASN A 20 4.31 -13.05 -6.19
N ASP A 21 5.36 -12.52 -5.58
CA ASP A 21 5.27 -12.00 -4.23
C ASP A 21 4.44 -10.73 -4.18
N ILE A 22 4.60 -9.86 -5.18
CA ILE A 22 3.81 -8.61 -5.22
C ILE A 22 2.34 -8.95 -5.29
N ASN A 23 2.02 -9.81 -6.24
CA ASN A 23 0.65 -10.23 -6.51
C ASN A 23 0.05 -10.92 -5.29
N TYR A 24 0.84 -11.76 -4.65
CA TYR A 24 0.41 -12.46 -3.45
C TYR A 24 0.13 -11.49 -2.28
N LYS A 25 1.05 -10.56 -2.04
CA LYS A 25 0.90 -9.58 -0.95
C LYS A 25 -0.27 -8.62 -1.21
N VAL A 26 -0.38 -8.15 -2.45
CA VAL A 26 -1.45 -7.22 -2.84
C VAL A 26 -2.82 -7.91 -2.71
N LYS A 27 -2.84 -9.22 -2.90
CA LYS A 27 -4.05 -10.03 -2.75
C LYS A 27 -4.58 -9.90 -1.31
N HIS A 28 -3.65 -9.94 -0.35
CA HIS A 28 -3.99 -9.79 1.07
C HIS A 28 -4.46 -8.39 1.39
N ALA A 29 -3.89 -7.41 0.71
CA ALA A 29 -4.22 -6.00 0.92
C ALA A 29 -5.71 -5.76 0.77
N LEU A 30 -6.28 -6.32 -0.29
CA LEU A 30 -7.71 -6.17 -0.55
C LEU A 30 -8.55 -6.79 0.58
N GLU A 31 -8.09 -7.93 1.09
CA GLU A 31 -8.78 -8.64 2.15
C GLU A 31 -8.92 -7.77 3.40
N PHE A 32 -7.82 -7.13 3.79
CA PHE A 32 -7.84 -6.25 4.96
C PHE A 32 -8.68 -5.01 4.74
N LEU A 33 -8.68 -4.50 3.52
CA LEU A 33 -9.48 -3.32 3.17
C LEU A 33 -10.96 -3.62 3.37
N GLU A 34 -11.37 -4.79 2.94
CA GLU A 34 -12.74 -5.30 3.09
C GLU A 34 -13.14 -5.38 4.56
N GLN A 35 -12.18 -5.70 5.40
CA GLN A 35 -12.42 -5.76 6.83
C GLN A 35 -12.64 -4.37 7.42
N GLY A 36 -12.22 -3.35 6.69
CA GLY A 36 -12.37 -1.99 7.17
C GLY A 36 -11.12 -1.49 7.82
N LYS A 37 -9.99 -2.04 7.40
CA LYS A 37 -8.70 -1.64 7.93
C LYS A 37 -7.90 -0.92 6.88
N HIS A 38 -6.89 -0.23 7.32
CA HIS A 38 -5.98 0.44 6.45
C HIS A 38 -4.75 -0.41 6.25
N VAL A 39 -4.19 -0.32 5.06
CA VAL A 39 -2.97 -1.03 4.76
C VAL A 39 -1.86 -0.03 4.49
N ARG A 40 -0.75 -0.23 5.15
CA ARG A 40 0.40 0.60 4.97
C ARG A 40 1.45 -0.20 4.22
N PHE A 41 1.73 0.19 3.00
CA PHE A 41 2.72 -0.50 2.22
C PHE A 41 4.08 0.08 2.53
N ARG A 42 5.00 -0.79 2.88
CA ARG A 42 6.33 -0.37 3.28
C ARG A 42 7.38 -1.11 2.46
N VAL A 43 8.33 -0.38 1.92
CA VAL A 43 9.38 -1.00 1.15
C VAL A 43 10.75 -0.52 1.62
N PHE A 44 11.67 -1.45 1.73
CA PHE A 44 13.02 -1.13 2.13
C PHE A 44 13.93 -1.19 0.91
N LEU A 45 14.75 -0.17 0.73
CA LEU A 45 15.63 -0.12 -0.41
C LEU A 45 16.86 -0.96 -0.15
N LYS A 46 16.76 -2.24 -0.43
CA LYS A 46 17.88 -3.14 -0.25
C LYS A 46 18.72 -3.18 -1.52
N GLY A 47 20.01 -2.92 -1.37
CA GLY A 47 20.91 -2.92 -2.50
C GLY A 47 21.38 -1.52 -2.82
N ARG A 48 21.77 -1.30 -4.07
CA ARG A 48 22.24 0.02 -4.48
C ARG A 48 21.08 0.97 -4.69
N GLU A 49 19.87 0.44 -4.62
CA GLU A 49 18.65 1.21 -4.74
C GLU A 49 18.55 2.30 -3.66
N MET A 50 19.41 2.21 -2.63
CA MET A 50 19.46 3.21 -1.56
C MET A 50 19.79 4.59 -2.12
N ALA A 51 20.38 4.62 -3.30
CA ALA A 51 20.73 5.87 -3.94
C ALA A 51 19.55 6.46 -4.73
N THR A 52 18.46 5.72 -4.80
CA THR A 52 17.28 6.18 -5.54
C THR A 52 15.99 5.86 -4.78
N PRO A 53 15.42 6.86 -4.12
CA PRO A 53 14.18 6.72 -3.35
C PRO A 53 12.98 6.42 -4.25
N GLU A 54 13.13 6.75 -5.53
CA GLU A 54 12.08 6.54 -6.52
C GLU A 54 11.77 5.06 -6.71
N ALA A 55 12.74 4.21 -6.35
CA ALA A 55 12.57 2.76 -6.49
C ALA A 55 11.37 2.30 -5.67
N GLY A 56 11.28 2.79 -4.45
CA GLY A 56 10.17 2.46 -3.58
C GLY A 56 8.88 3.03 -4.11
N VAL A 57 8.95 4.24 -4.63
CA VAL A 57 7.77 4.91 -5.16
C VAL A 57 7.22 4.14 -6.37
N ALA A 58 8.12 3.71 -7.24
CA ALA A 58 7.74 2.94 -8.43
C ALA A 58 7.12 1.61 -8.05
N LEU A 59 7.65 0.97 -7.03
CA LEU A 59 7.11 -0.29 -6.54
C LEU A 59 5.71 -0.08 -5.99
N LEU A 60 5.55 0.95 -5.16
CA LEU A 60 4.29 1.25 -4.52
C LEU A 60 3.21 1.68 -5.52
N GLU A 61 3.59 2.50 -6.50
CA GLU A 61 2.62 2.95 -7.51
C GLU A 61 2.11 1.76 -8.32
N LYS A 62 2.99 0.78 -8.51
CA LYS A 62 2.63 -0.43 -9.20
C LYS A 62 1.55 -1.18 -8.40
N ILE A 63 1.74 -1.19 -7.08
CA ILE A 63 0.79 -1.81 -6.17
C ILE A 63 -0.52 -1.05 -6.17
N TRP A 64 -0.43 0.27 -6.15
CA TRP A 64 -1.59 1.14 -6.13
C TRP A 64 -2.52 0.86 -7.32
N THR A 65 -1.96 0.65 -8.48
CA THR A 65 -2.76 0.39 -9.66
C THR A 65 -3.42 -0.99 -9.62
N MET A 66 -2.97 -1.82 -8.70
CA MET A 66 -3.53 -3.15 -8.51
C MET A 66 -4.73 -3.11 -7.55
N ILE A 67 -4.68 -2.18 -6.59
CA ILE A 67 -5.69 -2.10 -5.53
C ILE A 67 -6.63 -0.91 -5.66
N GLU A 68 -6.41 -0.07 -6.66
CA GLU A 68 -7.24 1.11 -6.88
C GLU A 68 -8.73 0.77 -7.11
N ASN A 69 -9.01 -0.52 -7.35
CA ASN A 69 -10.37 -0.99 -7.56
C ASN A 69 -11.23 -0.77 -6.31
N GLU A 70 -10.70 -1.15 -5.15
CA GLU A 70 -11.47 -1.11 -3.91
C GLU A 70 -10.83 -0.18 -2.89
N ALA A 71 -9.72 0.43 -3.26
CA ALA A 71 -9.03 1.32 -2.36
C ALA A 71 -8.83 2.68 -2.98
N ASN A 72 -8.79 3.69 -2.14
CA ASN A 72 -8.49 5.03 -2.59
C ASN A 72 -7.17 5.45 -1.98
N ARG A 73 -6.30 5.99 -2.80
CA ARG A 73 -5.02 6.42 -2.34
C ARG A 73 -5.19 7.67 -1.52
N ASP A 74 -5.05 7.54 -0.22
CA ASP A 74 -5.24 8.64 0.69
C ASP A 74 -4.13 9.67 0.51
N LYS A 75 -2.92 9.18 0.22
CA LYS A 75 -1.77 10.04 0.00
C LYS A 75 -0.73 9.30 -0.85
N GLU A 76 0.02 10.06 -1.65
CA GLU A 76 1.08 9.50 -2.48
C GLU A 76 2.18 8.85 -1.61
N PRO A 77 3.03 7.98 -2.20
CA PRO A 77 4.12 7.33 -1.46
C PRO A 77 5.09 8.34 -0.86
N ASN A 78 5.61 8.02 0.30
CA ASN A 78 6.51 8.89 1.02
C ASN A 78 7.76 8.16 1.45
N PHE A 79 8.91 8.75 1.20
CA PHE A 79 10.16 8.19 1.63
C PHE A 79 10.55 8.75 2.98
N GLU A 80 10.43 7.93 4.00
CA GLU A 80 10.75 8.36 5.34
C GLU A 80 11.71 7.39 5.97
N GLY A 81 12.75 7.92 6.55
CA GLY A 81 13.76 7.08 7.13
C GLY A 81 14.50 6.29 6.07
N ARG A 82 14.26 5.00 6.05
CA ARG A 82 14.87 4.11 5.08
C ARG A 82 13.78 3.32 4.34
N TYR A 83 12.53 3.72 4.56
CA TYR A 83 11.38 3.02 3.97
C TYR A 83 10.49 3.96 3.16
N VAL A 84 9.93 3.45 2.09
CA VAL A 84 8.95 4.17 1.32
C VAL A 84 7.59 3.63 1.70
N ASN A 85 6.73 4.50 2.17
CA ASN A 85 5.43 4.10 2.71
C ASN A 85 4.29 4.65 1.87
N MET A 86 3.24 3.87 1.75
CA MET A 86 2.02 4.29 1.07
C MET A 86 0.80 3.84 1.82
N LEU A 87 -0.12 4.75 2.06
CA LEU A 87 -1.36 4.47 2.75
C LEU A 87 -2.55 4.51 1.81
N VAL A 88 -3.34 3.48 1.85
CA VAL A 88 -4.54 3.39 1.05
C VAL A 88 -5.75 3.15 1.94
N THR A 89 -6.81 3.86 1.67
CA THR A 89 -8.01 3.72 2.45
C THR A 89 -9.02 2.90 1.67
N PRO A 90 -9.66 1.91 2.31
CA PRO A 90 -10.68 1.11 1.66
C PRO A 90 -11.90 1.97 1.33
N LYS A 91 -12.45 1.80 0.13
CA LYS A 91 -13.57 2.61 -0.32
C LYS A 91 -14.82 2.35 0.49
N LYS A 92 -15.02 1.12 0.81
CA LYS A 92 -16.21 0.68 1.54
C LYS A 92 -15.95 0.60 3.04
N ALA A 93 -15.22 -0.44 3.45
CA ALA A 93 -14.89 -0.66 4.86
C ALA A 93 -16.14 -0.89 5.72
N GLU A 94 -16.68 0.19 6.26
CA GLU A 94 -17.88 0.13 7.08
C GLU A 94 -18.81 1.28 6.70
N GLY A 95 -20.09 0.99 6.56
CA GLY A 95 -21.04 2.02 6.20
C GLY A 95 -21.81 2.56 7.39
N HIS A 96 -22.17 1.67 8.29
CA HIS A 96 -22.95 2.05 9.47
C HIS A 96 -22.02 2.41 10.61
N HIS A 97 -22.61 2.78 11.76
CA HIS A 97 -21.86 3.13 12.99
C HIS A 97 -21.22 4.52 12.87
N HIS A 98 -21.12 5.05 11.65
CA HIS A 98 -20.54 6.38 11.41
C HIS A 98 -21.43 7.45 12.04
N HIS A 99 -22.73 7.21 11.98
CA HIS A 99 -23.70 8.11 12.57
C HIS A 99 -23.97 7.70 14.01
N HIS A 100 -22.94 7.13 14.65
CA HIS A 100 -23.00 6.65 16.03
C HIS A 100 -23.79 5.38 16.13
N HIS A 101 -25.10 5.49 16.01
CA HIS A 101 -25.97 4.35 16.08
C HIS A 101 -27.30 4.67 15.42
N LYS A 4 -9.16 3.65 19.24
CA LYS A 4 -8.21 3.18 18.23
C LYS A 4 -8.34 1.67 18.03
N VAL A 5 -9.32 1.28 17.22
CA VAL A 5 -9.57 -0.14 16.96
C VAL A 5 -9.14 -0.52 15.55
N ILE A 6 -8.82 0.47 14.77
CA ILE A 6 -8.39 0.22 13.40
C ILE A 6 -6.94 -0.21 13.38
N ASP A 7 -6.74 -1.50 13.25
CA ASP A 7 -5.41 -2.05 13.18
C ASP A 7 -4.87 -1.83 11.80
N ILE A 8 -3.84 -1.05 11.70
CA ILE A 8 -3.30 -0.74 10.42
C ILE A 8 -2.22 -1.74 10.09
N LYS A 9 -2.44 -2.45 9.03
CA LYS A 9 -1.57 -3.51 8.65
C LYS A 9 -0.47 -2.98 7.76
N GLU A 10 0.75 -3.26 8.14
CA GLU A 10 1.87 -2.82 7.36
C GLU A 10 2.43 -3.94 6.54
N ILE A 11 2.26 -3.84 5.24
CA ILE A 11 2.78 -4.82 4.33
C ILE A 11 4.14 -4.34 3.83
N LYS A 12 5.18 -5.00 4.31
CA LYS A 12 6.55 -4.62 4.02
C LYS A 12 7.14 -5.45 2.89
N LEU A 13 7.59 -4.77 1.87
CA LEU A 13 8.13 -5.39 0.69
C LEU A 13 9.55 -4.91 0.45
N SER A 14 10.16 -5.42 -0.60
CA SER A 14 11.48 -5.01 -1.00
C SER A 14 11.47 -4.72 -2.49
N VAL A 15 12.33 -3.83 -2.93
CA VAL A 15 12.44 -3.52 -4.35
C VAL A 15 12.90 -4.76 -5.13
N LYS A 16 13.84 -5.48 -4.54
CA LYS A 16 14.35 -6.73 -5.10
C LYS A 16 13.36 -7.89 -4.83
N ILE A 17 12.09 -7.66 -5.17
CA ILE A 17 11.02 -8.64 -4.93
C ILE A 17 10.59 -9.29 -6.25
N ALA A 18 9.96 -10.45 -6.15
CA ALA A 18 9.41 -11.12 -7.32
C ALA A 18 8.03 -10.55 -7.65
N GLN A 19 7.70 -10.51 -8.92
CA GLN A 19 6.42 -9.94 -9.37
C GLN A 19 5.24 -10.77 -8.84
N ASN A 20 5.41 -12.07 -8.77
CA ASN A 20 4.34 -12.95 -8.30
C ASN A 20 3.97 -12.68 -6.83
N ASP A 21 4.97 -12.35 -6.02
CA ASP A 21 4.72 -12.08 -4.59
C ASP A 21 3.86 -10.84 -4.41
N ILE A 22 4.07 -9.86 -5.29
CA ILE A 22 3.31 -8.61 -5.27
C ILE A 22 1.82 -8.90 -5.49
N ASN A 23 1.54 -9.80 -6.41
CA ASN A 23 0.17 -10.20 -6.73
C ASN A 23 -0.54 -10.74 -5.51
N TYR A 24 0.17 -11.53 -4.74
CA TYR A 24 -0.35 -12.05 -3.50
C TYR A 24 -0.62 -10.92 -2.50
N LYS A 25 0.30 -9.98 -2.41
CA LYS A 25 0.21 -8.90 -1.43
C LYS A 25 -1.03 -8.05 -1.65
N VAL A 26 -1.29 -7.65 -2.89
CA VAL A 26 -2.48 -6.86 -3.20
C VAL A 26 -3.77 -7.63 -2.98
N LYS A 27 -3.77 -8.89 -3.37
CA LYS A 27 -4.93 -9.75 -3.25
C LYS A 27 -5.32 -9.94 -1.78
N HIS A 28 -4.33 -10.16 -0.94
CA HIS A 28 -4.57 -10.40 0.47
C HIS A 28 -4.81 -9.09 1.21
N ALA A 29 -4.27 -8.00 0.67
CA ALA A 29 -4.45 -6.68 1.26
C ALA A 29 -5.91 -6.27 1.26
N LEU A 30 -6.61 -6.62 0.20
CA LEU A 30 -8.01 -6.26 0.04
C LEU A 30 -8.88 -6.86 1.14
N GLU A 31 -8.51 -8.06 1.61
CA GLU A 31 -9.24 -8.72 2.68
C GLU A 31 -9.27 -7.83 3.92
N PHE A 32 -8.14 -7.19 4.22
CA PHE A 32 -8.05 -6.29 5.38
C PHE A 32 -8.94 -5.07 5.18
N LEU A 33 -9.02 -4.62 3.95
CA LEU A 33 -9.85 -3.47 3.59
C LEU A 33 -11.31 -3.76 3.88
N GLU A 34 -11.73 -4.96 3.54
CA GLU A 34 -13.10 -5.41 3.78
C GLU A 34 -13.40 -5.42 5.28
N GLN A 35 -12.37 -5.66 6.08
CA GLN A 35 -12.49 -5.69 7.52
C GLN A 35 -12.53 -4.27 8.11
N GLY A 36 -12.27 -3.28 7.26
CA GLY A 36 -12.26 -1.91 7.71
C GLY A 36 -10.90 -1.47 8.22
N LYS A 37 -9.88 -2.21 7.82
CA LYS A 37 -8.51 -1.93 8.23
C LYS A 37 -7.81 -1.10 7.17
N HIS A 38 -6.69 -0.52 7.54
CA HIS A 38 -5.88 0.25 6.62
C HIS A 38 -4.60 -0.51 6.35
N VAL A 39 -4.07 -0.35 5.16
CA VAL A 39 -2.81 -0.99 4.81
C VAL A 39 -1.76 0.05 4.48
N ARG A 40 -0.62 -0.10 5.10
CA ARG A 40 0.51 0.75 4.82
C ARG A 40 1.57 -0.07 4.13
N PHE A 41 1.82 0.24 2.89
CA PHE A 41 2.84 -0.47 2.15
C PHE A 41 4.18 0.17 2.40
N ARG A 42 5.10 -0.60 2.92
CA ARG A 42 6.42 -0.09 3.22
C ARG A 42 7.45 -0.92 2.51
N VAL A 43 8.38 -0.27 1.86
CA VAL A 43 9.40 -0.97 1.13
C VAL A 43 10.77 -0.49 1.56
N PHE A 44 11.65 -1.45 1.76
CA PHE A 44 13.00 -1.17 2.15
C PHE A 44 13.91 -1.28 0.95
N LEU A 45 14.69 -0.25 0.70
CA LEU A 45 15.63 -0.27 -0.38
C LEU A 45 16.87 -0.99 0.11
N LYS A 46 17.18 -2.11 -0.49
CA LYS A 46 18.25 -2.94 0.00
C LYS A 46 19.52 -2.78 -0.83
N GLY A 47 20.54 -2.22 -0.20
CA GLY A 47 21.80 -2.02 -0.87
C GLY A 47 21.93 -0.63 -1.46
N ARG A 48 22.45 -0.56 -2.67
CA ARG A 48 22.66 0.70 -3.37
C ARG A 48 21.33 1.36 -3.77
N GLU A 49 20.25 0.58 -3.66
CA GLU A 49 18.92 1.06 -4.03
C GLU A 49 18.50 2.27 -3.20
N MET A 50 19.13 2.44 -2.04
CA MET A 50 18.80 3.52 -1.14
C MET A 50 19.06 4.88 -1.77
N ALA A 51 20.04 4.94 -2.67
CA ALA A 51 20.38 6.19 -3.33
C ALA A 51 19.28 6.61 -4.31
N THR A 52 18.37 5.70 -4.61
CA THR A 52 17.27 5.98 -5.51
C THR A 52 15.92 5.68 -4.87
N PRO A 53 15.29 6.70 -4.27
CA PRO A 53 13.98 6.57 -3.59
C PRO A 53 12.87 6.21 -4.57
N GLU A 54 13.14 6.48 -5.85
CA GLU A 54 12.20 6.22 -6.93
C GLU A 54 11.88 4.73 -7.04
N ALA A 55 12.85 3.90 -6.67
CA ALA A 55 12.68 2.45 -6.74
C ALA A 55 11.51 2.00 -5.87
N GLY A 56 11.43 2.55 -4.67
CA GLY A 56 10.33 2.23 -3.78
C GLY A 56 9.02 2.74 -4.31
N VAL A 57 9.07 3.92 -4.91
CA VAL A 57 7.88 4.55 -5.47
C VAL A 57 7.33 3.71 -6.62
N ALA A 58 8.22 3.25 -7.49
CA ALA A 58 7.84 2.45 -8.64
C ALA A 58 7.15 1.15 -8.21
N LEU A 59 7.66 0.54 -7.14
CA LEU A 59 7.08 -0.67 -6.59
C LEU A 59 5.66 -0.40 -6.10
N LEU A 60 5.50 0.69 -5.36
CA LEU A 60 4.23 1.07 -4.79
C LEU A 60 3.22 1.49 -5.87
N GLU A 61 3.71 2.21 -6.88
CA GLU A 61 2.87 2.63 -8.00
C GLU A 61 2.26 1.44 -8.71
N LYS A 62 3.04 0.38 -8.87
CA LYS A 62 2.56 -0.85 -9.46
C LYS A 62 1.45 -1.45 -8.62
N ILE A 63 1.67 -1.48 -7.32
CA ILE A 63 0.73 -2.04 -6.36
C ILE A 63 -0.57 -1.22 -6.35
N TRP A 64 -0.42 0.09 -6.34
CA TRP A 64 -1.55 1.00 -6.31
C TRP A 64 -2.44 0.83 -7.53
N THR A 65 -1.83 0.64 -8.68
CA THR A 65 -2.58 0.46 -9.91
C THR A 65 -3.49 -0.78 -9.84
N MET A 66 -3.00 -1.82 -9.20
CA MET A 66 -3.75 -3.07 -9.07
C MET A 66 -4.93 -2.95 -8.08
N ILE A 67 -4.75 -2.17 -7.01
CA ILE A 67 -5.79 -2.08 -5.95
C ILE A 67 -6.62 -0.80 -5.98
N GLU A 68 -6.31 0.10 -6.89
CA GLU A 68 -7.03 1.39 -6.95
C GLU A 68 -8.55 1.24 -7.13
N ASN A 69 -8.96 0.13 -7.71
CA ASN A 69 -10.36 -0.16 -7.94
C ASN A 69 -11.14 -0.35 -6.64
N GLU A 70 -10.54 -1.00 -5.65
CA GLU A 70 -11.23 -1.27 -4.38
C GLU A 70 -10.69 -0.40 -3.24
N ALA A 71 -9.59 0.29 -3.49
CA ALA A 71 -8.94 1.10 -2.47
C ALA A 71 -8.81 2.56 -2.88
N ASN A 72 -8.72 3.43 -1.90
CA ASN A 72 -8.48 4.86 -2.13
C ASN A 72 -7.15 5.24 -1.49
N ARG A 73 -6.27 5.88 -2.26
CA ARG A 73 -4.98 6.22 -1.76
C ARG A 73 -5.02 7.43 -0.85
N ASP A 74 -4.83 7.19 0.43
CA ASP A 74 -4.86 8.23 1.44
C ASP A 74 -3.69 9.18 1.26
N LYS A 75 -2.52 8.61 0.99
CA LYS A 75 -1.32 9.38 0.83
C LYS A 75 -0.42 8.72 -0.22
N GLU A 76 0.17 9.55 -1.08
CA GLU A 76 1.06 9.06 -2.15
C GLU A 76 2.29 8.37 -1.56
N PRO A 77 2.97 7.50 -2.34
CA PRO A 77 4.19 6.85 -1.88
C PRO A 77 5.27 7.87 -1.58
N ASN A 78 5.75 7.87 -0.36
CA ASN A 78 6.74 8.84 0.08
C ASN A 78 7.91 8.18 0.76
N PHE A 79 9.10 8.66 0.45
CA PHE A 79 10.32 8.16 1.04
C PHE A 79 10.67 8.98 2.28
N GLU A 80 10.68 8.32 3.41
CA GLU A 80 11.03 8.97 4.66
C GLU A 80 11.91 8.04 5.47
N GLY A 81 12.91 8.59 6.11
CA GLY A 81 13.83 7.79 6.84
C GLY A 81 14.69 6.95 5.93
N ARG A 82 14.23 5.75 5.67
CA ARG A 82 14.88 4.85 4.76
C ARG A 82 13.88 3.87 4.16
N TYR A 83 12.61 4.23 4.26
CA TYR A 83 11.52 3.42 3.73
C TYR A 83 10.59 4.25 2.89
N VAL A 84 10.10 3.66 1.83
CA VAL A 84 9.10 4.28 1.01
C VAL A 84 7.75 3.69 1.43
N ASN A 85 6.80 4.53 1.76
CA ASN A 85 5.53 4.03 2.25
C ASN A 85 4.35 4.71 1.59
N MET A 86 3.25 3.98 1.54
CA MET A 86 2.00 4.46 0.96
C MET A 86 0.83 3.93 1.76
N LEU A 87 -0.12 4.79 2.06
CA LEU A 87 -1.31 4.39 2.81
C LEU A 87 -2.52 4.27 1.90
N VAL A 88 -3.20 3.15 2.00
CA VAL A 88 -4.40 2.92 1.23
C VAL A 88 -5.58 2.61 2.17
N THR A 89 -6.69 3.22 1.90
CA THR A 89 -7.87 3.04 2.71
C THR A 89 -8.94 2.34 1.87
N PRO A 90 -9.73 1.44 2.48
CA PRO A 90 -10.81 0.72 1.77
C PRO A 90 -11.94 1.64 1.33
N LYS A 91 -12.66 1.21 0.30
CA LYS A 91 -13.82 1.94 -0.20
C LYS A 91 -14.89 1.97 0.90
N LYS A 92 -15.46 3.14 1.18
CA LYS A 92 -16.43 3.26 2.26
C LYS A 92 -17.85 3.03 1.76
N ALA A 93 -18.36 3.99 0.99
CA ALA A 93 -19.73 3.96 0.49
C ALA A 93 -20.73 3.88 1.65
N GLU A 94 -21.17 2.67 1.97
CA GLU A 94 -22.11 2.45 3.07
C GLU A 94 -21.74 1.19 3.84
N GLY A 95 -20.59 0.61 3.51
CA GLY A 95 -20.19 -0.63 4.15
C GLY A 95 -21.12 -1.76 3.78
N HIS A 96 -21.93 -2.18 4.74
CA HIS A 96 -22.90 -3.23 4.52
C HIS A 96 -24.22 -2.90 5.20
N HIS A 97 -25.31 -3.32 4.59
CA HIS A 97 -26.64 -3.09 5.13
C HIS A 97 -27.13 -4.32 5.88
N HIS A 98 -26.38 -5.41 5.75
CA HIS A 98 -26.72 -6.66 6.42
C HIS A 98 -25.68 -7.00 7.48
N HIS A 99 -26.13 -7.62 8.57
CA HIS A 99 -25.23 -7.99 9.66
C HIS A 99 -24.23 -9.05 9.22
N HIS A 100 -24.71 -10.05 8.51
CA HIS A 100 -23.84 -11.11 8.01
C HIS A 100 -24.26 -11.58 6.62
N HIS A 101 -25.55 -11.51 6.34
CA HIS A 101 -26.08 -11.94 5.07
C HIS A 101 -27.48 -11.39 4.89
N LYS A 4 -7.12 3.79 22.62
CA LYS A 4 -7.50 2.84 21.59
C LYS A 4 -6.80 3.19 20.29
N VAL A 5 -5.75 2.46 20.01
CA VAL A 5 -5.01 2.65 18.78
C VAL A 5 -5.68 1.87 17.67
N ILE A 6 -5.86 2.51 16.52
CA ILE A 6 -6.48 1.87 15.39
C ILE A 6 -5.56 0.79 14.83
N ASP A 7 -6.12 -0.39 14.61
CA ASP A 7 -5.36 -1.51 14.12
C ASP A 7 -5.16 -1.41 12.62
N ILE A 8 -3.94 -1.10 12.24
CA ILE A 8 -3.59 -0.94 10.86
C ILE A 8 -2.57 -1.96 10.45
N LYS A 9 -2.82 -2.61 9.34
CA LYS A 9 -1.95 -3.64 8.87
C LYS A 9 -0.86 -3.06 8.04
N GLU A 10 0.31 -3.50 8.28
CA GLU A 10 1.46 -3.01 7.58
C GLU A 10 2.06 -4.12 6.73
N ILE A 11 2.12 -3.88 5.44
CA ILE A 11 2.67 -4.84 4.51
C ILE A 11 4.00 -4.33 3.98
N LYS A 12 5.07 -5.05 4.32
CA LYS A 12 6.40 -4.67 3.91
C LYS A 12 6.72 -5.19 2.52
N LEU A 13 7.39 -4.36 1.75
CA LEU A 13 7.75 -4.65 0.40
C LEU A 13 9.25 -4.45 0.21
N SER A 14 9.78 -4.94 -0.91
CA SER A 14 11.17 -4.72 -1.26
C SER A 14 11.29 -4.38 -2.73
N VAL A 15 12.25 -3.53 -3.07
CA VAL A 15 12.50 -3.17 -4.47
C VAL A 15 12.91 -4.42 -5.27
N LYS A 16 13.81 -5.21 -4.70
CA LYS A 16 14.22 -6.45 -5.35
C LYS A 16 13.39 -7.61 -4.82
N ILE A 17 12.11 -7.55 -5.13
CA ILE A 17 11.16 -8.56 -4.71
C ILE A 17 10.75 -9.40 -5.92
N ALA A 18 10.30 -10.62 -5.68
CA ALA A 18 9.85 -11.48 -6.77
C ALA A 18 8.61 -10.87 -7.42
N GLN A 19 8.53 -10.98 -8.74
CA GLN A 19 7.45 -10.36 -9.49
C GLN A 19 6.10 -10.95 -9.07
N ASN A 20 6.07 -12.25 -8.83
CA ASN A 20 4.85 -12.94 -8.45
C ASN A 20 4.49 -12.69 -6.98
N ASP A 21 5.46 -12.24 -6.20
CA ASP A 21 5.25 -11.98 -4.77
C ASP A 21 4.29 -10.80 -4.56
N ILE A 22 4.42 -9.82 -5.45
CA ILE A 22 3.59 -8.62 -5.43
C ILE A 22 2.12 -8.99 -5.60
N ASN A 23 1.88 -9.91 -6.52
CA ASN A 23 0.54 -10.38 -6.86
C ASN A 23 -0.14 -10.96 -5.63
N TYR A 24 0.61 -11.72 -4.90
CA TYR A 24 0.15 -12.36 -3.70
C TYR A 24 -0.23 -11.32 -2.62
N LYS A 25 0.63 -10.32 -2.42
CA LYS A 25 0.40 -9.28 -1.39
C LYS A 25 -0.81 -8.39 -1.65
N VAL A 26 -1.04 -7.98 -2.90
CA VAL A 26 -2.19 -7.12 -3.20
C VAL A 26 -3.50 -7.81 -2.86
N LYS A 27 -3.51 -9.13 -2.95
CA LYS A 27 -4.68 -9.91 -2.58
C LYS A 27 -5.00 -9.72 -1.10
N HIS A 28 -3.98 -9.80 -0.27
CA HIS A 28 -4.14 -9.63 1.16
C HIS A 28 -4.57 -8.23 1.49
N ALA A 29 -4.04 -7.26 0.75
CA ALA A 29 -4.40 -5.87 0.96
C ALA A 29 -5.90 -5.70 0.81
N LEU A 30 -6.45 -6.32 -0.23
CA LEU A 30 -7.88 -6.27 -0.50
C LEU A 30 -8.67 -6.92 0.65
N GLU A 31 -8.16 -8.05 1.15
CA GLU A 31 -8.82 -8.79 2.22
C GLU A 31 -8.95 -7.96 3.49
N PHE A 32 -7.87 -7.27 3.88
CA PHE A 32 -7.89 -6.45 5.09
C PHE A 32 -8.78 -5.22 4.93
N LEU A 33 -8.86 -4.69 3.72
CA LEU A 33 -9.69 -3.53 3.45
C LEU A 33 -11.16 -3.84 3.73
N GLU A 34 -11.57 -5.02 3.30
CA GLU A 34 -12.92 -5.54 3.52
C GLU A 34 -13.26 -5.56 5.01
N GLN A 35 -12.25 -5.76 5.84
CA GLN A 35 -12.40 -5.80 7.29
C GLN A 35 -12.59 -4.41 7.88
N GLY A 36 -12.41 -3.38 7.08
CA GLY A 36 -12.50 -2.03 7.57
C GLY A 36 -11.19 -1.58 8.17
N LYS A 37 -10.13 -2.29 7.83
CA LYS A 37 -8.80 -2.00 8.32
C LYS A 37 -8.01 -1.21 7.30
N HIS A 38 -6.98 -0.52 7.77
CA HIS A 38 -6.15 0.29 6.90
C HIS A 38 -4.87 -0.47 6.57
N VAL A 39 -4.31 -0.25 5.38
CA VAL A 39 -3.06 -0.90 4.98
C VAL A 39 -1.96 0.12 4.69
N ARG A 40 -0.81 -0.11 5.28
CA ARG A 40 0.37 0.71 5.08
C ARG A 40 1.42 -0.10 4.33
N PHE A 41 1.90 0.42 3.23
CA PHE A 41 2.93 -0.24 2.47
C PHE A 41 4.29 0.35 2.84
N ARG A 42 5.19 -0.51 3.26
CA ARG A 42 6.52 -0.09 3.68
C ARG A 42 7.58 -0.86 2.90
N VAL A 43 8.22 -0.22 1.96
CA VAL A 43 9.23 -0.87 1.15
C VAL A 43 10.63 -0.45 1.55
N PHE A 44 11.48 -1.44 1.77
CA PHE A 44 12.85 -1.21 2.16
C PHE A 44 13.76 -1.32 0.94
N LEU A 45 14.67 -0.38 0.80
CA LEU A 45 15.58 -0.39 -0.32
C LEU A 45 16.75 -1.33 -0.02
N LYS A 46 16.56 -2.60 -0.40
CA LYS A 46 17.56 -3.64 -0.17
C LYS A 46 18.81 -3.42 -1.01
N GLY A 47 19.97 -3.55 -0.40
CA GLY A 47 21.20 -3.37 -1.12
C GLY A 47 21.66 -1.93 -1.15
N ARG A 48 22.04 -1.45 -2.32
CA ARG A 48 22.52 -0.09 -2.47
C ARG A 48 21.53 0.77 -3.25
N GLU A 49 20.28 0.30 -3.32
CA GLU A 49 19.22 0.99 -4.07
C GLU A 49 18.84 2.32 -3.40
N MET A 50 19.46 2.59 -2.27
CA MET A 50 19.19 3.79 -1.49
C MET A 50 19.59 5.06 -2.24
N ALA A 51 20.34 4.91 -3.32
CA ALA A 51 20.76 6.04 -4.14
C ALA A 51 19.53 6.71 -4.80
N THR A 52 18.57 5.89 -5.20
CA THR A 52 17.36 6.39 -5.84
C THR A 52 16.11 5.91 -5.11
N PRO A 53 15.57 6.75 -4.22
CA PRO A 53 14.36 6.44 -3.44
C PRO A 53 13.12 6.25 -4.34
N GLU A 54 13.20 6.76 -5.56
CA GLU A 54 12.12 6.65 -6.55
C GLU A 54 11.79 5.17 -6.85
N ALA A 55 12.75 4.28 -6.56
CA ALA A 55 12.55 2.86 -6.78
C ALA A 55 11.36 2.35 -5.94
N GLY A 56 11.25 2.86 -4.73
CA GLY A 56 10.14 2.50 -3.87
C GLY A 56 8.83 2.99 -4.42
N VAL A 57 8.85 4.19 -4.97
CA VAL A 57 7.66 4.80 -5.54
C VAL A 57 7.15 4.00 -6.73
N ALA A 58 8.07 3.61 -7.60
CA ALA A 58 7.74 2.84 -8.80
C ALA A 58 7.07 1.52 -8.42
N LEU A 59 7.60 0.88 -7.38
CA LEU A 59 7.05 -0.38 -6.89
C LEU A 59 5.61 -0.16 -6.40
N LEU A 60 5.42 0.90 -5.63
CA LEU A 60 4.13 1.23 -5.05
C LEU A 60 3.11 1.59 -6.14
N GLU A 61 3.55 2.34 -7.15
CA GLU A 61 2.69 2.74 -8.27
C GLU A 61 2.13 1.51 -8.98
N LYS A 62 2.97 0.51 -9.20
CA LYS A 62 2.56 -0.70 -9.87
C LYS A 62 1.51 -1.44 -9.02
N ILE A 63 1.75 -1.46 -7.72
CA ILE A 63 0.84 -2.08 -6.77
C ILE A 63 -0.50 -1.36 -6.73
N TRP A 64 -0.44 -0.03 -6.70
CA TRP A 64 -1.63 0.78 -6.63
C TRP A 64 -2.57 0.53 -7.79
N THR A 65 -2.04 0.37 -8.99
CA THR A 65 -2.88 0.14 -10.16
C THR A 65 -3.67 -1.19 -10.07
N MET A 66 -3.23 -2.07 -9.17
CA MET A 66 -3.91 -3.36 -8.96
C MET A 66 -5.06 -3.23 -7.97
N ILE A 67 -4.86 -2.45 -6.93
CA ILE A 67 -5.83 -2.35 -5.84
C ILE A 67 -6.71 -1.10 -5.89
N GLU A 68 -6.41 -0.19 -6.80
CA GLU A 68 -7.17 1.07 -6.89
C GLU A 68 -8.67 0.84 -7.10
N ASN A 69 -9.01 -0.27 -7.74
CA ASN A 69 -10.40 -0.61 -8.02
C ASN A 69 -11.22 -0.89 -6.75
N GLU A 70 -10.53 -1.24 -5.66
CA GLU A 70 -11.22 -1.52 -4.40
C GLU A 70 -10.57 -0.77 -3.24
N ALA A 71 -9.66 0.12 -3.56
CA ALA A 71 -8.95 0.86 -2.54
C ALA A 71 -8.83 2.32 -2.91
N ASN A 72 -8.76 3.17 -1.90
CA ASN A 72 -8.55 4.58 -2.09
C ASN A 72 -7.20 4.93 -1.53
N ARG A 73 -6.57 5.96 -2.04
CA ARG A 73 -5.27 6.33 -1.54
C ARG A 73 -5.42 7.41 -0.47
N ASP A 74 -4.81 7.18 0.68
CA ASP A 74 -4.94 8.12 1.79
C ASP A 74 -3.83 9.15 1.73
N LYS A 75 -2.89 8.92 0.83
CA LYS A 75 -1.73 9.80 0.69
C LYS A 75 -0.88 9.33 -0.47
N GLU A 76 0.01 10.18 -0.92
CA GLU A 76 0.92 9.84 -2.01
C GLU A 76 2.14 9.14 -1.42
N PRO A 77 2.76 8.21 -2.18
CA PRO A 77 3.97 7.51 -1.74
C PRO A 77 5.11 8.48 -1.42
N ASN A 78 5.79 8.24 -0.32
CA ASN A 78 6.87 9.11 0.11
C ASN A 78 7.99 8.31 0.79
N PHE A 79 9.21 8.67 0.48
CA PHE A 79 10.38 8.05 1.07
C PHE A 79 10.67 8.69 2.41
N GLU A 80 10.61 7.90 3.44
CA GLU A 80 10.85 8.38 4.77
C GLU A 80 11.84 7.47 5.48
N GLY A 81 13.00 8.01 5.81
CA GLY A 81 14.00 7.26 6.48
C GLY A 81 14.70 6.28 5.55
N ARG A 82 14.23 5.05 5.56
CA ARG A 82 14.80 4.01 4.72
C ARG A 82 13.70 3.25 4.01
N TYR A 83 12.47 3.71 4.18
CA TYR A 83 11.31 3.05 3.61
C TYR A 83 10.46 4.02 2.81
N VAL A 84 9.90 3.54 1.72
CA VAL A 84 8.94 4.33 0.96
C VAL A 84 7.56 3.86 1.37
N ASN A 85 6.77 4.78 1.88
CA ASN A 85 5.48 4.44 2.46
C ASN A 85 4.31 4.94 1.65
N MET A 86 3.24 4.18 1.65
CA MET A 86 1.99 4.57 1.02
C MET A 86 0.83 4.00 1.83
N LEU A 87 -0.19 4.80 2.05
CA LEU A 87 -1.37 4.38 2.81
C LEU A 87 -2.58 4.20 1.93
N VAL A 88 -3.27 3.09 2.09
CA VAL A 88 -4.47 2.82 1.32
C VAL A 88 -5.66 2.61 2.26
N THR A 89 -6.75 3.26 1.94
CA THR A 89 -7.95 3.18 2.74
C THR A 89 -9.02 2.41 1.96
N PRO A 90 -9.81 1.58 2.63
CA PRO A 90 -10.88 0.85 1.98
C PRO A 90 -11.98 1.83 1.58
N LYS A 91 -12.71 1.54 0.51
CA LYS A 91 -13.71 2.45 0.00
C LYS A 91 -14.88 2.62 0.98
N LYS A 92 -14.91 3.79 1.60
CA LYS A 92 -15.92 4.14 2.58
C LYS A 92 -17.23 4.46 1.88
N ALA A 93 -18.16 3.51 1.91
CA ALA A 93 -19.48 3.65 1.26
C ALA A 93 -19.33 3.76 -0.26
N GLU A 94 -20.45 3.79 -0.95
CA GLU A 94 -20.43 3.90 -2.39
C GLU A 94 -20.88 5.28 -2.83
N GLY A 95 -20.01 5.97 -3.55
CA GLY A 95 -20.37 7.28 -4.06
C GLY A 95 -19.47 8.36 -3.52
N HIS A 96 -19.00 9.21 -4.42
CA HIS A 96 -18.15 10.33 -4.05
C HIS A 96 -19.03 11.55 -3.79
N HIS A 97 -18.58 12.43 -2.92
CA HIS A 97 -19.36 13.61 -2.58
C HIS A 97 -18.94 14.80 -3.42
N HIS A 98 -19.60 14.94 -4.58
CA HIS A 98 -19.36 16.07 -5.51
C HIS A 98 -17.90 16.17 -5.94
N HIS A 99 -17.53 15.36 -6.91
CA HIS A 99 -16.17 15.40 -7.42
C HIS A 99 -16.12 16.17 -8.72
N HIS A 100 -17.22 16.10 -9.49
CA HIS A 100 -17.30 16.72 -10.82
C HIS A 100 -16.20 16.19 -11.76
N HIS A 101 -15.00 16.76 -11.62
CA HIS A 101 -13.83 16.37 -12.41
C HIS A 101 -14.15 16.39 -13.92
N LYS A 4 -10.41 2.41 21.40
CA LYS A 4 -10.76 2.29 19.99
C LYS A 4 -9.52 2.50 19.14
N VAL A 5 -8.99 1.42 18.61
CA VAL A 5 -7.80 1.49 17.81
C VAL A 5 -8.06 0.93 16.43
N ILE A 6 -7.64 1.64 15.40
CA ILE A 6 -7.81 1.17 14.06
C ILE A 6 -6.58 0.35 13.66
N ASP A 7 -6.80 -0.93 13.44
CA ASP A 7 -5.71 -1.84 13.10
C ASP A 7 -5.25 -1.58 11.69
N ILE A 8 -4.07 -1.02 11.56
CA ILE A 8 -3.53 -0.73 10.26
C ILE A 8 -2.35 -1.61 9.98
N LYS A 9 -2.45 -2.36 8.92
CA LYS A 9 -1.48 -3.36 8.60
C LYS A 9 -0.41 -2.80 7.70
N GLU A 10 0.81 -3.09 8.05
CA GLU A 10 1.95 -2.66 7.29
C GLU A 10 2.48 -3.80 6.46
N ILE A 11 2.18 -3.80 5.18
CA ILE A 11 2.66 -4.82 4.30
C ILE A 11 4.00 -4.39 3.69
N LYS A 12 5.06 -5.10 4.10
CA LYS A 12 6.40 -4.79 3.66
C LYS A 12 6.74 -5.44 2.33
N LEU A 13 7.39 -4.68 1.50
CA LEU A 13 7.76 -5.09 0.16
C LEU A 13 9.25 -4.87 -0.04
N SER A 14 9.75 -5.28 -1.19
CA SER A 14 11.14 -5.11 -1.50
C SER A 14 11.30 -4.88 -2.98
N VAL A 15 12.31 -4.12 -3.37
CA VAL A 15 12.58 -3.89 -4.78
C VAL A 15 12.96 -5.19 -5.47
N LYS A 16 13.80 -5.99 -4.80
CA LYS A 16 14.14 -7.29 -5.30
C LYS A 16 13.04 -8.29 -4.94
N ILE A 17 11.86 -8.06 -5.47
CA ILE A 17 10.70 -8.90 -5.21
C ILE A 17 10.28 -9.63 -6.48
N ALA A 18 9.66 -10.80 -6.31
CA ALA A 18 9.14 -11.55 -7.43
C ALA A 18 7.72 -11.11 -7.73
N GLN A 19 7.31 -11.19 -8.98
CA GLN A 19 5.99 -10.74 -9.38
C GLN A 19 4.89 -11.56 -8.71
N ASN A 20 5.12 -12.86 -8.53
CA ASN A 20 4.14 -13.71 -7.88
C ASN A 20 3.92 -13.29 -6.42
N ASP A 21 5.00 -12.89 -5.75
CA ASP A 21 4.93 -12.42 -4.37
C ASP A 21 4.13 -11.13 -4.30
N ILE A 22 4.30 -10.26 -5.30
CA ILE A 22 3.54 -9.01 -5.35
C ILE A 22 2.06 -9.31 -5.46
N ASN A 23 1.72 -10.22 -6.36
CA ASN A 23 0.34 -10.58 -6.62
C ASN A 23 -0.33 -11.12 -5.39
N TYR A 24 0.36 -11.98 -4.71
CA TYR A 24 -0.14 -12.61 -3.52
C TYR A 24 -0.38 -11.61 -2.37
N LYS A 25 0.62 -10.76 -2.09
CA LYS A 25 0.51 -9.78 -1.01
C LYS A 25 -0.55 -8.72 -1.30
N VAL A 26 -0.62 -8.27 -2.54
CA VAL A 26 -1.63 -7.28 -2.95
C VAL A 26 -3.02 -7.88 -2.80
N LYS A 27 -3.15 -9.14 -3.16
CA LYS A 27 -4.42 -9.85 -3.04
C LYS A 27 -4.87 -9.87 -1.59
N HIS A 28 -3.94 -10.18 -0.69
CA HIS A 28 -4.21 -10.28 0.74
C HIS A 28 -4.58 -8.92 1.32
N ALA A 29 -4.01 -7.86 0.75
CA ALA A 29 -4.31 -6.50 1.19
C ALA A 29 -5.80 -6.21 1.09
N LEU A 30 -6.45 -6.83 0.11
CA LEU A 30 -7.88 -6.62 -0.12
C LEU A 30 -8.70 -7.09 1.10
N GLU A 31 -8.30 -8.22 1.70
CA GLU A 31 -8.99 -8.75 2.88
C GLU A 31 -9.08 -7.71 3.99
N PHE A 32 -7.98 -7.05 4.27
CA PHE A 32 -7.93 -6.05 5.33
C PHE A 32 -8.76 -4.82 4.97
N LEU A 33 -8.74 -4.44 3.69
CA LEU A 33 -9.50 -3.28 3.21
C LEU A 33 -10.99 -3.52 3.41
N GLU A 34 -11.42 -4.73 3.09
CA GLU A 34 -12.81 -5.14 3.23
C GLU A 34 -13.25 -5.08 4.70
N GLN A 35 -12.29 -5.29 5.60
CA GLN A 35 -12.55 -5.19 7.03
C GLN A 35 -12.70 -3.74 7.46
N GLY A 36 -12.40 -2.82 6.56
CA GLY A 36 -12.48 -1.43 6.86
C GLY A 36 -11.18 -0.89 7.43
N LYS A 37 -10.11 -1.65 7.25
CA LYS A 37 -8.82 -1.25 7.77
C LYS A 37 -7.96 -0.64 6.71
N HIS A 38 -6.81 -0.12 7.11
CA HIS A 38 -5.91 0.53 6.18
C HIS A 38 -4.66 -0.31 6.02
N VAL A 39 -4.05 -0.24 4.86
CA VAL A 39 -2.80 -0.93 4.62
C VAL A 39 -1.72 0.07 4.27
N ARG A 40 -0.61 -0.04 4.93
CA ARG A 40 0.51 0.82 4.64
C ARG A 40 1.58 -0.02 3.97
N PHE A 41 1.81 0.25 2.71
CA PHE A 41 2.80 -0.48 1.97
C PHE A 41 4.14 0.15 2.19
N ARG A 42 5.07 -0.60 2.75
CA ARG A 42 6.38 -0.06 3.06
C ARG A 42 7.44 -0.92 2.40
N VAL A 43 8.38 -0.28 1.76
CA VAL A 43 9.43 -1.00 1.06
C VAL A 43 10.80 -0.56 1.52
N PHE A 44 11.65 -1.52 1.82
CA PHE A 44 13.00 -1.24 2.24
C PHE A 44 13.95 -1.49 1.09
N LEU A 45 14.77 -0.52 0.80
CA LEU A 45 15.73 -0.64 -0.27
C LEU A 45 17.01 -1.20 0.30
N LYS A 46 17.34 -2.43 -0.06
CA LYS A 46 18.52 -3.07 0.50
C LYS A 46 19.78 -2.68 -0.25
N GLY A 47 20.40 -1.59 0.19
CA GLY A 47 21.66 -1.14 -0.35
C GLY A 47 21.58 -0.62 -1.78
N ARG A 48 22.52 0.26 -2.13
CA ARG A 48 22.67 0.83 -3.48
C ARG A 48 21.47 1.69 -3.91
N GLU A 49 20.32 1.03 -4.05
CA GLU A 49 19.09 1.66 -4.50
C GLU A 49 18.59 2.70 -3.51
N MET A 50 19.18 2.69 -2.33
CA MET A 50 18.80 3.60 -1.25
C MET A 50 19.02 5.04 -1.67
N ALA A 51 19.98 5.25 -2.56
CA ALA A 51 20.30 6.57 -3.08
C ALA A 51 19.17 7.10 -3.96
N THR A 52 18.33 6.21 -4.46
CA THR A 52 17.23 6.61 -5.34
C THR A 52 15.88 6.18 -4.75
N PRO A 53 15.18 7.12 -4.09
CA PRO A 53 13.88 6.86 -3.45
C PRO A 53 12.79 6.49 -4.46
N GLU A 54 13.01 6.88 -5.71
CA GLU A 54 12.07 6.64 -6.78
C GLU A 54 11.82 5.14 -7.00
N ALA A 55 12.83 4.31 -6.67
CA ALA A 55 12.71 2.87 -6.85
C ALA A 55 11.56 2.32 -6.01
N GLY A 56 11.44 2.79 -4.78
CA GLY A 56 10.37 2.37 -3.92
C GLY A 56 9.03 2.84 -4.41
N VAL A 57 9.00 4.06 -4.93
CA VAL A 57 7.78 4.67 -5.44
C VAL A 57 7.25 3.88 -6.64
N ALA A 58 8.15 3.49 -7.53
CA ALA A 58 7.78 2.74 -8.73
C ALA A 58 7.14 1.40 -8.37
N LEU A 59 7.67 0.75 -7.35
CA LEU A 59 7.12 -0.52 -6.88
C LEU A 59 5.70 -0.31 -6.36
N LEU A 60 5.52 0.73 -5.56
CA LEU A 60 4.25 1.05 -4.95
C LEU A 60 3.17 1.45 -5.97
N GLU A 61 3.54 2.27 -6.97
CA GLU A 61 2.56 2.71 -7.96
C GLU A 61 2.02 1.53 -8.77
N LYS A 62 2.86 0.52 -9.00
CA LYS A 62 2.45 -0.69 -9.70
C LYS A 62 1.33 -1.36 -8.93
N ILE A 63 1.54 -1.50 -7.63
CA ILE A 63 0.56 -2.09 -6.75
C ILE A 63 -0.69 -1.21 -6.63
N TRP A 64 -0.49 0.10 -6.53
CA TRP A 64 -1.60 1.04 -6.41
C TRP A 64 -2.58 0.86 -7.58
N THR A 65 -2.05 0.65 -8.76
CA THR A 65 -2.88 0.47 -9.95
C THR A 65 -3.77 -0.80 -9.83
N MET A 66 -3.34 -1.73 -8.99
CA MET A 66 -4.05 -2.98 -8.78
C MET A 66 -5.09 -2.89 -7.65
N ILE A 67 -4.76 -2.13 -6.59
CA ILE A 67 -5.63 -2.04 -5.41
C ILE A 67 -6.62 -0.88 -5.47
N GLU A 68 -6.51 -0.04 -6.50
CA GLU A 68 -7.38 1.13 -6.62
C GLU A 68 -8.85 0.72 -6.86
N ASN A 69 -9.09 -0.57 -7.01
CA ASN A 69 -10.43 -1.10 -7.19
C ASN A 69 -11.29 -0.82 -5.97
N GLU A 70 -10.74 -1.10 -4.79
CA GLU A 70 -11.49 -0.97 -3.55
C GLU A 70 -10.83 0.02 -2.60
N ALA A 71 -9.69 0.54 -3.00
CA ALA A 71 -8.93 1.44 -2.15
C ALA A 71 -8.77 2.81 -2.78
N ASN A 72 -8.77 3.81 -1.94
CA ASN A 72 -8.54 5.18 -2.35
C ASN A 72 -7.24 5.68 -1.70
N ARG A 73 -6.38 6.32 -2.50
CA ARG A 73 -5.12 6.79 -2.02
C ARG A 73 -5.26 7.93 -1.03
N ASP A 74 -4.89 7.66 0.21
CA ASP A 74 -4.93 8.66 1.25
C ASP A 74 -3.64 9.45 1.27
N LYS A 75 -2.54 8.74 1.08
CA LYS A 75 -1.23 9.35 1.11
C LYS A 75 -0.38 8.86 -0.05
N GLU A 76 0.31 9.80 -0.68
CA GLU A 76 1.21 9.49 -1.78
C GLU A 76 2.46 8.83 -1.23
N PRO A 77 3.17 8.02 -2.06
CA PRO A 77 4.38 7.37 -1.61
C PRO A 77 5.45 8.37 -1.19
N ASN A 78 6.13 8.08 -0.12
CA ASN A 78 7.15 8.96 0.40
C ASN A 78 8.29 8.18 1.01
N PHE A 79 9.50 8.67 0.80
CA PHE A 79 10.69 8.05 1.35
C PHE A 79 11.00 8.68 2.70
N GLU A 80 10.86 7.90 3.75
CA GLU A 80 11.10 8.38 5.09
C GLU A 80 11.50 7.23 6.00
N GLY A 81 12.65 7.36 6.64
CA GLY A 81 13.12 6.32 7.53
C GLY A 81 13.68 5.14 6.76
N ARG A 82 14.25 5.43 5.58
CA ARG A 82 14.83 4.43 4.69
C ARG A 82 13.76 3.50 4.10
N TYR A 83 12.52 3.90 4.24
CA TYR A 83 11.39 3.17 3.68
C TYR A 83 10.58 4.08 2.80
N VAL A 84 10.06 3.53 1.74
CA VAL A 84 9.12 4.24 0.91
C VAL A 84 7.76 3.65 1.23
N ASN A 85 6.83 4.49 1.63
CA ASN A 85 5.55 3.97 2.09
C ASN A 85 4.38 4.69 1.44
N MET A 86 3.24 4.01 1.41
CA MET A 86 2.01 4.54 0.87
C MET A 86 0.83 4.06 1.72
N LEU A 87 -0.09 4.98 2.02
CA LEU A 87 -1.27 4.64 2.79
C LEU A 87 -2.52 4.65 1.91
N VAL A 88 -3.30 3.59 2.01
CA VAL A 88 -4.51 3.47 1.25
C VAL A 88 -5.70 3.23 2.17
N THR A 89 -6.80 3.87 1.87
CA THR A 89 -8.01 3.73 2.64
C THR A 89 -9.04 2.97 1.82
N PRO A 90 -9.72 2.00 2.42
CA PRO A 90 -10.73 1.22 1.71
C PRO A 90 -12.00 2.05 1.48
N LYS A 91 -12.65 1.85 0.36
CA LYS A 91 -13.86 2.58 0.03
C LYS A 91 -15.06 1.92 0.69
N LYS A 92 -14.79 0.97 1.55
CA LYS A 92 -15.82 0.22 2.24
C LYS A 92 -15.98 0.74 3.66
N ALA A 93 -15.84 2.05 3.81
CA ALA A 93 -15.92 2.70 5.12
C ALA A 93 -17.37 2.83 5.60
N GLU A 94 -18.27 2.13 4.92
CA GLU A 94 -19.68 2.14 5.26
C GLU A 94 -19.92 1.48 6.61
N GLY A 95 -19.27 0.35 6.83
CA GLY A 95 -19.43 -0.38 8.07
C GLY A 95 -18.26 -1.29 8.35
N HIS A 96 -17.78 -1.24 9.59
CA HIS A 96 -16.67 -2.09 10.01
C HIS A 96 -17.21 -3.43 10.50
N HIS A 97 -18.41 -3.36 11.10
CA HIS A 97 -19.13 -4.52 11.65
C HIS A 97 -18.21 -5.50 12.41
N HIS A 98 -17.32 -4.94 13.22
CA HIS A 98 -16.41 -5.76 14.00
C HIS A 98 -17.14 -6.38 15.19
N HIS A 99 -16.81 -7.63 15.51
CA HIS A 99 -17.42 -8.34 16.63
C HIS A 99 -17.13 -7.61 17.95
N HIS A 100 -18.06 -6.77 18.36
CA HIS A 100 -17.90 -5.95 19.56
C HIS A 100 -18.15 -6.79 20.82
N HIS A 101 -19.22 -7.55 20.82
CA HIS A 101 -19.55 -8.42 21.93
C HIS A 101 -20.13 -9.72 21.41
N LYS A 4 -11.61 -1.18 20.81
CA LYS A 4 -10.14 -1.32 20.83
C LYS A 4 -9.46 -0.29 19.94
N VAL A 5 -8.16 -0.44 19.78
CA VAL A 5 -7.40 0.42 18.92
C VAL A 5 -7.65 0.04 17.46
N ILE A 6 -7.54 1.00 16.56
CA ILE A 6 -7.71 0.72 15.15
C ILE A 6 -6.48 -0.03 14.65
N ASP A 7 -6.65 -1.30 14.37
CA ASP A 7 -5.58 -2.15 13.94
C ASP A 7 -5.28 -1.94 12.47
N ILE A 8 -4.06 -1.59 12.17
CA ILE A 8 -3.63 -1.31 10.82
C ILE A 8 -2.50 -2.24 10.41
N LYS A 9 -2.59 -2.76 9.20
CA LYS A 9 -1.62 -3.72 8.73
C LYS A 9 -0.58 -3.06 7.88
N GLU A 10 0.66 -3.42 8.11
CA GLU A 10 1.75 -2.89 7.33
C GLU A 10 2.39 -4.00 6.52
N ILE A 11 2.11 -4.02 5.24
CA ILE A 11 2.67 -5.02 4.37
C ILE A 11 3.99 -4.51 3.80
N LYS A 12 5.06 -5.03 4.35
CA LYS A 12 6.41 -4.65 3.98
C LYS A 12 6.93 -5.49 2.81
N LEU A 13 7.42 -4.81 1.80
CA LEU A 13 7.96 -5.44 0.60
C LEU A 13 9.37 -4.93 0.35
N SER A 14 9.98 -5.39 -0.72
CA SER A 14 11.32 -4.97 -1.06
C SER A 14 11.46 -4.79 -2.56
N VAL A 15 12.47 -4.08 -2.97
CA VAL A 15 12.77 -3.85 -4.37
C VAL A 15 13.13 -5.16 -5.12
N LYS A 16 13.64 -6.12 -4.38
CA LYS A 16 14.04 -7.40 -4.94
C LYS A 16 12.90 -8.41 -4.92
N ILE A 17 11.69 -7.94 -4.65
CA ILE A 17 10.52 -8.80 -4.57
C ILE A 17 10.14 -9.37 -5.95
N ALA A 18 9.51 -10.52 -5.95
CA ALA A 18 9.08 -11.16 -7.18
C ALA A 18 7.64 -10.75 -7.51
N GLN A 19 7.29 -10.80 -8.78
CA GLN A 19 5.97 -10.38 -9.25
C GLN A 19 4.85 -11.27 -8.68
N ASN A 20 5.14 -12.54 -8.48
CA ASN A 20 4.16 -13.48 -7.94
C ASN A 20 3.78 -13.11 -6.51
N ASP A 21 4.77 -12.66 -5.75
CA ASP A 21 4.56 -12.27 -4.36
C ASP A 21 3.69 -11.02 -4.27
N ILE A 22 3.86 -10.10 -5.23
CA ILE A 22 3.09 -8.85 -5.28
C ILE A 22 1.61 -9.15 -5.45
N ASN A 23 1.31 -10.08 -6.34
CA ASN A 23 -0.06 -10.49 -6.61
C ASN A 23 -0.72 -11.05 -5.38
N TYR A 24 0.02 -11.84 -4.66
CA TYR A 24 -0.47 -12.45 -3.45
C TYR A 24 -0.67 -11.40 -2.33
N LYS A 25 0.26 -10.45 -2.24
CA LYS A 25 0.20 -9.41 -1.21
C LYS A 25 -1.04 -8.50 -1.35
N VAL A 26 -1.38 -8.10 -2.58
CA VAL A 26 -2.56 -7.26 -2.77
C VAL A 26 -3.83 -7.99 -2.36
N LYS A 27 -3.87 -9.29 -2.57
CA LYS A 27 -5.01 -10.10 -2.16
C LYS A 27 -5.17 -10.08 -0.64
N HIS A 28 -4.05 -10.13 0.07
CA HIS A 28 -4.06 -10.04 1.52
C HIS A 28 -4.55 -8.68 1.96
N ALA A 29 -4.12 -7.65 1.25
CA ALA A 29 -4.50 -6.29 1.54
C ALA A 29 -6.00 -6.10 1.40
N LEU A 30 -6.57 -6.74 0.39
CA LEU A 30 -8.00 -6.65 0.12
C LEU A 30 -8.81 -7.19 1.28
N GLU A 31 -8.33 -8.29 1.86
CA GLU A 31 -9.00 -8.91 2.99
C GLU A 31 -9.14 -7.93 4.15
N PHE A 32 -8.05 -7.25 4.47
CA PHE A 32 -8.04 -6.29 5.57
C PHE A 32 -8.83 -5.03 5.23
N LEU A 33 -8.83 -4.66 3.95
CA LEU A 33 -9.55 -3.47 3.49
C LEU A 33 -11.05 -3.66 3.74
N GLU A 34 -11.52 -4.85 3.43
CA GLU A 34 -12.91 -5.23 3.66
C GLU A 34 -13.24 -5.20 5.16
N GLN A 35 -12.24 -5.49 5.98
CA GLN A 35 -12.40 -5.46 7.43
C GLN A 35 -12.50 -4.03 7.94
N GLY A 36 -12.22 -3.07 7.06
CA GLY A 36 -12.27 -1.67 7.44
C GLY A 36 -10.94 -1.17 7.93
N LYS A 37 -9.91 -2.00 7.81
CA LYS A 37 -8.59 -1.60 8.25
C LYS A 37 -7.82 -0.96 7.10
N HIS A 38 -6.63 -0.52 7.39
CA HIS A 38 -5.78 0.12 6.40
C HIS A 38 -4.53 -0.71 6.18
N VAL A 39 -3.99 -0.63 4.98
CA VAL A 39 -2.76 -1.31 4.65
C VAL A 39 -1.69 -0.31 4.28
N ARG A 40 -0.55 -0.44 4.92
CA ARG A 40 0.55 0.44 4.66
C ARG A 40 1.63 -0.34 3.94
N PHE A 41 1.91 0.04 2.71
CA PHE A 41 2.93 -0.62 1.95
C PHE A 41 4.25 0.06 2.18
N ARG A 42 5.16 -0.66 2.81
CA ARG A 42 6.48 -0.14 3.11
C ARG A 42 7.51 -0.96 2.37
N VAL A 43 8.46 -0.31 1.75
CA VAL A 43 9.48 -1.03 1.02
C VAL A 43 10.85 -0.77 1.59
N PHE A 44 11.58 -1.84 1.83
CA PHE A 44 12.94 -1.75 2.31
C PHE A 44 13.89 -1.81 1.14
N LEU A 45 14.75 -0.82 1.04
CA LEU A 45 15.70 -0.77 -0.04
C LEU A 45 16.99 -1.46 0.40
N LYS A 46 17.47 -2.39 -0.40
CA LYS A 46 18.67 -3.15 -0.07
C LYS A 46 19.91 -2.25 0.08
N GLY A 47 20.14 -1.37 -0.89
CA GLY A 47 21.26 -0.47 -0.80
C GLY A 47 21.49 0.34 -2.07
N ARG A 48 21.42 -0.30 -3.22
CA ARG A 48 21.67 0.38 -4.49
C ARG A 48 20.40 0.94 -5.08
N GLU A 49 19.28 0.41 -4.63
CA GLU A 49 17.99 0.92 -5.04
C GLU A 49 17.66 2.17 -4.24
N MET A 50 18.62 2.57 -3.41
CA MET A 50 18.52 3.79 -2.66
C MET A 50 18.95 4.96 -3.53
N ALA A 51 19.79 5.85 -2.98
CA ALA A 51 20.19 7.11 -3.64
C ALA A 51 18.97 8.02 -3.90
N THR A 52 18.04 7.52 -4.69
CA THR A 52 16.82 8.20 -5.01
C THR A 52 15.62 7.32 -4.59
N PRO A 53 14.65 7.94 -3.93
CA PRO A 53 13.47 7.25 -3.40
C PRO A 53 12.49 6.78 -4.48
N GLU A 54 12.72 7.22 -5.71
CA GLU A 54 11.84 6.88 -6.83
C GLU A 54 11.76 5.37 -7.05
N ALA A 55 12.83 4.65 -6.73
CA ALA A 55 12.84 3.21 -6.87
C ALA A 55 11.78 2.57 -5.98
N GLY A 56 11.66 3.10 -4.77
CA GLY A 56 10.66 2.62 -3.84
C GLY A 56 9.27 2.97 -4.31
N VAL A 57 9.13 4.17 -4.85
CA VAL A 57 7.85 4.65 -5.35
C VAL A 57 7.40 3.82 -6.55
N ALA A 58 8.34 3.51 -7.44
CA ALA A 58 8.06 2.72 -8.64
C ALA A 58 7.44 1.36 -8.28
N LEU A 59 7.96 0.74 -7.23
CA LEU A 59 7.41 -0.53 -6.75
C LEU A 59 5.98 -0.35 -6.29
N LEU A 60 5.76 0.72 -5.54
CA LEU A 60 4.45 1.01 -4.98
C LEU A 60 3.43 1.33 -6.07
N GLU A 61 3.84 2.08 -7.08
CA GLU A 61 2.96 2.44 -8.20
C GLU A 61 2.47 1.20 -8.93
N LYS A 62 3.37 0.23 -9.08
CA LYS A 62 3.04 -1.02 -9.74
C LYS A 62 1.98 -1.78 -8.94
N ILE A 63 2.12 -1.76 -7.63
CA ILE A 63 1.17 -2.39 -6.72
C ILE A 63 -0.16 -1.62 -6.69
N TRP A 64 -0.05 -0.31 -6.58
CA TRP A 64 -1.19 0.59 -6.46
C TRP A 64 -2.15 0.46 -7.63
N THR A 65 -1.62 0.34 -8.82
CA THR A 65 -2.46 0.24 -10.00
C THR A 65 -3.35 -1.01 -9.98
N MET A 66 -2.91 -2.03 -9.25
CA MET A 66 -3.67 -3.27 -9.13
C MET A 66 -4.88 -3.11 -8.19
N ILE A 67 -4.73 -2.31 -7.15
CA ILE A 67 -5.78 -2.17 -6.12
C ILE A 67 -6.53 -0.84 -6.16
N GLU A 68 -6.07 0.08 -7.01
CA GLU A 68 -6.67 1.43 -7.10
C GLU A 68 -8.18 1.39 -7.41
N ASN A 69 -8.63 0.29 -8.00
CA ASN A 69 -10.04 0.15 -8.37
C ASN A 69 -10.95 0.14 -7.13
N GLU A 70 -10.52 -0.51 -6.06
CA GLU A 70 -11.34 -0.63 -4.86
C GLU A 70 -10.65 -0.04 -3.62
N ALA A 71 -9.51 0.59 -3.82
CA ALA A 71 -8.79 1.23 -2.75
C ALA A 71 -8.48 2.67 -3.11
N ASN A 72 -8.47 3.54 -2.12
CA ASN A 72 -8.16 4.94 -2.34
C ASN A 72 -6.85 5.28 -1.62
N ARG A 73 -6.09 6.21 -2.19
CA ARG A 73 -4.83 6.58 -1.60
C ARG A 73 -5.05 7.57 -0.46
N ASP A 74 -4.50 7.27 0.70
CA ASP A 74 -4.57 8.18 1.84
C ASP A 74 -3.63 9.36 1.61
N LYS A 75 -2.51 9.05 0.99
CA LYS A 75 -1.49 10.05 0.68
C LYS A 75 -0.59 9.51 -0.41
N GLU A 76 0.28 10.35 -0.91
CA GLU A 76 1.24 9.95 -1.92
C GLU A 76 2.38 9.18 -1.24
N PRO A 77 3.06 8.27 -1.97
CA PRO A 77 4.19 7.54 -1.42
C PRO A 77 5.30 8.48 -1.04
N ASN A 78 5.94 8.22 0.07
CA ASN A 78 6.99 9.09 0.56
C ASN A 78 8.12 8.27 1.13
N PHE A 79 9.24 8.91 1.34
CA PHE A 79 10.41 8.26 1.88
C PHE A 79 10.55 8.61 3.36
N GLU A 80 10.39 7.61 4.18
CA GLU A 80 10.48 7.76 5.63
C GLU A 80 11.68 6.99 6.15
N GLY A 81 12.67 7.72 6.65
CA GLY A 81 13.88 7.08 7.14
C GLY A 81 14.64 6.41 6.02
N ARG A 82 14.38 5.12 5.83
CA ARG A 82 14.99 4.35 4.74
C ARG A 82 13.93 3.52 4.02
N TYR A 83 12.67 3.81 4.31
CA TYR A 83 11.56 3.09 3.73
C TYR A 83 10.69 4.01 2.92
N VAL A 84 10.22 3.53 1.81
CA VAL A 84 9.24 4.26 1.03
C VAL A 84 7.89 3.65 1.33
N ASN A 85 6.92 4.45 1.71
CA ASN A 85 5.65 3.88 2.13
C ASN A 85 4.46 4.61 1.53
N MET A 86 3.38 3.86 1.42
CA MET A 86 2.12 4.36 0.91
C MET A 86 1.00 3.75 1.72
N LEU A 87 0.01 4.55 2.06
CA LEU A 87 -1.11 4.06 2.85
C LEU A 87 -2.35 3.99 1.98
N VAL A 88 -2.99 2.84 1.97
CA VAL A 88 -4.19 2.65 1.18
C VAL A 88 -5.40 2.43 2.07
N THR A 89 -6.47 3.12 1.74
CA THR A 89 -7.69 3.04 2.50
C THR A 89 -8.76 2.39 1.64
N PRO A 90 -9.58 1.51 2.22
CA PRO A 90 -10.67 0.85 1.49
C PRO A 90 -11.74 1.86 1.09
N LYS A 91 -12.31 1.70 -0.10
CA LYS A 91 -13.32 2.62 -0.58
C LYS A 91 -14.67 2.35 0.07
N LYS A 92 -15.34 3.41 0.46
CA LYS A 92 -16.66 3.30 1.06
C LYS A 92 -17.72 3.12 -0.01
N ALA A 93 -18.59 2.13 0.18
CA ALA A 93 -19.66 1.86 -0.76
C ALA A 93 -20.64 3.02 -0.82
N GLU A 94 -21.03 3.50 0.35
CA GLU A 94 -21.98 4.61 0.46
C GLU A 94 -22.00 5.17 1.89
N GLY A 95 -22.38 4.32 2.83
CA GLY A 95 -22.47 4.74 4.21
C GLY A 95 -23.44 3.90 5.00
N HIS A 96 -23.03 2.69 5.35
CA HIS A 96 -23.87 1.77 6.09
C HIS A 96 -23.91 2.18 7.56
N HIS A 97 -25.06 2.01 8.19
CA HIS A 97 -25.22 2.37 9.59
C HIS A 97 -25.13 1.14 10.48
N HIS A 98 -24.74 1.33 11.74
CA HIS A 98 -24.64 0.25 12.70
C HIS A 98 -26.03 -0.33 12.97
N HIS A 99 -26.28 -1.53 12.44
CA HIS A 99 -27.58 -2.19 12.62
C HIS A 99 -27.76 -2.66 14.06
N HIS A 100 -28.95 -3.13 14.38
CA HIS A 100 -29.27 -3.55 15.75
C HIS A 100 -28.49 -4.80 16.14
N HIS A 101 -27.82 -4.72 17.27
CA HIS A 101 -27.06 -5.82 17.79
C HIS A 101 -27.98 -6.78 18.54
N LYS A 4 -11.84 -0.51 21.85
CA LYS A 4 -10.82 -1.29 21.20
C LYS A 4 -9.85 -0.37 20.46
N VAL A 5 -8.73 -0.91 20.09
CA VAL A 5 -7.73 -0.17 19.34
C VAL A 5 -7.80 -0.59 17.88
N ILE A 6 -7.79 0.38 16.99
CA ILE A 6 -7.89 0.09 15.56
C ILE A 6 -6.57 -0.50 15.05
N ASP A 7 -6.67 -1.66 14.44
CA ASP A 7 -5.50 -2.34 13.89
C ASP A 7 -5.18 -1.82 12.51
N ILE A 8 -3.91 -1.60 12.26
CA ILE A 8 -3.44 -1.19 10.97
C ILE A 8 -2.32 -2.11 10.55
N LYS A 9 -2.40 -2.63 9.36
CA LYS A 9 -1.42 -3.59 8.92
C LYS A 9 -0.40 -2.98 8.01
N GLU A 10 0.85 -3.32 8.23
CA GLU A 10 1.92 -2.86 7.42
C GLU A 10 2.40 -3.97 6.51
N ILE A 11 2.17 -3.81 5.23
CA ILE A 11 2.62 -4.76 4.26
C ILE A 11 3.93 -4.28 3.65
N LYS A 12 4.98 -5.00 3.95
CA LYS A 12 6.32 -4.64 3.55
C LYS A 12 6.76 -5.39 2.30
N LEU A 13 7.36 -4.67 1.37
CA LEU A 13 7.85 -5.25 0.13
C LEU A 13 9.28 -4.79 -0.13
N SER A 14 9.85 -5.25 -1.23
CA SER A 14 11.19 -4.87 -1.61
C SER A 14 11.23 -4.63 -3.12
N VAL A 15 12.19 -3.84 -3.57
CA VAL A 15 12.32 -3.50 -4.99
C VAL A 15 12.63 -4.75 -5.82
N LYS A 16 13.22 -5.74 -5.17
CA LYS A 16 13.61 -6.98 -5.82
C LYS A 16 12.66 -8.12 -5.47
N ILE A 17 11.44 -7.77 -5.05
CA ILE A 17 10.41 -8.78 -4.72
C ILE A 17 9.86 -9.40 -6.00
N ALA A 18 9.48 -10.65 -5.93
CA ALA A 18 8.98 -11.38 -7.09
C ALA A 18 7.54 -10.96 -7.43
N GLN A 19 7.17 -11.14 -8.69
CA GLN A 19 5.84 -10.77 -9.17
C GLN A 19 4.75 -11.57 -8.47
N ASN A 20 5.03 -12.84 -8.23
CA ASN A 20 4.08 -13.72 -7.55
C ASN A 20 3.83 -13.16 -6.14
N ASP A 21 4.89 -12.71 -5.51
CA ASP A 21 4.80 -12.10 -4.18
C ASP A 21 3.99 -10.81 -4.21
N ILE A 22 4.16 -10.01 -5.27
CA ILE A 22 3.40 -8.75 -5.42
C ILE A 22 1.91 -9.03 -5.51
N ASN A 23 1.56 -10.03 -6.32
CA ASN A 23 0.17 -10.43 -6.51
C ASN A 23 -0.43 -10.87 -5.20
N TYR A 24 0.36 -11.60 -4.47
CA TYR A 24 -0.02 -12.09 -3.18
C TYR A 24 -0.30 -10.95 -2.19
N LYS A 25 0.57 -9.93 -2.19
CA LYS A 25 0.43 -8.80 -1.26
C LYS A 25 -0.86 -8.00 -1.51
N VAL A 26 -1.15 -7.70 -2.78
CA VAL A 26 -2.35 -6.94 -3.10
C VAL A 26 -3.61 -7.73 -2.81
N LYS A 27 -3.54 -9.04 -2.98
CA LYS A 27 -4.67 -9.91 -2.71
C LYS A 27 -5.06 -9.82 -1.23
N HIS A 28 -4.04 -9.88 -0.37
CA HIS A 28 -4.25 -9.77 1.07
C HIS A 28 -4.64 -8.36 1.46
N ALA A 29 -4.13 -7.38 0.72
CA ALA A 29 -4.44 -5.99 0.98
C ALA A 29 -5.95 -5.77 0.93
N LEU A 30 -6.58 -6.34 -0.09
CA LEU A 30 -8.03 -6.23 -0.25
C LEU A 30 -8.76 -6.88 0.92
N GLU A 31 -8.24 -8.03 1.37
CA GLU A 31 -8.85 -8.75 2.48
C GLU A 31 -8.93 -7.88 3.73
N PHE A 32 -7.83 -7.23 4.07
CA PHE A 32 -7.79 -6.37 5.24
C PHE A 32 -8.64 -5.10 5.06
N LEU A 33 -8.65 -4.57 3.85
CA LEU A 33 -9.42 -3.37 3.54
C LEU A 33 -10.92 -3.62 3.74
N GLU A 34 -11.36 -4.76 3.25
CA GLU A 34 -12.75 -5.21 3.41
C GLU A 34 -13.11 -5.29 4.89
N GLN A 35 -12.13 -5.62 5.72
CA GLN A 35 -12.32 -5.74 7.15
C GLN A 35 -12.42 -4.35 7.81
N GLY A 36 -12.18 -3.29 7.04
CA GLY A 36 -12.28 -1.95 7.58
C GLY A 36 -10.97 -1.44 8.14
N LYS A 37 -9.89 -2.10 7.80
CA LYS A 37 -8.57 -1.69 8.28
C LYS A 37 -7.77 -0.97 7.21
N HIS A 38 -6.68 -0.38 7.65
CA HIS A 38 -5.77 0.32 6.79
C HIS A 38 -4.53 -0.50 6.51
N VAL A 39 -4.01 -0.36 5.31
CA VAL A 39 -2.78 -1.00 4.94
C VAL A 39 -1.72 0.05 4.66
N ARG A 40 -0.58 -0.13 5.27
CA ARG A 40 0.55 0.73 5.06
C ARG A 40 1.60 -0.04 4.29
N PHE A 41 1.85 0.35 3.07
CA PHE A 41 2.83 -0.34 2.25
C PHE A 41 4.18 0.29 2.46
N ARG A 42 5.15 -0.51 2.85
CA ARG A 42 6.49 0.01 3.05
C ARG A 42 7.47 -0.84 2.28
N VAL A 43 8.39 -0.21 1.61
CA VAL A 43 9.36 -0.93 0.82
C VAL A 43 10.77 -0.68 1.31
N PHE A 44 11.51 -1.75 1.47
CA PHE A 44 12.88 -1.68 1.90
C PHE A 44 13.78 -1.72 0.68
N LEU A 45 14.66 -0.74 0.58
CA LEU A 45 15.58 -0.71 -0.52
C LEU A 45 16.87 -1.41 -0.09
N LYS A 46 17.17 -2.54 -0.72
CA LYS A 46 18.30 -3.35 -0.32
C LYS A 46 19.54 -3.04 -1.14
N GLY A 47 20.58 -2.60 -0.48
CA GLY A 47 21.79 -2.26 -1.15
C GLY A 47 21.92 -0.77 -1.33
N ARG A 48 22.41 -0.36 -2.48
CA ARG A 48 22.59 1.05 -2.75
C ARG A 48 21.36 1.63 -3.43
N GLU A 49 20.26 0.85 -3.41
CA GLU A 49 19.00 1.26 -4.00
C GLU A 49 18.46 2.52 -3.31
N MET A 50 18.92 2.75 -2.08
CA MET A 50 18.49 3.90 -1.29
C MET A 50 18.99 5.21 -1.88
N ALA A 51 19.89 5.12 -2.85
CA ALA A 51 20.41 6.30 -3.52
C ALA A 51 19.28 7.01 -4.28
N THR A 52 18.29 6.25 -4.70
CA THR A 52 17.18 6.79 -5.43
C THR A 52 15.85 6.32 -4.83
N PRO A 53 15.22 7.17 -4.02
CA PRO A 53 13.94 6.87 -3.37
C PRO A 53 12.80 6.60 -4.37
N GLU A 54 12.96 7.10 -5.60
CA GLU A 54 11.95 6.90 -6.64
C GLU A 54 11.79 5.41 -6.96
N ALA A 55 12.83 4.61 -6.64
CA ALA A 55 12.77 3.17 -6.86
C ALA A 55 11.65 2.56 -6.01
N GLY A 56 11.52 3.06 -4.79
CA GLY A 56 10.46 2.61 -3.90
C GLY A 56 9.09 3.03 -4.42
N VAL A 57 9.05 4.23 -4.97
CA VAL A 57 7.82 4.79 -5.50
C VAL A 57 7.33 3.95 -6.68
N ALA A 58 8.26 3.58 -7.56
CA ALA A 58 7.92 2.80 -8.76
C ALA A 58 7.29 1.46 -8.38
N LEU A 59 7.82 0.80 -7.35
CA LEU A 59 7.24 -0.45 -6.88
C LEU A 59 5.83 -0.23 -6.36
N LEU A 60 5.68 0.82 -5.56
CA LEU A 60 4.42 1.13 -4.94
C LEU A 60 3.34 1.50 -5.95
N GLU A 61 3.71 2.27 -6.97
CA GLU A 61 2.76 2.65 -8.00
C GLU A 61 2.27 1.42 -8.75
N LYS A 62 3.16 0.44 -8.92
CA LYS A 62 2.80 -0.83 -9.54
C LYS A 62 1.73 -1.53 -8.69
N ILE A 63 1.92 -1.47 -7.37
CA ILE A 63 0.99 -2.05 -6.41
C ILE A 63 -0.36 -1.34 -6.50
N TRP A 64 -0.32 -0.01 -6.56
CA TRP A 64 -1.51 0.81 -6.63
C TRP A 64 -2.36 0.47 -7.86
N THR A 65 -1.72 0.17 -8.97
CA THR A 65 -2.43 -0.18 -10.20
C THR A 65 -3.34 -1.40 -9.95
N MET A 66 -2.89 -2.29 -9.09
CA MET A 66 -3.61 -3.50 -8.75
C MET A 66 -4.79 -3.25 -7.78
N ILE A 67 -4.64 -2.27 -6.90
CA ILE A 67 -5.66 -2.01 -5.86
C ILE A 67 -6.31 -0.64 -5.96
N GLU A 68 -6.16 0.03 -7.09
CA GLU A 68 -6.81 1.35 -7.26
C GLU A 68 -8.33 1.20 -7.19
N ASN A 69 -8.78 0.00 -7.46
CA ASN A 69 -10.16 -0.33 -7.30
C ASN A 69 -10.32 -1.01 -5.96
N GLU A 70 -11.41 -0.71 -5.28
CA GLU A 70 -11.70 -1.24 -3.93
C GLU A 70 -10.85 -0.56 -2.85
N ALA A 71 -9.81 0.16 -3.26
CA ALA A 71 -8.98 0.90 -2.33
C ALA A 71 -8.81 2.34 -2.78
N ASN A 72 -8.63 3.21 -1.84
CA ASN A 72 -8.41 4.61 -2.11
C ASN A 72 -7.05 5.02 -1.64
N ARG A 73 -6.46 5.96 -2.32
CA ARG A 73 -5.18 6.42 -1.96
C ARG A 73 -5.26 7.53 -0.92
N ASP A 74 -4.91 7.19 0.31
CA ASP A 74 -4.92 8.15 1.40
C ASP A 74 -3.67 9.00 1.37
N LYS A 75 -2.56 8.36 1.08
CA LYS A 75 -1.28 9.02 1.02
C LYS A 75 -0.50 8.52 -0.19
N GLU A 76 0.13 9.42 -0.90
CA GLU A 76 0.93 9.04 -2.04
C GLU A 76 2.29 8.57 -1.56
N PRO A 77 2.95 7.67 -2.31
CA PRO A 77 4.24 7.12 -1.91
C PRO A 77 5.29 8.19 -1.65
N ASN A 78 5.95 8.08 -0.52
CA ASN A 78 6.98 9.02 -0.13
C ASN A 78 8.06 8.33 0.66
N PHE A 79 9.18 9.00 0.81
CA PHE A 79 10.32 8.46 1.53
C PHE A 79 10.29 8.89 3.01
N GLU A 80 10.30 7.91 3.90
CA GLU A 80 10.33 8.14 5.35
C GLU A 80 11.11 7.07 6.08
N GLY A 81 12.15 7.48 6.76
CA GLY A 81 12.93 6.57 7.58
C GLY A 81 13.64 5.49 6.79
N ARG A 82 14.19 5.87 5.60
CA ARG A 82 14.93 4.94 4.71
C ARG A 82 13.97 4.00 3.97
N TYR A 83 12.69 4.17 4.23
CA TYR A 83 11.66 3.37 3.61
C TYR A 83 10.76 4.26 2.78
N VAL A 84 10.23 3.72 1.72
CA VAL A 84 9.25 4.42 0.94
C VAL A 84 7.89 3.80 1.26
N ASN A 85 6.92 4.60 1.62
CA ASN A 85 5.65 4.05 2.07
C ASN A 85 4.44 4.72 1.43
N MET A 86 3.31 4.01 1.50
CA MET A 86 2.04 4.47 0.97
C MET A 86 0.91 4.01 1.89
N LEU A 87 -0.13 4.82 2.03
CA LEU A 87 -1.30 4.45 2.81
C LEU A 87 -2.53 4.32 1.94
N VAL A 88 -3.22 3.21 2.07
CA VAL A 88 -4.43 2.97 1.31
C VAL A 88 -5.61 2.74 2.25
N THR A 89 -6.70 3.42 1.96
CA THR A 89 -7.91 3.30 2.74
C THR A 89 -8.91 2.46 1.96
N PRO A 90 -9.67 1.59 2.62
CA PRO A 90 -10.67 0.77 1.95
C PRO A 90 -11.75 1.66 1.30
N LYS A 91 -12.27 1.20 0.17
CA LYS A 91 -13.23 1.98 -0.60
C LYS A 91 -14.45 2.38 0.25
N LYS A 92 -14.85 3.63 0.12
CA LYS A 92 -15.97 4.17 0.89
C LYS A 92 -17.30 3.75 0.29
N ALA A 93 -18.38 4.13 0.94
CA ALA A 93 -19.72 3.80 0.47
C ALA A 93 -20.06 4.59 -0.79
N GLU A 94 -20.92 4.00 -1.61
CA GLU A 94 -21.33 4.61 -2.87
C GLU A 94 -22.19 5.85 -2.62
N GLY A 95 -22.13 6.80 -3.55
CA GLY A 95 -22.92 8.01 -3.45
C GLY A 95 -24.42 7.75 -3.52
N HIS A 96 -24.80 6.72 -4.29
CA HIS A 96 -26.20 6.32 -4.49
C HIS A 96 -26.95 7.32 -5.37
N HIS A 97 -27.12 8.52 -4.85
CA HIS A 97 -27.76 9.60 -5.59
C HIS A 97 -26.91 10.83 -5.51
N HIS A 98 -26.83 11.59 -6.58
CA HIS A 98 -26.05 12.81 -6.56
C HIS A 98 -26.86 13.91 -5.89
N HIS A 99 -26.69 14.03 -4.58
CA HIS A 99 -27.43 15.01 -3.82
C HIS A 99 -26.47 16.06 -3.26
N HIS A 100 -25.19 15.82 -3.41
CA HIS A 100 -24.16 16.73 -2.92
C HIS A 100 -23.50 17.44 -4.09
N HIS A 101 -23.64 18.75 -4.11
CA HIS A 101 -23.09 19.56 -5.19
C HIS A 101 -21.65 19.97 -4.87
N LYS A 4 -11.89 -1.29 21.96
CA LYS A 4 -11.78 -1.59 20.54
C LYS A 4 -10.90 -0.56 19.87
N VAL A 5 -9.74 -0.99 19.43
CA VAL A 5 -8.78 -0.11 18.79
C VAL A 5 -8.55 -0.57 17.36
N ILE A 6 -8.52 0.36 16.42
CA ILE A 6 -8.34 0.03 15.03
C ILE A 6 -6.90 -0.44 14.78
N ASP A 7 -6.74 -1.74 14.65
CA ASP A 7 -5.43 -2.34 14.38
C ASP A 7 -5.10 -2.20 12.91
N ILE A 8 -3.90 -1.76 12.62
CA ILE A 8 -3.48 -1.53 11.25
C ILE A 8 -2.34 -2.46 10.88
N LYS A 9 -2.47 -3.09 9.72
CA LYS A 9 -1.46 -4.01 9.24
C LYS A 9 -0.46 -3.32 8.38
N GLU A 10 0.69 -3.90 8.33
CA GLU A 10 1.79 -3.36 7.54
C GLU A 10 2.30 -4.41 6.60
N ILE A 11 2.14 -4.19 5.33
CA ILE A 11 2.67 -5.09 4.36
C ILE A 11 3.96 -4.51 3.81
N LYS A 12 5.07 -5.13 4.18
CA LYS A 12 6.39 -4.65 3.81
C LYS A 12 6.78 -5.19 2.45
N LEU A 13 7.44 -4.36 1.69
CA LEU A 13 7.83 -4.68 0.33
C LEU A 13 9.30 -4.41 0.11
N SER A 14 9.83 -4.91 -0.99
CA SER A 14 11.21 -4.67 -1.37
C SER A 14 11.26 -4.42 -2.87
N VAL A 15 12.21 -3.63 -3.31
CA VAL A 15 12.36 -3.33 -4.74
C VAL A 15 12.63 -4.60 -5.53
N LYS A 16 13.52 -5.41 -5.01
CA LYS A 16 13.87 -6.67 -5.64
C LYS A 16 13.02 -7.82 -5.09
N ILE A 17 11.74 -7.76 -5.42
CA ILE A 17 10.76 -8.76 -5.00
C ILE A 17 10.17 -9.45 -6.24
N ALA A 18 9.78 -10.71 -6.10
CA ALA A 18 9.20 -11.45 -7.21
C ALA A 18 7.82 -10.91 -7.57
N GLN A 19 7.52 -10.88 -8.87
CA GLN A 19 6.25 -10.34 -9.34
C GLN A 19 5.07 -11.14 -8.83
N ASN A 20 5.24 -12.46 -8.79
CA ASN A 20 4.19 -13.35 -8.29
C ASN A 20 3.88 -13.03 -6.83
N ASP A 21 4.93 -12.75 -6.05
CA ASP A 21 4.77 -12.42 -4.65
C ASP A 21 4.02 -11.09 -4.48
N ILE A 22 4.31 -10.11 -5.36
CA ILE A 22 3.61 -8.81 -5.33
C ILE A 22 2.13 -9.02 -5.60
N ASN A 23 1.87 -9.84 -6.61
CA ASN A 23 0.53 -10.15 -7.08
C ASN A 23 -0.25 -10.92 -6.01
N TYR A 24 0.47 -11.64 -5.21
CA TYR A 24 -0.10 -12.44 -4.15
C TYR A 24 -0.48 -11.57 -2.93
N LYS A 25 0.39 -10.61 -2.59
CA LYS A 25 0.18 -9.76 -1.43
C LYS A 25 -1.04 -8.84 -1.57
N VAL A 26 -1.28 -8.31 -2.78
CA VAL A 26 -2.41 -7.40 -2.99
C VAL A 26 -3.74 -8.06 -2.68
N LYS A 27 -3.83 -9.36 -2.92
CA LYS A 27 -5.04 -10.11 -2.61
C LYS A 27 -5.31 -10.07 -1.10
N HIS A 28 -4.25 -10.25 -0.32
CA HIS A 28 -4.32 -10.18 1.14
C HIS A 28 -4.62 -8.77 1.60
N ALA A 29 -4.01 -7.80 0.93
CA ALA A 29 -4.17 -6.39 1.30
C ALA A 29 -5.64 -5.98 1.27
N LEU A 30 -6.35 -6.40 0.24
CA LEU A 30 -7.76 -6.04 0.08
C LEU A 30 -8.60 -6.59 1.21
N GLU A 31 -8.25 -7.76 1.71
CA GLU A 31 -9.00 -8.42 2.77
C GLU A 31 -9.12 -7.52 3.99
N PHE A 32 -8.03 -6.83 4.34
CA PHE A 32 -8.02 -5.95 5.51
C PHE A 32 -8.92 -4.73 5.29
N LEU A 33 -8.94 -4.23 4.06
CA LEU A 33 -9.77 -3.08 3.70
C LEU A 33 -11.24 -3.42 3.85
N GLU A 34 -11.59 -4.60 3.41
CA GLU A 34 -12.94 -5.11 3.50
C GLU A 34 -13.40 -5.21 4.95
N GLN A 35 -12.43 -5.30 5.87
CA GLN A 35 -12.70 -5.35 7.28
C GLN A 35 -12.79 -3.94 7.88
N GLY A 36 -12.49 -2.93 7.06
CA GLY A 36 -12.54 -1.57 7.51
C GLY A 36 -11.23 -1.12 8.14
N LYS A 37 -10.13 -1.72 7.71
CA LYS A 37 -8.83 -1.37 8.26
C LYS A 37 -7.94 -0.74 7.20
N HIS A 38 -6.77 -0.32 7.62
CA HIS A 38 -5.78 0.27 6.76
C HIS A 38 -4.58 -0.64 6.60
N VAL A 39 -3.98 -0.60 5.43
CA VAL A 39 -2.73 -1.29 5.19
C VAL A 39 -1.68 -0.26 4.91
N ARG A 40 -0.60 -0.34 5.65
CA ARG A 40 0.50 0.56 5.44
C ARG A 40 1.60 -0.14 4.67
N PHE A 41 1.80 0.30 3.43
CA PHE A 41 2.80 -0.29 2.58
C PHE A 41 4.12 0.40 2.82
N ARG A 42 5.11 -0.37 3.20
CA ARG A 42 6.42 0.16 3.48
C ARG A 42 7.46 -0.69 2.77
N VAL A 43 8.21 -0.07 1.90
CA VAL A 43 9.20 -0.79 1.10
C VAL A 43 10.62 -0.42 1.51
N PHE A 44 11.42 -1.43 1.71
CA PHE A 44 12.81 -1.25 2.09
C PHE A 44 13.68 -1.38 0.85
N LEU A 45 14.58 -0.42 0.67
CA LEU A 45 15.50 -0.46 -0.46
C LEU A 45 16.74 -1.22 -0.02
N LYS A 46 17.08 -2.27 -0.72
CA LYS A 46 18.18 -3.11 -0.30
C LYS A 46 19.39 -2.94 -1.20
N GLY A 47 20.46 -2.40 -0.62
CA GLY A 47 21.68 -2.19 -1.36
C GLY A 47 21.90 -0.72 -1.64
N ARG A 48 22.43 -0.40 -2.80
CA ARG A 48 22.69 0.98 -3.17
C ARG A 48 21.44 1.63 -3.74
N GLU A 49 20.34 0.89 -3.70
CA GLU A 49 19.05 1.37 -4.18
C GLU A 49 18.56 2.50 -3.29
N MET A 50 19.03 2.51 -2.04
CA MET A 50 18.65 3.49 -1.05
C MET A 50 19.01 4.92 -1.50
N ALA A 51 20.00 5.01 -2.39
CA ALA A 51 20.42 6.30 -2.94
C ALA A 51 19.31 6.95 -3.77
N THR A 52 18.43 6.13 -4.31
CA THR A 52 17.32 6.60 -5.12
C THR A 52 15.99 6.07 -4.59
N PRO A 53 15.26 6.91 -3.87
CA PRO A 53 13.97 6.54 -3.24
C PRO A 53 12.88 6.32 -4.27
N GLU A 54 13.11 6.78 -5.48
CA GLU A 54 12.15 6.65 -6.57
C GLU A 54 11.88 5.17 -6.88
N ALA A 55 12.86 4.32 -6.57
CA ALA A 55 12.71 2.88 -6.78
C ALA A 55 11.54 2.34 -5.97
N GLY A 56 11.41 2.85 -4.73
CA GLY A 56 10.31 2.46 -3.88
C GLY A 56 8.99 2.95 -4.42
N VAL A 57 9.00 4.16 -4.96
CA VAL A 57 7.81 4.77 -5.51
C VAL A 57 7.28 3.97 -6.70
N ALA A 58 8.19 3.57 -7.59
CA ALA A 58 7.82 2.82 -8.79
C ALA A 58 7.16 1.49 -8.42
N LEU A 59 7.69 0.83 -7.41
CA LEU A 59 7.13 -0.42 -6.94
C LEU A 59 5.72 -0.21 -6.41
N LEU A 60 5.55 0.83 -5.62
CA LEU A 60 4.27 1.15 -5.01
C LEU A 60 3.22 1.53 -6.05
N GLU A 61 3.64 2.31 -7.06
CA GLU A 61 2.71 2.70 -8.14
C GLU A 61 2.20 1.48 -8.90
N LYS A 62 3.11 0.52 -9.11
CA LYS A 62 2.77 -0.71 -9.81
C LYS A 62 1.71 -1.48 -9.04
N ILE A 63 1.91 -1.55 -7.74
CA ILE A 63 0.98 -2.21 -6.83
C ILE A 63 -0.35 -1.48 -6.75
N TRP A 64 -0.28 -0.16 -6.66
CA TRP A 64 -1.47 0.68 -6.54
C TRP A 64 -2.46 0.44 -7.69
N THR A 65 -1.96 0.30 -8.90
CA THR A 65 -2.84 0.11 -10.04
C THR A 65 -3.64 -1.21 -9.91
N MET A 66 -3.03 -2.17 -9.24
CA MET A 66 -3.66 -3.48 -9.05
C MET A 66 -4.89 -3.39 -8.13
N ILE A 67 -4.77 -2.59 -7.07
CA ILE A 67 -5.82 -2.51 -6.05
C ILE A 67 -6.63 -1.21 -6.11
N GLU A 68 -6.28 -0.33 -7.02
CA GLU A 68 -6.93 0.99 -7.13
C GLU A 68 -8.46 0.92 -7.25
N ASN A 69 -8.96 -0.12 -7.86
CA ASN A 69 -10.40 -0.26 -8.06
C ASN A 69 -11.11 -0.71 -6.79
N GLU A 70 -10.36 -1.19 -5.81
CA GLU A 70 -10.95 -1.65 -4.55
C GLU A 70 -10.44 -0.82 -3.37
N ALA A 71 -9.38 -0.09 -3.60
CA ALA A 71 -8.75 0.70 -2.56
C ALA A 71 -8.66 2.16 -2.96
N ASN A 72 -8.59 3.04 -1.99
CA ASN A 72 -8.43 4.45 -2.27
C ASN A 72 -7.06 4.87 -1.79
N ARG A 73 -6.40 5.69 -2.54
CA ARG A 73 -5.08 6.13 -2.20
C ARG A 73 -5.15 7.34 -1.31
N ASP A 74 -4.75 7.19 -0.07
CA ASP A 74 -4.83 8.27 0.91
C ASP A 74 -3.81 9.37 0.62
N LYS A 75 -2.63 8.98 0.16
CA LYS A 75 -1.57 9.94 -0.13
C LYS A 75 -0.53 9.30 -1.06
N GLU A 76 0.27 10.13 -1.72
CA GLU A 76 1.31 9.64 -2.62
C GLU A 76 2.44 9.00 -1.82
N PRO A 77 3.16 8.04 -2.42
CA PRO A 77 4.29 7.40 -1.77
C PRO A 77 5.39 8.40 -1.43
N ASN A 78 5.98 8.24 -0.26
CA ASN A 78 7.01 9.15 0.21
C ASN A 78 8.11 8.37 0.92
N PHE A 79 9.32 8.87 0.83
CA PHE A 79 10.45 8.22 1.43
C PHE A 79 10.68 8.77 2.84
N GLU A 80 10.36 7.97 3.83
CA GLU A 80 10.50 8.35 5.22
C GLU A 80 11.55 7.47 5.88
N GLY A 81 12.63 8.10 6.30
CA GLY A 81 13.72 7.36 6.90
C GLY A 81 14.47 6.59 5.85
N ARG A 82 14.24 5.28 5.81
CA ARG A 82 14.88 4.43 4.83
C ARG A 82 13.84 3.59 4.10
N TYR A 83 12.57 3.92 4.31
CA TYR A 83 11.45 3.21 3.69
C TYR A 83 10.60 4.15 2.87
N VAL A 84 10.07 3.63 1.77
CA VAL A 84 9.11 4.37 0.98
C VAL A 84 7.73 3.89 1.40
N ASN A 85 6.93 4.79 1.91
CA ASN A 85 5.65 4.45 2.50
C ASN A 85 4.47 4.93 1.67
N MET A 86 3.41 4.14 1.64
CA MET A 86 2.17 4.51 0.97
C MET A 86 0.98 3.90 1.73
N LEU A 87 -0.08 4.69 1.88
CA LEU A 87 -1.26 4.25 2.61
C LEU A 87 -2.48 4.14 1.71
N VAL A 88 -3.20 3.05 1.86
CA VAL A 88 -4.44 2.83 1.13
C VAL A 88 -5.61 2.73 2.10
N THR A 89 -6.66 3.45 1.81
CA THR A 89 -7.85 3.45 2.63
C THR A 89 -8.93 2.64 1.93
N PRO A 90 -9.66 1.81 2.66
CA PRO A 90 -10.73 1.00 2.09
C PRO A 90 -11.87 1.87 1.55
N LYS A 91 -12.53 1.39 0.51
CA LYS A 91 -13.61 2.13 -0.12
C LYS A 91 -14.85 2.19 0.77
N LYS A 92 -15.00 3.30 1.48
CA LYS A 92 -16.14 3.53 2.33
C LYS A 92 -16.65 4.95 2.16
N ALA A 93 -17.95 5.11 2.28
CA ALA A 93 -18.57 6.41 2.25
C ALA A 93 -19.01 6.78 3.66
N GLU A 94 -18.14 7.50 4.34
CA GLU A 94 -18.38 7.87 5.72
C GLU A 94 -19.40 8.99 5.86
N GLY A 95 -20.65 8.59 6.05
CA GLY A 95 -21.73 9.53 6.26
C GLY A 95 -22.52 9.14 7.48
N HIS A 96 -21.81 8.88 8.56
CA HIS A 96 -22.45 8.47 9.80
C HIS A 96 -22.71 9.69 10.67
N HIS A 97 -23.47 9.53 11.75
CA HIS A 97 -23.77 10.65 12.64
C HIS A 97 -22.50 11.05 13.43
N HIS A 98 -22.41 10.61 14.70
CA HIS A 98 -21.24 10.90 15.57
C HIS A 98 -20.89 12.39 15.60
N HIS A 99 -21.89 13.24 15.30
CA HIS A 99 -21.70 14.68 15.30
C HIS A 99 -21.28 15.17 16.68
N HIS A 100 -21.92 14.60 17.69
CA HIS A 100 -21.61 14.94 19.04
C HIS A 100 -20.61 13.95 19.60
N HIS A 101 -19.36 14.28 19.45
CA HIS A 101 -18.27 13.43 19.89
C HIS A 101 -17.59 14.05 21.09
N LYS A 4 -11.53 0.35 21.62
CA LYS A 4 -10.44 -0.47 21.12
C LYS A 4 -9.63 0.29 20.09
N VAL A 5 -8.32 0.16 20.16
CA VAL A 5 -7.45 0.81 19.20
C VAL A 5 -7.57 0.14 17.84
N ILE A 6 -7.54 0.95 16.78
CA ILE A 6 -7.65 0.42 15.44
C ILE A 6 -6.29 -0.11 15.00
N ASP A 7 -6.21 -1.41 14.79
CA ASP A 7 -4.97 -2.04 14.39
C ASP A 7 -4.78 -1.94 12.89
N ILE A 8 -3.84 -1.11 12.50
CA ILE A 8 -3.53 -0.89 11.11
C ILE A 8 -2.48 -1.88 10.64
N LYS A 9 -2.70 -2.49 9.50
CA LYS A 9 -1.79 -3.49 9.00
C LYS A 9 -0.79 -2.87 8.06
N GLU A 10 0.40 -3.37 8.12
CA GLU A 10 1.44 -2.90 7.25
C GLU A 10 1.96 -4.06 6.42
N ILE A 11 1.98 -3.87 5.13
CA ILE A 11 2.51 -4.87 4.24
C ILE A 11 3.81 -4.38 3.62
N LYS A 12 4.90 -5.09 3.89
CA LYS A 12 6.21 -4.70 3.40
C LYS A 12 6.60 -5.43 2.14
N LEU A 13 7.20 -4.71 1.23
CA LEU A 13 7.72 -5.27 0.00
C LEU A 13 9.15 -4.82 -0.20
N SER A 14 9.78 -5.30 -1.25
CA SER A 14 11.15 -4.91 -1.53
C SER A 14 11.31 -4.58 -3.00
N VAL A 15 12.29 -3.76 -3.31
CA VAL A 15 12.58 -3.38 -4.69
C VAL A 15 13.02 -4.61 -5.48
N LYS A 16 13.69 -5.53 -4.80
CA LYS A 16 14.14 -6.77 -5.42
C LYS A 16 13.29 -7.94 -4.94
N ILE A 17 12.07 -8.02 -5.44
CA ILE A 17 11.14 -9.07 -5.06
C ILE A 17 10.54 -9.71 -6.32
N ALA A 18 9.99 -10.91 -6.18
CA ALA A 18 9.36 -11.59 -7.29
C ALA A 18 8.01 -10.94 -7.62
N GLN A 19 7.68 -10.86 -8.89
CA GLN A 19 6.43 -10.27 -9.33
C GLN A 19 5.24 -11.08 -8.80
N ASN A 20 5.41 -12.39 -8.80
CA ASN A 20 4.37 -13.30 -8.31
C ASN A 20 4.10 -13.03 -6.85
N ASP A 21 5.18 -12.80 -6.11
CA ASP A 21 5.10 -12.56 -4.68
C ASP A 21 4.36 -11.24 -4.39
N ILE A 22 4.58 -10.24 -5.26
CA ILE A 22 3.89 -8.95 -5.13
C ILE A 22 2.39 -9.15 -5.23
N ASN A 23 1.98 -9.92 -6.23
CA ASN A 23 0.56 -10.19 -6.49
C ASN A 23 -0.08 -10.86 -5.29
N TYR A 24 0.63 -11.79 -4.74
CA TYR A 24 0.21 -12.54 -3.58
C TYR A 24 0.00 -11.61 -2.37
N LYS A 25 0.95 -10.71 -2.12
CA LYS A 25 0.86 -9.76 -1.01
C LYS A 25 -0.31 -8.78 -1.21
N VAL A 26 -0.47 -8.31 -2.44
CA VAL A 26 -1.54 -7.35 -2.78
C VAL A 26 -2.92 -7.95 -2.52
N LYS A 27 -3.07 -9.24 -2.84
CA LYS A 27 -4.32 -9.96 -2.58
C LYS A 27 -4.70 -9.88 -1.10
N HIS A 28 -3.69 -9.98 -0.23
CA HIS A 28 -3.91 -9.89 1.21
C HIS A 28 -4.42 -8.51 1.60
N ALA A 29 -3.89 -7.49 0.94
CA ALA A 29 -4.28 -6.11 1.23
C ALA A 29 -5.76 -5.91 0.96
N LEU A 30 -6.24 -6.55 -0.11
CA LEU A 30 -7.64 -6.45 -0.50
C LEU A 30 -8.53 -7.00 0.61
N GLU A 31 -8.08 -8.09 1.22
CA GLU A 31 -8.78 -8.73 2.32
C GLU A 31 -8.98 -7.77 3.48
N PHE A 32 -7.89 -7.14 3.91
CA PHE A 32 -7.91 -6.23 5.05
C PHE A 32 -8.78 -5.01 4.77
N LEU A 33 -8.76 -4.56 3.52
CA LEU A 33 -9.52 -3.38 3.11
C LEU A 33 -11.02 -3.62 3.30
N GLU A 34 -11.45 -4.79 2.90
CA GLU A 34 -12.84 -5.20 3.04
C GLU A 34 -13.22 -5.37 4.51
N GLN A 35 -12.22 -5.67 5.33
CA GLN A 35 -12.42 -5.84 6.76
C GLN A 35 -12.54 -4.47 7.46
N GLY A 36 -12.28 -3.40 6.71
CA GLY A 36 -12.34 -2.08 7.28
C GLY A 36 -11.04 -1.68 7.93
N LYS A 37 -9.97 -2.32 7.52
CA LYS A 37 -8.65 -2.03 8.05
C LYS A 37 -7.85 -1.22 7.05
N HIS A 38 -6.85 -0.53 7.54
CA HIS A 38 -5.97 0.23 6.71
C HIS A 38 -4.71 -0.55 6.43
N VAL A 39 -4.26 -0.47 5.19
CA VAL A 39 -3.02 -1.11 4.81
C VAL A 39 -2.00 -0.06 4.49
N ARG A 40 -0.87 -0.18 5.10
CA ARG A 40 0.21 0.70 4.84
C ARG A 40 1.26 -0.06 4.05
N PHE A 41 1.46 0.31 2.81
CA PHE A 41 2.44 -0.36 2.00
C PHE A 41 3.78 0.27 2.20
N ARG A 42 4.71 -0.50 2.71
CA ARG A 42 6.03 -0.01 3.01
C ARG A 42 7.06 -0.85 2.31
N VAL A 43 8.07 -0.23 1.76
CA VAL A 43 9.10 -0.94 1.05
C VAL A 43 10.47 -0.59 1.59
N PHE A 44 11.29 -1.61 1.78
CA PHE A 44 12.65 -1.44 2.24
C PHE A 44 13.61 -1.54 1.07
N LEU A 45 14.53 -0.59 0.99
CA LEU A 45 15.49 -0.59 -0.10
C LEU A 45 16.74 -1.39 0.31
N LYS A 46 16.93 -2.52 -0.34
CA LYS A 46 18.07 -3.37 -0.05
C LYS A 46 19.14 -3.24 -1.13
N GLY A 47 20.33 -2.88 -0.73
CA GLY A 47 21.42 -2.75 -1.67
C GLY A 47 21.78 -1.31 -1.92
N ARG A 48 22.22 -1.03 -3.13
CA ARG A 48 22.63 0.32 -3.51
C ARG A 48 21.42 1.10 -4.04
N GLU A 49 20.23 0.56 -3.77
CA GLU A 49 18.97 1.16 -4.21
C GLU A 49 18.66 2.41 -3.37
N MET A 50 19.41 2.58 -2.27
CA MET A 50 19.19 3.67 -1.32
C MET A 50 19.35 5.04 -1.96
N ALA A 51 20.29 5.14 -2.89
CA ALA A 51 20.55 6.39 -3.58
C ALA A 51 19.34 6.85 -4.39
N THR A 52 18.45 5.92 -4.71
CA THR A 52 17.27 6.24 -5.50
C THR A 52 15.98 5.93 -4.73
N PRO A 53 15.40 6.94 -4.08
CA PRO A 53 14.15 6.81 -3.30
C PRO A 53 12.97 6.46 -4.21
N GLU A 54 13.14 6.81 -5.47
CA GLU A 54 12.12 6.57 -6.50
C GLU A 54 11.87 5.08 -6.71
N ALA A 55 12.84 4.25 -6.33
CA ALA A 55 12.70 2.80 -6.48
C ALA A 55 11.51 2.28 -5.68
N GLY A 56 11.36 2.81 -4.47
CA GLY A 56 10.24 2.44 -3.64
C GLY A 56 8.94 2.95 -4.19
N VAL A 57 8.98 4.17 -4.71
CA VAL A 57 7.80 4.81 -5.27
C VAL A 57 7.27 4.04 -6.48
N ALA A 58 8.17 3.64 -7.36
CA ALA A 58 7.80 2.91 -8.57
C ALA A 58 7.10 1.59 -8.22
N LEU A 59 7.63 0.90 -7.21
CA LEU A 59 7.05 -0.36 -6.75
C LEU A 59 5.64 -0.12 -6.22
N LEU A 60 5.50 0.93 -5.42
CA LEU A 60 4.23 1.27 -4.82
C LEU A 60 3.21 1.69 -5.87
N GLU A 61 3.66 2.41 -6.91
CA GLU A 61 2.78 2.84 -8.00
C GLU A 61 2.09 1.63 -8.63
N LYS A 62 2.86 0.55 -8.81
CA LYS A 62 2.32 -0.67 -9.38
C LYS A 62 1.24 -1.23 -8.47
N ILE A 63 1.51 -1.22 -7.18
CA ILE A 63 0.57 -1.71 -6.19
C ILE A 63 -0.72 -0.89 -6.21
N TRP A 64 -0.58 0.43 -6.26
CA TRP A 64 -1.75 1.30 -6.30
C TRP A 64 -2.62 0.98 -7.50
N THR A 65 -2.00 0.71 -8.64
CA THR A 65 -2.74 0.41 -9.86
C THR A 65 -3.56 -0.89 -9.69
N MET A 66 -3.10 -1.76 -8.80
CA MET A 66 -3.79 -3.01 -8.54
C MET A 66 -4.85 -2.86 -7.43
N ILE A 67 -4.50 -2.17 -6.36
CA ILE A 67 -5.37 -2.06 -5.19
C ILE A 67 -6.47 -1.01 -5.35
N GLU A 68 -6.31 -0.09 -6.29
CA GLU A 68 -7.27 1.00 -6.50
C GLU A 68 -8.68 0.45 -6.81
N ASN A 69 -8.74 -0.82 -7.16
CA ASN A 69 -10.00 -1.48 -7.44
C ASN A 69 -10.89 -1.50 -6.20
N GLU A 70 -10.28 -1.76 -5.04
CA GLU A 70 -11.02 -1.86 -3.79
C GLU A 70 -10.61 -0.76 -2.80
N ALA A 71 -9.55 -0.03 -3.12
CA ALA A 71 -9.01 0.98 -2.23
C ALA A 71 -8.97 2.37 -2.87
N ASN A 72 -8.89 3.37 -2.03
CA ASN A 72 -8.76 4.75 -2.45
C ASN A 72 -7.43 5.31 -1.98
N ARG A 73 -6.98 6.33 -2.66
CA ARG A 73 -5.71 6.94 -2.41
C ARG A 73 -5.81 7.97 -1.30
N ASP A 74 -5.28 7.62 -0.14
CA ASP A 74 -5.27 8.53 1.00
C ASP A 74 -4.12 9.49 0.89
N LYS A 75 -2.99 8.98 0.38
CA LYS A 75 -1.79 9.77 0.23
C LYS A 75 -0.87 9.13 -0.79
N GLU A 76 0.04 9.91 -1.33
CA GLU A 76 1.02 9.41 -2.28
C GLU A 76 2.20 8.80 -1.54
N PRO A 77 2.93 7.87 -2.18
CA PRO A 77 4.11 7.24 -1.58
C PRO A 77 5.15 8.27 -1.16
N ASN A 78 5.65 8.14 0.04
CA ASN A 78 6.63 9.06 0.57
C ASN A 78 7.83 8.31 1.09
N PHE A 79 9.01 8.78 0.74
CA PHE A 79 10.24 8.19 1.23
C PHE A 79 10.54 8.72 2.62
N GLU A 80 10.47 7.85 3.60
CA GLU A 80 10.70 8.22 4.97
C GLU A 80 11.74 7.34 5.62
N GLY A 81 12.84 7.96 5.98
CA GLY A 81 13.92 7.23 6.57
C GLY A 81 14.60 6.31 5.59
N ARG A 82 14.35 5.03 5.71
CA ARG A 82 14.90 4.04 4.80
C ARG A 82 13.78 3.25 4.12
N TYR A 83 12.56 3.70 4.34
CA TYR A 83 11.38 3.05 3.78
C TYR A 83 10.57 4.02 2.94
N VAL A 84 9.90 3.50 1.94
CA VAL A 84 8.97 4.29 1.15
C VAL A 84 7.58 3.80 1.51
N ASN A 85 6.71 4.70 1.91
CA ASN A 85 5.41 4.30 2.43
C ASN A 85 4.27 4.94 1.65
N MET A 86 3.23 4.15 1.41
CA MET A 86 2.00 4.63 0.77
C MET A 86 0.81 4.18 1.60
N LEU A 87 -0.07 5.10 1.94
CA LEU A 87 -1.22 4.77 2.76
C LEU A 87 -2.48 4.81 1.92
N VAL A 88 -3.23 3.73 1.97
CA VAL A 88 -4.48 3.62 1.23
C VAL A 88 -5.63 3.31 2.16
N THR A 89 -6.77 3.85 1.84
CA THR A 89 -7.96 3.64 2.61
C THR A 89 -8.98 2.88 1.77
N PRO A 90 -9.63 1.88 2.34
CA PRO A 90 -10.66 1.10 1.63
C PRO A 90 -11.84 2.00 1.26
N LYS A 91 -12.54 1.67 0.19
CA LYS A 91 -13.62 2.52 -0.32
C LYS A 91 -14.75 2.72 0.70
N LYS A 92 -14.67 3.83 1.40
CA LYS A 92 -15.67 4.24 2.37
C LYS A 92 -16.94 4.69 1.68
N ALA A 93 -16.77 5.33 0.51
CA ALA A 93 -17.87 5.87 -0.29
C ALA A 93 -18.45 7.15 0.33
N GLU A 94 -18.95 8.03 -0.51
CA GLU A 94 -19.51 9.28 -0.05
C GLU A 94 -20.92 9.06 0.50
N GLY A 95 -21.82 8.58 -0.35
CA GLY A 95 -23.19 8.32 0.07
C GLY A 95 -23.95 9.59 0.46
N HIS A 96 -24.58 10.22 -0.52
CA HIS A 96 -25.34 11.44 -0.28
C HIS A 96 -26.64 11.14 0.45
N HIS A 97 -27.02 12.04 1.34
CA HIS A 97 -28.28 11.91 2.07
C HIS A 97 -29.29 12.87 1.47
N HIS A 98 -29.01 13.31 0.24
CA HIS A 98 -29.88 14.21 -0.49
C HIS A 98 -30.91 13.43 -1.27
N HIS A 99 -31.91 14.14 -1.77
CA HIS A 99 -32.97 13.53 -2.57
C HIS A 99 -32.41 13.10 -3.93
N HIS A 100 -33.04 12.13 -4.57
CA HIS A 100 -32.58 11.66 -5.87
C HIS A 100 -32.63 12.79 -6.88
N HIS A 101 -31.51 13.08 -7.50
CA HIS A 101 -31.41 14.15 -8.47
C HIS A 101 -31.98 13.69 -9.81
N LYS A 4 -7.31 6.20 11.92
CA LYS A 4 -8.17 6.12 13.09
C LYS A 4 -7.51 5.25 14.17
N VAL A 5 -8.26 4.99 15.23
CA VAL A 5 -7.76 4.20 16.36
C VAL A 5 -7.79 2.71 16.05
N ILE A 6 -8.31 2.38 14.90
CA ILE A 6 -8.42 1.01 14.46
C ILE A 6 -7.04 0.42 14.19
N ASP A 7 -6.87 -0.85 14.48
CA ASP A 7 -5.59 -1.52 14.27
C ASP A 7 -5.27 -1.56 12.79
N ILE A 8 -4.17 -0.93 12.43
CA ILE A 8 -3.77 -0.83 11.05
C ILE A 8 -2.64 -1.77 10.73
N LYS A 9 -2.79 -2.48 9.62
CA LYS A 9 -1.86 -3.50 9.22
C LYS A 9 -0.84 -2.94 8.24
N GLU A 10 0.36 -3.47 8.25
CA GLU A 10 1.37 -3.04 7.34
C GLU A 10 1.85 -4.19 6.47
N ILE A 11 2.02 -3.90 5.19
CA ILE A 11 2.52 -4.84 4.23
C ILE A 11 3.92 -4.41 3.81
N LYS A 12 4.91 -5.22 4.14
CA LYS A 12 6.29 -4.88 3.86
C LYS A 12 6.71 -5.37 2.48
N LEU A 13 7.50 -4.56 1.83
CA LEU A 13 7.94 -4.82 0.49
C LEU A 13 9.43 -4.58 0.37
N SER A 14 10.00 -5.05 -0.72
CA SER A 14 11.37 -4.83 -1.02
C SER A 14 11.51 -4.57 -2.51
N VAL A 15 12.52 -3.83 -2.90
CA VAL A 15 12.78 -3.59 -4.31
C VAL A 15 13.09 -4.92 -5.02
N LYS A 16 13.74 -5.81 -4.29
CA LYS A 16 14.03 -7.13 -4.79
C LYS A 16 12.92 -8.10 -4.36
N ILE A 17 11.78 -7.97 -4.99
CA ILE A 17 10.64 -8.82 -4.71
C ILE A 17 10.12 -9.47 -6.00
N ALA A 18 9.63 -10.69 -5.90
CA ALA A 18 9.08 -11.39 -7.04
C ALA A 18 7.76 -10.75 -7.47
N GLN A 19 7.52 -10.68 -8.78
CA GLN A 19 6.30 -10.07 -9.32
C GLN A 19 5.07 -10.85 -8.86
N ASN A 20 5.21 -12.15 -8.81
CA ASN A 20 4.14 -13.03 -8.37
C ASN A 20 3.77 -12.75 -6.92
N ASP A 21 4.79 -12.48 -6.11
CA ASP A 21 4.58 -12.18 -4.70
C ASP A 21 3.79 -10.89 -4.54
N ILE A 22 4.05 -9.93 -5.43
CA ILE A 22 3.36 -8.65 -5.42
C ILE A 22 1.87 -8.88 -5.65
N ASN A 23 1.58 -9.77 -6.60
CA ASN A 23 0.21 -10.14 -6.93
C ASN A 23 -0.47 -10.74 -5.72
N TYR A 24 0.25 -11.55 -5.00
CA TYR A 24 -0.26 -12.16 -3.80
C TYR A 24 -0.48 -11.14 -2.68
N LYS A 25 0.46 -10.19 -2.54
CA LYS A 25 0.39 -9.17 -1.50
C LYS A 25 -0.86 -8.31 -1.61
N VAL A 26 -1.23 -7.90 -2.84
CA VAL A 26 -2.43 -7.09 -3.02
C VAL A 26 -3.68 -7.87 -2.64
N LYS A 27 -3.67 -9.17 -2.91
CA LYS A 27 -4.81 -10.02 -2.56
C LYS A 27 -4.98 -10.03 -1.05
N HIS A 28 -3.86 -10.13 -0.36
CA HIS A 28 -3.83 -10.17 1.10
C HIS A 28 -4.30 -8.82 1.67
N ALA A 29 -3.85 -7.73 1.04
CA ALA A 29 -4.24 -6.39 1.45
C ALA A 29 -5.73 -6.15 1.27
N LEU A 30 -6.29 -6.68 0.18
CA LEU A 30 -7.71 -6.52 -0.12
C LEU A 30 -8.57 -7.15 0.96
N GLU A 31 -8.13 -8.29 1.47
CA GLU A 31 -8.85 -8.99 2.53
C GLU A 31 -9.03 -8.09 3.75
N PHE A 32 -7.99 -7.37 4.11
CA PHE A 32 -8.07 -6.43 5.23
C PHE A 32 -8.85 -5.16 4.86
N LEU A 33 -8.67 -4.72 3.62
CA LEU A 33 -9.32 -3.50 3.14
C LEU A 33 -10.84 -3.65 3.13
N GLU A 34 -11.32 -4.80 2.67
CA GLU A 34 -12.76 -5.06 2.62
C GLU A 34 -13.37 -5.05 4.02
N GLN A 35 -12.54 -5.30 5.03
CA GLN A 35 -12.94 -5.25 6.42
C GLN A 35 -13.19 -3.80 6.84
N GLY A 36 -12.40 -2.89 6.30
CA GLY A 36 -12.50 -1.49 6.66
C GLY A 36 -11.20 -0.95 7.25
N LYS A 37 -10.21 -1.81 7.34
CA LYS A 37 -8.92 -1.43 7.90
C LYS A 37 -7.98 -0.87 6.87
N HIS A 38 -6.94 -0.22 7.38
CA HIS A 38 -5.96 0.46 6.55
C HIS A 38 -4.73 -0.42 6.36
N VAL A 39 -4.05 -0.23 5.24
CA VAL A 39 -2.80 -0.93 4.98
C VAL A 39 -1.67 0.06 4.80
N ARG A 40 -0.61 -0.18 5.52
CA ARG A 40 0.58 0.64 5.43
C ARG A 40 1.62 -0.11 4.61
N PHE A 41 1.97 0.41 3.46
CA PHE A 41 2.98 -0.25 2.64
C PHE A 41 4.35 0.32 2.97
N ARG A 42 5.24 -0.55 3.41
CA ARG A 42 6.59 -0.15 3.76
C ARG A 42 7.58 -0.94 2.94
N VAL A 43 8.37 -0.28 2.15
CA VAL A 43 9.34 -0.96 1.34
C VAL A 43 10.75 -0.57 1.73
N PHE A 44 11.56 -1.58 1.96
CA PHE A 44 12.94 -1.38 2.35
C PHE A 44 13.83 -1.45 1.12
N LEU A 45 14.56 -0.38 0.87
CA LEU A 45 15.45 -0.33 -0.26
C LEU A 45 16.73 -1.09 0.06
N LYS A 46 17.27 -1.77 -0.91
CA LYS A 46 18.47 -2.56 -0.69
C LYS A 46 19.51 -2.27 -1.75
N GLY A 47 20.75 -2.15 -1.33
CA GLY A 47 21.85 -1.92 -2.25
C GLY A 47 21.92 -0.48 -2.74
N ARG A 48 22.36 -0.33 -3.98
CA ARG A 48 22.56 0.97 -4.63
C ARG A 48 21.24 1.74 -4.68
N GLU A 49 20.15 1.01 -4.88
CA GLU A 49 18.81 1.58 -5.00
C GLU A 49 18.42 2.48 -3.83
N MET A 50 19.14 2.39 -2.71
CA MET A 50 18.87 3.23 -1.56
C MET A 50 19.08 4.70 -1.89
N ALA A 51 20.07 4.94 -2.75
CA ALA A 51 20.41 6.29 -3.19
C ALA A 51 19.23 6.96 -3.89
N THR A 52 18.44 6.17 -4.60
CA THR A 52 17.33 6.70 -5.36
C THR A 52 15.99 6.15 -4.85
N PRO A 53 15.22 7.00 -4.13
CA PRO A 53 13.92 6.62 -3.53
C PRO A 53 12.86 6.25 -4.57
N GLU A 54 13.14 6.60 -5.82
CA GLU A 54 12.23 6.34 -6.95
C GLU A 54 11.87 4.85 -7.04
N ALA A 55 12.80 3.99 -6.63
CA ALA A 55 12.60 2.54 -6.70
C ALA A 55 11.43 2.11 -5.81
N GLY A 56 11.36 2.68 -4.62
CA GLY A 56 10.29 2.36 -3.71
C GLY A 56 8.96 2.86 -4.21
N VAL A 57 8.97 4.07 -4.76
CA VAL A 57 7.77 4.70 -5.28
C VAL A 57 7.19 3.91 -6.45
N ALA A 58 8.07 3.52 -7.38
CA ALA A 58 7.65 2.76 -8.55
C ALA A 58 7.03 1.44 -8.14
N LEU A 59 7.61 0.82 -7.12
CA LEU A 59 7.11 -0.44 -6.61
C LEU A 59 5.69 -0.26 -6.05
N LEU A 60 5.51 0.79 -5.28
CA LEU A 60 4.24 1.09 -4.64
C LEU A 60 3.16 1.43 -5.66
N GLU A 61 3.52 2.19 -6.69
CA GLU A 61 2.58 2.57 -7.73
C GLU A 61 2.05 1.35 -8.48
N LYS A 62 2.91 0.33 -8.64
CA LYS A 62 2.50 -0.92 -9.26
C LYS A 62 1.40 -1.57 -8.44
N ILE A 63 1.63 -1.64 -7.14
CA ILE A 63 0.67 -2.22 -6.21
C ILE A 63 -0.62 -1.41 -6.19
N TRP A 64 -0.48 -0.10 -6.16
CA TRP A 64 -1.61 0.79 -6.20
C TRP A 64 -2.47 0.51 -7.42
N THR A 65 -1.84 0.19 -8.53
CA THR A 65 -2.54 -0.11 -9.77
C THR A 65 -3.50 -1.30 -9.58
N MET A 66 -3.02 -2.35 -8.91
CA MET A 66 -3.83 -3.54 -8.68
C MET A 66 -5.01 -3.29 -7.73
N ILE A 67 -4.79 -2.49 -6.70
CA ILE A 67 -5.81 -2.30 -5.67
C ILE A 67 -6.62 -1.02 -5.85
N GLU A 68 -6.28 -0.18 -6.82
CA GLU A 68 -6.96 1.11 -7.00
C GLU A 68 -8.48 0.96 -7.18
N ASN A 69 -8.89 -0.11 -7.84
CA ASN A 69 -10.30 -0.34 -8.10
C ASN A 69 -11.09 -0.67 -6.82
N GLU A 70 -10.40 -1.08 -5.76
CA GLU A 70 -11.07 -1.40 -4.49
C GLU A 70 -10.51 -0.57 -3.33
N ALA A 71 -9.53 0.24 -3.62
CA ALA A 71 -8.88 1.04 -2.60
C ALA A 71 -8.75 2.48 -3.03
N ASN A 72 -8.70 3.36 -2.06
CA ASN A 72 -8.51 4.76 -2.30
C ASN A 72 -7.16 5.15 -1.77
N ARG A 73 -6.51 6.04 -2.44
CA ARG A 73 -5.19 6.41 -2.05
C ARG A 73 -5.25 7.41 -0.91
N ASP A 74 -4.82 6.99 0.27
CA ASP A 74 -4.83 7.87 1.43
C ASP A 74 -3.85 9.02 1.22
N LYS A 75 -2.70 8.67 0.68
CA LYS A 75 -1.66 9.65 0.41
C LYS A 75 -0.65 9.05 -0.56
N GLU A 76 0.11 9.91 -1.20
CA GLU A 76 1.11 9.48 -2.16
C GLU A 76 2.32 8.87 -1.45
N PRO A 77 3.03 7.94 -2.12
CA PRO A 77 4.22 7.30 -1.55
C PRO A 77 5.29 8.32 -1.14
N ASN A 78 5.84 8.13 0.04
CA ASN A 78 6.85 9.03 0.56
C ASN A 78 8.01 8.26 1.17
N PHE A 79 9.22 8.70 0.91
CA PHE A 79 10.39 8.05 1.46
C PHE A 79 10.77 8.68 2.80
N GLU A 80 10.51 7.95 3.86
CA GLU A 80 10.83 8.39 5.20
C GLU A 80 11.82 7.45 5.84
N GLY A 81 12.97 7.98 6.18
CA GLY A 81 14.00 7.18 6.75
C GLY A 81 14.69 6.34 5.70
N ARG A 82 14.45 5.05 5.74
CA ARG A 82 14.99 4.13 4.76
C ARG A 82 13.88 3.35 4.07
N TYR A 83 12.64 3.76 4.33
CA TYR A 83 11.48 3.07 3.81
C TYR A 83 10.59 4.01 3.00
N VAL A 84 10.06 3.51 1.91
CA VAL A 84 9.09 4.26 1.14
C VAL A 84 7.70 3.79 1.56
N ASN A 85 6.94 4.70 2.13
CA ASN A 85 5.65 4.36 2.72
C ASN A 85 4.50 4.91 1.89
N MET A 86 3.43 4.14 1.85
CA MET A 86 2.19 4.55 1.20
C MET A 86 1.00 3.99 1.97
N LEU A 87 0.02 4.83 2.20
CA LEU A 87 -1.18 4.40 2.89
C LEU A 87 -2.36 4.34 1.95
N VAL A 88 -3.12 3.29 2.05
CA VAL A 88 -4.32 3.12 1.25
C VAL A 88 -5.54 2.94 2.13
N THR A 89 -6.59 3.64 1.82
CA THR A 89 -7.81 3.54 2.56
C THR A 89 -8.78 2.74 1.73
N PRO A 90 -9.45 1.77 2.32
CA PRO A 90 -10.40 0.94 1.58
C PRO A 90 -11.60 1.74 1.10
N LYS A 91 -12.15 1.36 -0.04
CA LYS A 91 -13.34 2.00 -0.58
C LYS A 91 -14.55 1.63 0.30
N LYS A 92 -14.73 2.37 1.38
CA LYS A 92 -15.79 2.10 2.32
C LYS A 92 -16.44 3.41 2.79
N ALA A 93 -17.53 3.31 3.54
CA ALA A 93 -18.27 4.45 4.08
C ALA A 93 -19.10 5.14 2.99
N GLU A 94 -19.65 6.30 3.31
CA GLU A 94 -20.50 7.00 2.38
C GLU A 94 -19.69 7.88 1.43
N GLY A 95 -19.98 7.76 0.15
CA GLY A 95 -19.28 8.55 -0.84
C GLY A 95 -20.09 8.71 -2.11
N HIS A 96 -21.39 8.45 -2.03
CA HIS A 96 -22.28 8.55 -3.19
C HIS A 96 -22.46 9.99 -3.61
N HIS A 97 -22.46 10.22 -4.91
CA HIS A 97 -22.67 11.54 -5.47
C HIS A 97 -23.60 11.48 -6.68
N HIS A 98 -23.03 11.17 -7.82
CA HIS A 98 -23.78 11.09 -9.05
C HIS A 98 -23.08 10.20 -10.07
N HIS A 99 -23.84 9.59 -10.94
CA HIS A 99 -23.32 8.71 -11.97
C HIS A 99 -23.96 9.02 -13.31
N HIS A 100 -23.29 8.63 -14.39
CA HIS A 100 -23.79 8.92 -15.73
C HIS A 100 -24.63 7.76 -16.29
N HIS A 101 -24.61 6.62 -15.61
CA HIS A 101 -25.38 5.46 -16.05
C HIS A 101 -26.87 5.69 -15.82
N LYS A 4 -14.22 -1.37 18.12
CA LYS A 4 -13.16 -2.25 18.68
C LYS A 4 -11.76 -1.71 18.40
N VAL A 5 -10.79 -2.58 18.36
CA VAL A 5 -9.44 -2.17 18.08
C VAL A 5 -9.18 -2.24 16.59
N ILE A 6 -8.73 -1.14 16.02
CA ILE A 6 -8.44 -1.10 14.61
C ILE A 6 -6.93 -1.11 14.39
N ASP A 7 -6.40 -2.30 14.19
CA ASP A 7 -4.97 -2.48 13.94
C ASP A 7 -4.67 -2.33 12.47
N ILE A 8 -3.77 -1.44 12.15
CA ILE A 8 -3.40 -1.22 10.78
C ILE A 8 -2.23 -2.12 10.41
N LYS A 9 -2.43 -2.93 9.39
CA LYS A 9 -1.44 -3.89 8.98
C LYS A 9 -0.44 -3.29 8.06
N GLU A 10 0.75 -3.80 8.14
CA GLU A 10 1.83 -3.35 7.32
C GLU A 10 2.22 -4.39 6.31
N ILE A 11 2.08 -4.04 5.05
CA ILE A 11 2.49 -4.90 3.99
C ILE A 11 3.89 -4.47 3.54
N LYS A 12 4.89 -5.18 4.05
CA LYS A 12 6.28 -4.85 3.76
C LYS A 12 6.70 -5.41 2.42
N LEU A 13 7.38 -4.59 1.68
CA LEU A 13 7.77 -4.90 0.34
C LEU A 13 9.26 -4.64 0.16
N SER A 14 9.78 -5.05 -0.97
CA SER A 14 11.16 -4.82 -1.30
C SER A 14 11.28 -4.56 -2.78
N VAL A 15 12.25 -3.77 -3.17
CA VAL A 15 12.50 -3.51 -4.56
C VAL A 15 12.93 -4.79 -5.26
N LYS A 16 13.76 -5.59 -4.57
CA LYS A 16 14.16 -6.88 -5.09
C LYS A 16 13.14 -7.94 -4.65
N ILE A 17 11.94 -7.83 -5.19
CA ILE A 17 10.85 -8.73 -4.87
C ILE A 17 10.40 -9.50 -6.12
N ALA A 18 9.86 -10.68 -5.92
CA ALA A 18 9.38 -11.48 -7.02
C ALA A 18 7.95 -11.08 -7.38
N GLN A 19 7.56 -11.31 -8.62
CA GLN A 19 6.23 -10.93 -9.10
C GLN A 19 5.14 -11.69 -8.35
N ASN A 20 5.41 -12.94 -8.03
CA ASN A 20 4.46 -13.77 -7.29
C ASN A 20 4.19 -13.15 -5.93
N ASP A 21 5.26 -12.69 -5.30
CA ASP A 21 5.19 -12.04 -4.00
C ASP A 21 4.38 -10.75 -4.09
N ILE A 22 4.57 -9.98 -5.17
CA ILE A 22 3.83 -8.75 -5.36
C ILE A 22 2.34 -9.05 -5.44
N ASN A 23 2.00 -10.03 -6.25
CA ASN A 23 0.60 -10.39 -6.48
C ASN A 23 -0.06 -10.85 -5.20
N TYR A 24 0.62 -11.72 -4.50
CA TYR A 24 0.14 -12.30 -3.27
C TYR A 24 -0.08 -11.26 -2.18
N LYS A 25 0.90 -10.40 -1.95
CA LYS A 25 0.82 -9.39 -0.90
C LYS A 25 -0.27 -8.36 -1.17
N VAL A 26 -0.37 -7.91 -2.41
CA VAL A 26 -1.40 -6.94 -2.82
C VAL A 26 -2.78 -7.55 -2.66
N LYS A 27 -2.91 -8.79 -3.10
CA LYS A 27 -4.17 -9.52 -3.03
C LYS A 27 -4.58 -9.71 -1.56
N HIS A 28 -3.61 -10.05 -0.73
CA HIS A 28 -3.83 -10.23 0.70
C HIS A 28 -4.18 -8.90 1.37
N ALA A 29 -3.58 -7.82 0.90
CA ALA A 29 -3.84 -6.47 1.42
C ALA A 29 -5.31 -6.10 1.23
N LEU A 30 -5.88 -6.57 0.14
CA LEU A 30 -7.27 -6.31 -0.20
C LEU A 30 -8.19 -6.87 0.88
N GLU A 31 -7.83 -8.04 1.39
CA GLU A 31 -8.62 -8.72 2.40
C GLU A 31 -8.72 -7.86 3.68
N PHE A 32 -7.64 -7.18 4.03
CA PHE A 32 -7.64 -6.29 5.20
C PHE A 32 -8.54 -5.08 4.94
N LEU A 33 -8.53 -4.60 3.70
CA LEU A 33 -9.32 -3.45 3.29
C LEU A 33 -10.81 -3.74 3.46
N GLU A 34 -11.19 -4.96 3.09
CA GLU A 34 -12.57 -5.44 3.21
C GLU A 34 -13.08 -5.27 4.64
N GLN A 35 -12.18 -5.40 5.61
CA GLN A 35 -12.54 -5.30 7.02
C GLN A 35 -12.73 -3.86 7.45
N GLY A 36 -12.36 -2.92 6.58
CA GLY A 36 -12.49 -1.52 6.89
C GLY A 36 -11.23 -0.96 7.51
N LYS A 37 -10.16 -1.73 7.47
CA LYS A 37 -8.90 -1.29 8.04
C LYS A 37 -8.03 -0.67 6.97
N HIS A 38 -6.82 -0.30 7.34
CA HIS A 38 -5.89 0.32 6.41
C HIS A 38 -4.68 -0.57 6.23
N VAL A 39 -4.03 -0.42 5.09
CA VAL A 39 -2.79 -1.13 4.84
C VAL A 39 -1.69 -0.13 4.62
N ARG A 40 -0.64 -0.27 5.38
CA ARG A 40 0.50 0.59 5.26
C ARG A 40 1.60 -0.15 4.54
N PHE A 41 1.90 0.29 3.34
CA PHE A 41 2.91 -0.36 2.53
C PHE A 41 4.27 0.17 2.92
N ARG A 42 5.19 -0.74 3.20
CA ARG A 42 6.51 -0.36 3.68
C ARG A 42 7.58 -1.10 2.89
N VAL A 43 8.28 -0.41 2.04
CA VAL A 43 9.32 -1.02 1.23
C VAL A 43 10.69 -0.57 1.71
N PHE A 44 11.60 -1.53 1.86
CA PHE A 44 12.93 -1.24 2.32
C PHE A 44 13.92 -1.37 1.18
N LEU A 45 14.80 -0.40 1.06
CA LEU A 45 15.79 -0.41 0.00
C LEU A 45 17.07 -1.03 0.55
N LYS A 46 17.45 -2.19 0.01
CA LYS A 46 18.55 -2.98 0.56
C LYS A 46 19.81 -2.92 -0.29
N GLY A 47 19.74 -3.45 -1.50
CA GLY A 47 20.90 -3.48 -2.38
C GLY A 47 21.07 -2.18 -3.09
N ARG A 48 21.78 -1.26 -2.45
CA ARG A 48 21.88 0.11 -2.91
C ARG A 48 20.47 0.68 -2.91
N GLU A 49 19.91 0.95 -4.09
CA GLU A 49 18.53 1.36 -4.27
C GLU A 49 18.18 2.73 -3.62
N MET A 50 18.65 2.96 -2.39
CA MET A 50 18.36 4.16 -1.65
C MET A 50 18.92 5.40 -2.35
N ALA A 51 19.88 5.21 -3.23
CA ALA A 51 20.42 6.30 -4.03
C ALA A 51 19.30 6.88 -4.91
N THR A 52 18.37 6.02 -5.30
CA THR A 52 17.23 6.42 -6.10
C THR A 52 15.93 5.97 -5.43
N PRO A 53 15.33 6.86 -4.60
CA PRO A 53 14.12 6.57 -3.82
C PRO A 53 12.91 6.25 -4.71
N GLU A 54 12.99 6.69 -5.96
CA GLU A 54 11.91 6.47 -6.92
C GLU A 54 11.65 4.98 -7.14
N ALA A 55 12.67 4.15 -6.89
CA ALA A 55 12.53 2.71 -7.05
C ALA A 55 11.43 2.17 -6.14
N GLY A 56 11.38 2.68 -4.92
CA GLY A 56 10.35 2.30 -3.98
C GLY A 56 9.00 2.80 -4.43
N VAL A 57 8.98 4.00 -4.96
CA VAL A 57 7.76 4.63 -5.44
C VAL A 57 7.19 3.86 -6.63
N ALA A 58 8.07 3.47 -7.55
CA ALA A 58 7.68 2.74 -8.75
C ALA A 58 7.01 1.42 -8.40
N LEU A 59 7.55 0.76 -7.38
CA LEU A 59 7.00 -0.51 -6.91
C LEU A 59 5.58 -0.30 -6.38
N LEU A 60 5.42 0.74 -5.57
CA LEU A 60 4.13 1.07 -4.97
C LEU A 60 3.12 1.48 -6.04
N GLU A 61 3.57 2.25 -7.02
CA GLU A 61 2.70 2.69 -8.12
C GLU A 61 2.09 1.51 -8.86
N LYS A 62 2.88 0.48 -9.06
CA LYS A 62 2.42 -0.73 -9.73
C LYS A 62 1.29 -1.37 -8.93
N ILE A 63 1.49 -1.43 -7.63
CA ILE A 63 0.50 -1.98 -6.72
C ILE A 63 -0.75 -1.11 -6.71
N TRP A 64 -0.56 0.20 -6.67
CA TRP A 64 -1.67 1.13 -6.62
C TRP A 64 -2.58 0.96 -7.81
N THR A 65 -2.00 0.72 -8.97
CA THR A 65 -2.77 0.49 -10.18
C THR A 65 -3.73 -0.70 -10.00
N MET A 66 -3.25 -1.73 -9.30
CA MET A 66 -4.02 -2.94 -9.07
C MET A 66 -5.10 -2.77 -7.98
N ILE A 67 -4.83 -1.96 -6.95
CA ILE A 67 -5.77 -1.84 -5.81
C ILE A 67 -6.68 -0.60 -5.90
N GLU A 68 -6.38 0.32 -6.81
CA GLU A 68 -7.11 1.58 -6.93
C GLU A 68 -8.60 1.39 -7.22
N ASN A 69 -8.96 0.25 -7.81
CA ASN A 69 -10.36 -0.01 -8.18
C ASN A 69 -11.27 -0.11 -6.96
N GLU A 70 -10.73 -0.58 -5.85
CA GLU A 70 -11.52 -0.75 -4.64
C GLU A 70 -10.89 -0.05 -3.42
N ALA A 71 -9.79 0.64 -3.65
CA ALA A 71 -9.10 1.34 -2.58
C ALA A 71 -8.84 2.79 -2.93
N ASN A 72 -8.74 3.62 -1.92
CA ASN A 72 -8.45 5.03 -2.09
C ASN A 72 -7.07 5.32 -1.54
N ARG A 73 -6.41 6.29 -2.10
CA ARG A 73 -5.09 6.62 -1.68
C ARG A 73 -5.12 7.67 -0.56
N ASP A 74 -4.82 7.21 0.64
CA ASP A 74 -4.79 8.10 1.81
C ASP A 74 -3.53 8.95 1.80
N LYS A 75 -2.43 8.31 1.44
CA LYS A 75 -1.14 9.00 1.38
C LYS A 75 -0.39 8.59 0.13
N GLU A 76 0.42 9.49 -0.38
CA GLU A 76 1.21 9.23 -1.58
C GLU A 76 2.49 8.52 -1.21
N PRO A 77 3.08 7.75 -2.14
CA PRO A 77 4.35 7.09 -1.89
C PRO A 77 5.46 8.11 -1.65
N ASN A 78 5.99 8.09 -0.47
CA ASN A 78 7.02 9.04 -0.08
C ASN A 78 8.12 8.33 0.67
N PHE A 79 9.33 8.78 0.47
CA PHE A 79 10.47 8.23 1.17
C PHE A 79 10.55 8.88 2.54
N GLU A 80 10.25 8.10 3.56
CA GLU A 80 10.21 8.60 4.91
C GLU A 80 10.62 7.50 5.88
N GLY A 81 11.64 7.78 6.68
CA GLY A 81 12.10 6.80 7.63
C GLY A 81 12.91 5.71 6.98
N ARG A 82 13.56 6.04 5.84
CA ARG A 82 14.38 5.08 5.07
C ARG A 82 13.49 4.09 4.32
N TYR A 83 12.20 4.27 4.44
CA TYR A 83 11.23 3.44 3.76
C TYR A 83 10.38 4.28 2.84
N VAL A 84 9.99 3.72 1.73
CA VAL A 84 9.05 4.38 0.85
C VAL A 84 7.68 3.85 1.20
N ASN A 85 6.85 4.69 1.75
CA ASN A 85 5.57 4.25 2.27
C ASN A 85 4.40 4.85 1.54
N MET A 86 3.34 4.08 1.49
CA MET A 86 2.07 4.49 0.92
C MET A 86 0.95 3.94 1.77
N LEU A 87 -0.05 4.74 2.04
CA LEU A 87 -1.16 4.29 2.84
C LEU A 87 -2.44 4.36 2.05
N VAL A 88 -3.28 3.37 2.23
CA VAL A 88 -4.53 3.29 1.49
C VAL A 88 -5.69 3.03 2.42
N THR A 89 -6.87 3.31 1.92
CA THR A 89 -8.10 3.13 2.67
C THR A 89 -9.15 2.51 1.76
N PRO A 90 -9.94 1.56 2.25
CA PRO A 90 -10.98 0.91 1.45
C PRO A 90 -12.10 1.90 1.15
N LYS A 91 -12.66 1.82 -0.05
CA LYS A 91 -13.70 2.76 -0.45
C LYS A 91 -14.95 2.58 0.42
N LYS A 92 -15.39 3.68 1.06
CA LYS A 92 -16.57 3.68 1.94
C LYS A 92 -16.38 2.73 3.13
N ALA A 93 -15.65 3.20 4.14
CA ALA A 93 -15.37 2.39 5.33
C ALA A 93 -16.47 2.52 6.39
N GLU A 94 -16.95 3.74 6.61
CA GLU A 94 -17.97 4.00 7.64
C GLU A 94 -19.28 3.33 7.28
N GLY A 95 -19.68 3.46 6.02
CA GLY A 95 -20.92 2.90 5.57
C GLY A 95 -22.11 3.54 6.26
N HIS A 96 -22.34 4.83 5.97
CA HIS A 96 -23.46 5.56 6.57
C HIS A 96 -24.76 4.94 6.13
N HIS A 97 -24.79 4.49 4.89
CA HIS A 97 -25.94 3.80 4.36
C HIS A 97 -25.59 2.34 4.18
N HIS A 98 -26.43 1.46 4.69
CA HIS A 98 -26.15 0.05 4.62
C HIS A 98 -26.47 -0.47 3.22
N HIS A 99 -25.43 -0.78 2.47
CA HIS A 99 -25.59 -1.27 1.11
C HIS A 99 -26.22 -2.67 1.12
N HIS A 100 -27.40 -2.77 0.54
CA HIS A 100 -28.12 -4.03 0.48
C HIS A 100 -27.83 -4.73 -0.83
N HIS A 101 -27.29 -3.96 -1.78
CA HIS A 101 -26.98 -4.44 -3.12
C HIS A 101 -28.23 -5.03 -3.77
N LYS A 4 -4.54 7.11 21.42
CA LYS A 4 -5.44 6.50 20.44
C LYS A 4 -4.67 5.66 19.45
N VAL A 5 -4.36 4.45 19.84
CA VAL A 5 -3.61 3.56 18.98
C VAL A 5 -4.55 2.82 18.06
N ILE A 6 -4.69 3.32 16.85
CA ILE A 6 -5.54 2.71 15.86
C ILE A 6 -4.77 1.58 15.18
N ASP A 7 -5.42 0.44 14.97
CA ASP A 7 -4.74 -0.69 14.39
C ASP A 7 -4.59 -0.51 12.90
N ILE A 8 -3.38 -0.39 12.46
CA ILE A 8 -3.10 -0.24 11.06
C ILE A 8 -2.20 -1.36 10.58
N LYS A 9 -2.57 -1.94 9.45
CA LYS A 9 -1.81 -3.06 8.92
C LYS A 9 -0.59 -2.61 8.20
N GLU A 10 0.40 -3.43 8.27
CA GLU A 10 1.66 -3.13 7.63
C GLU A 10 2.17 -4.32 6.86
N ILE A 11 2.19 -4.19 5.55
CA ILE A 11 2.71 -5.25 4.68
C ILE A 11 4.05 -4.82 4.09
N LYS A 12 5.11 -5.51 4.48
CA LYS A 12 6.45 -5.20 4.02
C LYS A 12 6.78 -5.87 2.70
N LEU A 13 7.29 -5.08 1.79
CA LEU A 13 7.67 -5.51 0.45
C LEU A 13 9.10 -5.04 0.16
N SER A 14 9.59 -5.35 -0.99
CA SER A 14 10.91 -4.93 -1.38
C SER A 14 10.97 -4.73 -2.88
N VAL A 15 11.89 -3.93 -3.33
CA VAL A 15 12.06 -3.70 -4.76
C VAL A 15 12.60 -4.94 -5.44
N LYS A 16 13.14 -5.82 -4.63
CA LYS A 16 13.74 -7.08 -5.08
C LYS A 16 12.73 -8.24 -4.94
N ILE A 17 11.45 -7.90 -5.00
CA ILE A 17 10.40 -8.91 -4.90
C ILE A 17 10.05 -9.47 -6.27
N ALA A 18 9.84 -10.78 -6.33
CA ALA A 18 9.42 -11.44 -7.56
C ALA A 18 7.97 -11.10 -7.88
N GLN A 19 7.66 -10.99 -9.17
CA GLN A 19 6.33 -10.58 -9.62
C GLN A 19 5.24 -11.48 -9.07
N ASN A 20 5.50 -12.78 -9.04
CA ASN A 20 4.49 -13.73 -8.57
C ASN A 20 4.14 -13.50 -7.10
N ASP A 21 5.14 -13.11 -6.32
CA ASP A 21 4.92 -12.83 -4.90
C ASP A 21 4.13 -11.53 -4.70
N ILE A 22 4.34 -10.55 -5.61
CA ILE A 22 3.64 -9.26 -5.53
C ILE A 22 2.15 -9.47 -5.57
N ASN A 23 1.72 -10.29 -6.52
CA ASN A 23 0.31 -10.58 -6.73
C ASN A 23 -0.30 -11.14 -5.46
N TYR A 24 0.42 -12.01 -4.83
CA TYR A 24 0.01 -12.64 -3.60
C TYR A 24 -0.17 -11.61 -2.46
N LYS A 25 0.82 -10.72 -2.27
CA LYS A 25 0.78 -9.71 -1.21
C LYS A 25 -0.37 -8.72 -1.42
N VAL A 26 -0.52 -8.29 -2.66
CA VAL A 26 -1.55 -7.32 -3.02
C VAL A 26 -2.94 -7.90 -2.76
N LYS A 27 -3.13 -9.17 -3.13
CA LYS A 27 -4.41 -9.86 -2.94
C LYS A 27 -4.82 -9.83 -1.46
N HIS A 28 -3.86 -10.15 -0.58
CA HIS A 28 -4.09 -10.12 0.86
C HIS A 28 -4.36 -8.71 1.36
N ALA A 29 -3.67 -7.74 0.78
CA ALA A 29 -3.83 -6.35 1.16
C ALA A 29 -5.28 -5.92 0.95
N LEU A 30 -5.86 -6.39 -0.14
CA LEU A 30 -7.25 -6.11 -0.49
C LEU A 30 -8.17 -6.66 0.57
N GLU A 31 -7.86 -7.86 1.04
CA GLU A 31 -8.67 -8.51 2.04
C GLU A 31 -8.68 -7.71 3.35
N PHE A 32 -7.51 -7.16 3.71
CA PHE A 32 -7.40 -6.32 4.92
C PHE A 32 -8.19 -5.04 4.76
N LEU A 33 -8.21 -4.51 3.54
CA LEU A 33 -8.95 -3.31 3.23
C LEU A 33 -10.45 -3.54 3.47
N GLU A 34 -10.93 -4.71 3.03
CA GLU A 34 -12.32 -5.11 3.20
C GLU A 34 -12.73 -5.07 4.68
N GLN A 35 -11.79 -5.40 5.54
CA GLN A 35 -12.00 -5.42 6.98
C GLN A 35 -12.24 -4.02 7.52
N GLY A 36 -11.83 -3.01 6.78
CA GLY A 36 -11.98 -1.64 7.23
C GLY A 36 -10.75 -1.13 7.95
N LYS A 37 -9.60 -1.56 7.47
CA LYS A 37 -8.31 -1.16 8.04
C LYS A 37 -7.44 -0.58 6.95
N HIS A 38 -6.38 0.11 7.37
CA HIS A 38 -5.45 0.72 6.42
C HIS A 38 -4.25 -0.17 6.21
N VAL A 39 -3.81 -0.30 4.98
CA VAL A 39 -2.61 -1.07 4.70
C VAL A 39 -1.48 -0.14 4.40
N ARG A 40 -0.46 -0.21 5.21
CA ARG A 40 0.68 0.57 5.02
C ARG A 40 1.70 -0.28 4.26
N PHE A 41 1.96 0.09 3.02
CA PHE A 41 2.92 -0.66 2.21
C PHE A 41 4.31 -0.17 2.52
N ARG A 42 5.06 -1.01 3.22
CA ARG A 42 6.41 -0.68 3.64
C ARG A 42 7.41 -1.43 2.80
N VAL A 43 8.09 -0.71 1.93
CA VAL A 43 9.05 -1.32 1.05
C VAL A 43 10.46 -0.97 1.43
N PHE A 44 11.29 -2.02 1.59
CA PHE A 44 12.67 -1.84 1.91
C PHE A 44 13.52 -1.95 0.62
N LEU A 45 14.29 -0.93 0.35
CA LEU A 45 15.08 -0.86 -0.87
C LEU A 45 16.28 -1.80 -0.88
N LYS A 46 17.16 -1.66 0.15
CA LYS A 46 18.39 -2.49 0.28
C LYS A 46 19.43 -2.15 -0.81
N GLY A 47 20.63 -1.81 -0.39
CA GLY A 47 21.70 -1.54 -1.32
C GLY A 47 21.76 -0.09 -1.74
N ARG A 48 22.34 0.17 -2.92
CA ARG A 48 22.51 1.54 -3.43
C ARG A 48 21.18 2.12 -3.88
N GLU A 49 20.18 1.26 -4.03
CA GLU A 49 18.84 1.67 -4.41
C GLU A 49 18.25 2.60 -3.36
N MET A 50 18.82 2.54 -2.14
CA MET A 50 18.41 3.36 -1.03
C MET A 50 18.73 4.83 -1.26
N ALA A 51 19.57 5.10 -2.22
CA ALA A 51 19.92 6.46 -2.55
C ALA A 51 18.84 7.08 -3.45
N THR A 52 17.95 6.25 -3.95
CA THR A 52 16.89 6.69 -4.84
C THR A 52 15.54 6.20 -4.35
N PRO A 53 14.74 7.11 -3.81
CA PRO A 53 13.41 6.79 -3.27
C PRO A 53 12.43 6.41 -4.38
N GLU A 54 12.77 6.74 -5.61
CA GLU A 54 11.93 6.44 -6.76
C GLU A 54 11.66 4.95 -6.89
N ALA A 55 12.64 4.14 -6.52
CA ALA A 55 12.52 2.70 -6.61
C ALA A 55 11.34 2.19 -5.76
N GLY A 56 11.18 2.74 -4.56
CA GLY A 56 10.06 2.38 -3.69
C GLY A 56 8.75 2.86 -4.27
N VAL A 57 8.76 4.06 -4.80
CA VAL A 57 7.58 4.66 -5.38
C VAL A 57 7.10 3.85 -6.57
N ALA A 58 8.03 3.44 -7.44
CA ALA A 58 7.71 2.68 -8.64
C ALA A 58 7.03 1.36 -8.31
N LEU A 59 7.54 0.67 -7.27
CA LEU A 59 6.93 -0.58 -6.81
C LEU A 59 5.52 -0.33 -6.33
N LEU A 60 5.35 0.74 -5.56
CA LEU A 60 4.08 1.10 -4.99
C LEU A 60 3.08 1.48 -6.07
N GLU A 61 3.52 2.21 -7.08
CA GLU A 61 2.64 2.60 -8.18
C GLU A 61 2.10 1.37 -8.90
N LYS A 62 2.94 0.34 -9.03
CA LYS A 62 2.55 -0.90 -9.69
C LYS A 62 1.42 -1.55 -8.89
N ILE A 63 1.61 -1.54 -7.57
CA ILE A 63 0.65 -2.11 -6.62
C ILE A 63 -0.63 -1.28 -6.60
N TRP A 64 -0.47 0.03 -6.60
CA TRP A 64 -1.60 0.96 -6.58
C TRP A 64 -2.53 0.71 -7.76
N THR A 65 -1.96 0.40 -8.90
CA THR A 65 -2.74 0.14 -10.09
C THR A 65 -3.63 -1.12 -9.92
N MET A 66 -3.22 -2.00 -9.00
CA MET A 66 -3.95 -3.24 -8.75
C MET A 66 -4.99 -3.07 -7.64
N ILE A 67 -4.73 -2.18 -6.69
CA ILE A 67 -5.61 -2.01 -5.53
C ILE A 67 -6.58 -0.82 -5.67
N GLU A 68 -6.36 0.00 -6.69
CA GLU A 68 -7.18 1.22 -6.90
C GLU A 68 -8.66 0.90 -7.16
N ASN A 69 -8.95 -0.34 -7.47
CA ASN A 69 -10.33 -0.75 -7.70
C ASN A 69 -11.08 -0.98 -6.39
N GLU A 70 -10.34 -1.22 -5.29
CA GLU A 70 -10.96 -1.44 -3.98
C GLU A 70 -10.49 -0.38 -2.96
N ALA A 71 -9.44 0.36 -3.30
CA ALA A 71 -8.85 1.31 -2.39
C ALA A 71 -8.74 2.70 -3.01
N ASN A 72 -8.72 3.71 -2.14
CA ASN A 72 -8.55 5.08 -2.54
C ASN A 72 -7.25 5.61 -1.94
N ARG A 73 -6.47 6.32 -2.74
CA ARG A 73 -5.19 6.79 -2.31
C ARG A 73 -5.37 7.97 -1.35
N ASP A 74 -5.03 7.78 -0.10
CA ASP A 74 -5.13 8.87 0.88
C ASP A 74 -4.05 9.91 0.62
N LYS A 75 -2.87 9.42 0.25
CA LYS A 75 -1.74 10.29 -0.04
C LYS A 75 -0.73 9.56 -0.90
N GLU A 76 0.10 10.31 -1.58
CA GLU A 76 1.10 9.76 -2.46
C GLU A 76 2.23 9.11 -1.65
N PRO A 77 2.90 8.07 -2.21
CA PRO A 77 4.04 7.38 -1.53
C PRO A 77 5.15 8.34 -1.16
N ASN A 78 5.64 8.20 0.06
CA ASN A 78 6.69 9.06 0.56
C ASN A 78 7.76 8.22 1.24
N PHE A 79 8.99 8.70 1.18
CA PHE A 79 10.12 8.01 1.77
C PHE A 79 10.35 8.48 3.19
N GLU A 80 10.19 7.59 4.15
CA GLU A 80 10.45 7.92 5.53
C GLU A 80 11.37 6.89 6.11
N GLY A 81 12.33 7.33 6.89
CA GLY A 81 13.27 6.41 7.45
C GLY A 81 14.11 5.72 6.37
N ARG A 82 13.86 4.44 6.18
CA ARG A 82 14.55 3.67 5.14
C ARG A 82 13.53 2.93 4.27
N TYR A 83 12.27 3.38 4.34
CA TYR A 83 11.17 2.75 3.62
C TYR A 83 10.38 3.78 2.81
N VAL A 84 9.79 3.33 1.73
CA VAL A 84 8.87 4.13 0.96
C VAL A 84 7.46 3.64 1.25
N ASN A 85 6.69 4.47 1.89
CA ASN A 85 5.38 4.05 2.35
C ASN A 85 4.27 4.80 1.64
N MET A 86 3.25 4.05 1.30
CA MET A 86 2.05 4.58 0.70
C MET A 86 0.86 4.21 1.56
N LEU A 87 0.04 5.19 1.90
CA LEU A 87 -1.11 4.96 2.72
C LEU A 87 -2.36 4.94 1.85
N VAL A 88 -3.08 3.85 1.92
CA VAL A 88 -4.29 3.69 1.16
C VAL A 88 -5.47 3.47 2.08
N THR A 89 -6.61 3.94 1.69
CA THR A 89 -7.80 3.77 2.46
C THR A 89 -8.79 2.92 1.67
N PRO A 90 -9.45 1.97 2.33
CA PRO A 90 -10.47 1.12 1.70
C PRO A 90 -11.74 1.91 1.39
N LYS A 91 -12.50 1.44 0.44
CA LYS A 91 -13.74 2.09 0.10
C LYS A 91 -14.81 1.84 1.15
N LYS A 92 -15.59 2.88 1.40
CA LYS A 92 -16.68 2.87 2.36
C LYS A 92 -16.18 2.63 3.80
N ALA A 93 -16.11 3.69 4.56
CA ALA A 93 -15.61 3.64 5.93
C ALA A 93 -15.95 4.93 6.66
N GLU A 94 -16.05 6.01 5.88
CA GLU A 94 -16.38 7.34 6.39
C GLU A 94 -15.28 7.91 7.28
N GLY A 95 -14.13 7.27 7.26
CA GLY A 95 -13.01 7.76 8.00
C GLY A 95 -12.15 8.65 7.14
N HIS A 96 -12.45 9.93 7.15
CA HIS A 96 -11.76 10.89 6.29
C HIS A 96 -11.36 12.12 7.09
N HIS A 97 -10.57 12.97 6.48
CA HIS A 97 -10.15 14.21 7.09
C HIS A 97 -10.56 15.39 6.22
N HIS A 98 -11.73 15.94 6.52
CA HIS A 98 -12.26 17.03 5.73
C HIS A 98 -12.13 18.36 6.46
N HIS A 99 -12.64 18.42 7.69
CA HIS A 99 -12.62 19.66 8.49
C HIS A 99 -11.22 19.98 9.02
N HIS A 100 -10.74 19.11 9.93
CA HIS A 100 -9.43 19.27 10.58
C HIS A 100 -9.41 20.49 11.50
N HIS A 101 -9.49 21.67 10.92
CA HIS A 101 -9.49 22.92 11.71
C HIS A 101 -10.15 24.05 10.92
N LYS A 4 -9.76 2.97 21.82
CA LYS A 4 -10.21 3.15 20.46
C LYS A 4 -9.04 3.46 19.55
N VAL A 5 -8.51 2.43 18.92
CA VAL A 5 -7.43 2.58 17.98
C VAL A 5 -7.61 1.60 16.83
N ILE A 6 -7.41 2.09 15.62
CA ILE A 6 -7.52 1.25 14.45
C ILE A 6 -6.25 0.45 14.24
N ASP A 7 -6.41 -0.85 14.06
CA ASP A 7 -5.27 -1.72 13.86
C ASP A 7 -4.89 -1.74 12.38
N ILE A 8 -3.85 -1.01 12.06
CA ILE A 8 -3.39 -0.91 10.70
C ILE A 8 -2.42 -2.01 10.38
N LYS A 9 -2.66 -2.69 9.28
CA LYS A 9 -1.84 -3.80 8.86
C LYS A 9 -0.65 -3.28 8.06
N GLU A 10 0.53 -3.79 8.33
CA GLU A 10 1.69 -3.35 7.58
C GLU A 10 2.19 -4.45 6.67
N ILE A 11 2.10 -4.21 5.38
CA ILE A 11 2.60 -5.13 4.41
C ILE A 11 3.87 -4.55 3.79
N LYS A 12 5.00 -5.17 4.13
CA LYS A 12 6.30 -4.67 3.71
C LYS A 12 6.85 -5.47 2.54
N LEU A 13 7.22 -4.78 1.49
CA LEU A 13 7.78 -5.40 0.30
C LEU A 13 9.21 -4.93 0.09
N SER A 14 9.83 -5.40 -0.96
CA SER A 14 11.19 -5.05 -1.25
C SER A 14 11.36 -4.81 -2.73
N VAL A 15 12.39 -4.06 -3.10
CA VAL A 15 12.70 -3.84 -4.49
C VAL A 15 13.09 -5.19 -5.15
N LYS A 16 13.79 -6.03 -4.37
CA LYS A 16 14.13 -7.38 -4.80
C LYS A 16 12.94 -8.32 -4.53
N ILE A 17 11.85 -8.09 -5.22
CA ILE A 17 10.65 -8.91 -5.06
C ILE A 17 10.23 -9.50 -6.40
N ALA A 18 9.62 -10.67 -6.35
CA ALA A 18 9.09 -11.31 -7.54
C ALA A 18 7.72 -10.74 -7.86
N GLN A 19 7.35 -10.75 -9.13
CA GLN A 19 6.07 -10.22 -9.57
C GLN A 19 4.93 -11.05 -8.96
N ASN A 20 5.17 -12.34 -8.82
CA ASN A 20 4.19 -13.25 -8.23
C ASN A 20 3.88 -12.88 -6.79
N ASP A 21 4.91 -12.49 -6.05
CA ASP A 21 4.74 -12.12 -4.64
C ASP A 21 3.88 -10.88 -4.51
N ILE A 22 4.06 -9.93 -5.44
CA ILE A 22 3.28 -8.70 -5.44
C ILE A 22 1.81 -9.04 -5.60
N ASN A 23 1.53 -9.96 -6.50
CA ASN A 23 0.18 -10.43 -6.79
C ASN A 23 -0.45 -11.03 -5.54
N TYR A 24 0.35 -11.80 -4.85
CA TYR A 24 -0.06 -12.43 -3.63
C TYR A 24 -0.37 -11.40 -2.54
N LYS A 25 0.48 -10.38 -2.41
CA LYS A 25 0.32 -9.37 -1.36
C LYS A 25 -0.97 -8.56 -1.54
N VAL A 26 -1.27 -8.15 -2.77
CA VAL A 26 -2.50 -7.38 -3.02
C VAL A 26 -3.74 -8.21 -2.81
N LYS A 27 -3.63 -9.52 -3.02
CA LYS A 27 -4.73 -10.45 -2.81
C LYS A 27 -5.19 -10.38 -1.36
N HIS A 28 -4.22 -10.38 -0.46
CA HIS A 28 -4.47 -10.29 0.97
C HIS A 28 -4.85 -8.88 1.40
N ALA A 29 -4.23 -7.90 0.77
CA ALA A 29 -4.49 -6.50 1.11
C ALA A 29 -5.95 -6.15 0.88
N LEU A 30 -6.53 -6.72 -0.17
CA LEU A 30 -7.92 -6.46 -0.51
C LEU A 30 -8.85 -6.92 0.60
N GLU A 31 -8.56 -8.08 1.18
CA GLU A 31 -9.41 -8.66 2.21
C GLU A 31 -9.52 -7.74 3.43
N PHE A 32 -8.39 -7.19 3.85
CA PHE A 32 -8.37 -6.29 5.00
C PHE A 32 -9.12 -5.00 4.70
N LEU A 33 -9.01 -4.55 3.46
CA LEU A 33 -9.67 -3.34 3.02
C LEU A 33 -11.17 -3.50 3.11
N GLU A 34 -11.65 -4.68 2.74
CA GLU A 34 -13.06 -5.02 2.81
C GLU A 34 -13.57 -4.89 4.25
N GLN A 35 -12.69 -5.20 5.18
CA GLN A 35 -12.99 -5.16 6.60
C GLN A 35 -12.94 -3.72 7.13
N GLY A 36 -12.53 -2.80 6.29
CA GLY A 36 -12.39 -1.41 6.70
C GLY A 36 -11.07 -1.16 7.37
N LYS A 37 -10.13 -2.06 7.14
CA LYS A 37 -8.80 -1.94 7.71
C LYS A 37 -7.86 -1.23 6.78
N HIS A 38 -6.86 -0.61 7.35
CA HIS A 38 -5.87 0.10 6.61
C HIS A 38 -4.64 -0.75 6.41
N VAL A 39 -4.06 -0.65 5.23
CA VAL A 39 -2.84 -1.34 4.93
C VAL A 39 -1.76 -0.32 4.66
N ARG A 40 -0.66 -0.47 5.33
CA ARG A 40 0.45 0.40 5.17
C ARG A 40 1.49 -0.30 4.30
N PHE A 41 1.67 0.20 3.10
CA PHE A 41 2.63 -0.39 2.19
C PHE A 41 3.96 0.28 2.36
N ARG A 42 4.94 -0.51 2.71
CA ARG A 42 6.27 0.00 2.96
C ARG A 42 7.29 -0.84 2.22
N VAL A 43 8.25 -0.19 1.62
CA VAL A 43 9.30 -0.90 0.93
C VAL A 43 10.66 -0.43 1.37
N PHE A 44 11.55 -1.38 1.60
CA PHE A 44 12.89 -1.07 2.02
C PHE A 44 13.83 -1.12 0.83
N LEU A 45 14.64 -0.08 0.68
CA LEU A 45 15.61 -0.06 -0.39
C LEU A 45 16.92 -0.55 0.15
N LYS A 46 17.48 -1.55 -0.47
CA LYS A 46 18.65 -2.19 0.08
C LYS A 46 19.94 -1.76 -0.61
N GLY A 47 20.90 -1.35 0.20
CA GLY A 47 22.20 -0.97 -0.32
C GLY A 47 22.19 0.34 -1.10
N ARG A 48 22.59 0.26 -2.35
CA ARG A 48 22.74 1.43 -3.22
C ARG A 48 21.39 1.95 -3.71
N GLU A 49 20.34 1.19 -3.45
CA GLU A 49 19.01 1.56 -3.87
C GLU A 49 18.52 2.82 -3.13
N MET A 50 19.12 3.06 -1.96
CA MET A 50 18.78 4.20 -1.13
C MET A 50 19.10 5.53 -1.82
N ALA A 51 19.98 5.47 -2.82
CA ALA A 51 20.37 6.66 -3.54
C ALA A 51 19.26 7.16 -4.45
N THR A 52 18.26 6.32 -4.69
CA THR A 52 17.17 6.70 -5.55
C THR A 52 15.81 6.19 -5.01
N PRO A 53 15.02 7.12 -4.47
CA PRO A 53 13.73 6.80 -3.83
C PRO A 53 12.65 6.32 -4.81
N GLU A 54 12.82 6.64 -6.09
CA GLU A 54 11.82 6.30 -7.09
C GLU A 54 11.69 4.79 -7.31
N ALA A 55 12.71 4.03 -6.93
CA ALA A 55 12.66 2.58 -7.02
C ALA A 55 11.54 2.05 -6.13
N GLY A 56 11.46 2.60 -4.92
CA GLY A 56 10.40 2.23 -4.00
C GLY A 56 9.06 2.73 -4.48
N VAL A 57 9.07 3.92 -5.05
CA VAL A 57 7.86 4.55 -5.56
C VAL A 57 7.25 3.74 -6.69
N ALA A 58 8.09 3.27 -7.61
CA ALA A 58 7.62 2.48 -8.74
C ALA A 58 6.96 1.20 -8.27
N LEU A 59 7.55 0.58 -7.27
CA LEU A 59 7.01 -0.66 -6.71
C LEU A 59 5.62 -0.39 -6.12
N LEU A 60 5.51 0.68 -5.35
CA LEU A 60 4.26 1.03 -4.69
C LEU A 60 3.16 1.38 -5.70
N GLU A 61 3.52 2.12 -6.74
CA GLU A 61 2.54 2.49 -7.76
C GLU A 61 2.04 1.25 -8.50
N LYS A 62 2.92 0.30 -8.68
CA LYS A 62 2.57 -0.96 -9.32
C LYS A 62 1.53 -1.69 -8.46
N ILE A 63 1.74 -1.66 -7.15
CA ILE A 63 0.81 -2.23 -6.18
C ILE A 63 -0.52 -1.49 -6.23
N TRP A 64 -0.43 -0.17 -6.28
CA TRP A 64 -1.60 0.69 -6.30
C TRP A 64 -2.55 0.35 -7.44
N THR A 65 -2.01 0.11 -8.62
CA THR A 65 -2.85 -0.21 -9.77
C THR A 65 -3.62 -1.51 -9.59
N MET A 66 -3.14 -2.36 -8.72
CA MET A 66 -3.80 -3.63 -8.46
C MET A 66 -4.95 -3.50 -7.45
N ILE A 67 -4.81 -2.56 -6.52
CA ILE A 67 -5.80 -2.41 -5.45
C ILE A 67 -6.67 -1.16 -5.59
N GLU A 68 -6.37 -0.32 -6.57
CA GLU A 68 -7.06 0.96 -6.75
C GLU A 68 -8.59 0.82 -6.83
N ASN A 69 -9.07 -0.29 -7.34
CA ASN A 69 -10.50 -0.49 -7.48
C ASN A 69 -11.20 -0.75 -6.12
N GLU A 70 -10.44 -1.22 -5.14
CA GLU A 70 -11.01 -1.50 -3.82
C GLU A 70 -10.48 -0.52 -2.77
N ALA A 71 -9.35 0.08 -3.07
CA ALA A 71 -8.68 0.97 -2.15
C ALA A 71 -8.60 2.38 -2.69
N ASN A 72 -8.60 3.35 -1.80
CA ASN A 72 -8.42 4.72 -2.16
C ASN A 72 -7.10 5.20 -1.62
N ARG A 73 -6.40 5.94 -2.41
CA ARG A 73 -5.09 6.41 -2.04
C ARG A 73 -5.21 7.54 -1.03
N ASP A 74 -4.66 7.35 0.15
CA ASP A 74 -4.71 8.39 1.16
C ASP A 74 -3.57 9.37 0.97
N LYS A 75 -2.42 8.85 0.61
CA LYS A 75 -1.26 9.68 0.46
C LYS A 75 -0.35 9.12 -0.64
N GLU A 76 0.46 9.99 -1.22
CA GLU A 76 1.40 9.60 -2.25
C GLU A 76 2.60 8.90 -1.62
N PRO A 77 3.29 8.05 -2.39
CA PRO A 77 4.50 7.38 -1.90
C PRO A 77 5.60 8.39 -1.56
N ASN A 78 6.28 8.16 -0.46
CA ASN A 78 7.33 9.05 -0.01
C ASN A 78 8.44 8.26 0.65
N PHE A 79 9.58 8.89 0.86
CA PHE A 79 10.71 8.24 1.48
C PHE A 79 10.91 8.74 2.91
N GLU A 80 10.65 7.86 3.86
CA GLU A 80 10.80 8.17 5.28
C GLU A 80 11.43 7.03 6.04
N GLY A 81 12.50 7.33 6.75
CA GLY A 81 13.15 6.34 7.57
C GLY A 81 13.78 5.22 6.75
N ARG A 82 14.28 5.57 5.56
CA ARG A 82 14.90 4.60 4.66
C ARG A 82 13.87 3.65 4.03
N TYR A 83 12.60 3.97 4.21
CA TYR A 83 11.51 3.22 3.61
C TYR A 83 10.68 4.11 2.71
N VAL A 84 10.17 3.56 1.65
CA VAL A 84 9.26 4.28 0.79
C VAL A 84 7.86 3.82 1.18
N ASN A 85 7.07 4.72 1.72
CA ASN A 85 5.77 4.36 2.26
C ASN A 85 4.63 4.92 1.43
N MET A 86 3.53 4.18 1.39
CA MET A 86 2.30 4.60 0.74
C MET A 86 1.12 4.06 1.53
N LEU A 87 0.18 4.93 1.85
CA LEU A 87 -0.94 4.55 2.67
C LEU A 87 -2.25 4.54 1.89
N VAL A 88 -2.99 3.46 2.02
CA VAL A 88 -4.27 3.32 1.33
C VAL A 88 -5.41 3.13 2.31
N THR A 89 -6.48 3.82 2.06
CA THR A 89 -7.68 3.70 2.85
C THR A 89 -8.70 2.92 2.05
N PRO A 90 -9.33 1.94 2.65
CA PRO A 90 -10.37 1.15 1.98
C PRO A 90 -11.57 2.01 1.64
N LYS A 91 -12.29 1.68 0.58
CA LYS A 91 -13.44 2.47 0.19
C LYS A 91 -14.56 2.32 1.22
N LYS A 92 -14.58 3.22 2.18
CA LYS A 92 -15.58 3.22 3.23
C LYS A 92 -15.91 4.65 3.61
N ALA A 93 -17.18 4.94 3.78
CA ALA A 93 -17.60 6.26 4.17
C ALA A 93 -17.67 6.37 5.69
N GLU A 94 -16.78 7.19 6.25
CA GLU A 94 -16.73 7.42 7.68
C GLU A 94 -15.89 8.66 7.98
N GLY A 95 -16.17 9.30 9.10
CA GLY A 95 -15.44 10.48 9.48
C GLY A 95 -16.34 11.69 9.61
N HIS A 96 -16.15 12.46 10.66
CA HIS A 96 -16.97 13.64 10.88
C HIS A 96 -16.35 14.86 10.23
N HIS A 97 -16.28 14.84 8.92
CA HIS A 97 -15.72 15.94 8.14
C HIS A 97 -16.53 16.12 6.87
N HIS A 98 -16.80 17.37 6.52
CA HIS A 98 -17.49 17.69 5.28
C HIS A 98 -16.76 18.80 4.56
N HIS A 99 -16.91 18.85 3.26
CA HIS A 99 -16.22 19.87 2.47
C HIS A 99 -17.19 20.85 1.83
N HIS A 100 -18.47 20.70 2.17
CA HIS A 100 -19.50 21.56 1.61
C HIS A 100 -20.69 21.63 2.55
N HIS A 101 -21.19 20.46 2.91
CA HIS A 101 -22.35 20.35 3.79
C HIS A 101 -22.07 20.94 5.16
N LYS A 4 -3.13 2.18 19.34
CA LYS A 4 -4.17 2.77 18.51
C LYS A 4 -5.42 1.90 18.53
N VAL A 5 -6.57 2.52 18.31
CA VAL A 5 -7.84 1.82 18.34
C VAL A 5 -7.96 0.84 17.20
N ILE A 6 -7.55 1.27 16.05
CA ILE A 6 -7.64 0.46 14.85
C ILE A 6 -6.29 -0.12 14.49
N ASP A 7 -6.24 -1.43 14.32
CA ASP A 7 -5.02 -2.12 13.93
C ASP A 7 -4.76 -1.96 12.46
N ILE A 8 -3.72 -1.26 12.13
CA ILE A 8 -3.33 -1.09 10.75
C ILE A 8 -2.16 -1.98 10.45
N LYS A 9 -2.38 -2.93 9.59
CA LYS A 9 -1.36 -3.88 9.23
C LYS A 9 -0.46 -3.29 8.19
N GLU A 10 0.78 -3.61 8.31
CA GLU A 10 1.76 -3.10 7.39
C GLU A 10 2.27 -4.19 6.48
N ILE A 11 2.20 -3.91 5.20
CA ILE A 11 2.67 -4.81 4.20
C ILE A 11 4.04 -4.34 3.72
N LYS A 12 5.08 -5.08 4.11
CA LYS A 12 6.45 -4.74 3.74
C LYS A 12 6.75 -5.20 2.34
N LEU A 13 7.45 -4.38 1.62
CA LEU A 13 7.78 -4.63 0.25
C LEU A 13 9.26 -4.35 0.01
N SER A 14 9.79 -4.82 -1.09
CA SER A 14 11.16 -4.55 -1.44
C SER A 14 11.29 -4.32 -2.93
N VAL A 15 12.28 -3.54 -3.33
CA VAL A 15 12.54 -3.29 -4.74
C VAL A 15 12.88 -4.61 -5.43
N LYS A 16 13.68 -5.42 -4.75
CA LYS A 16 14.04 -6.74 -5.26
C LYS A 16 12.91 -7.73 -4.92
N ILE A 17 11.75 -7.49 -5.47
CA ILE A 17 10.59 -8.34 -5.23
C ILE A 17 10.13 -9.03 -6.52
N ALA A 18 9.54 -10.20 -6.38
CA ALA A 18 9.04 -10.95 -7.53
C ALA A 18 7.60 -10.56 -7.82
N GLN A 19 7.21 -10.67 -9.09
CA GLN A 19 5.85 -10.30 -9.52
C GLN A 19 4.81 -11.20 -8.84
N ASN A 20 5.17 -12.46 -8.63
CA ASN A 20 4.29 -13.42 -7.97
C ASN A 20 4.00 -12.95 -6.54
N ASP A 21 5.04 -12.44 -5.86
CA ASP A 21 4.91 -11.96 -4.48
C ASP A 21 4.01 -10.72 -4.43
N ILE A 22 4.11 -9.88 -5.45
CA ILE A 22 3.31 -8.66 -5.53
C ILE A 22 1.82 -9.02 -5.57
N ASN A 23 1.50 -10.04 -6.34
CA ASN A 23 0.14 -10.54 -6.45
C ASN A 23 -0.39 -11.01 -5.11
N TYR A 24 0.44 -11.74 -4.41
CA TYR A 24 0.10 -12.25 -3.10
C TYR A 24 -0.14 -11.11 -2.11
N LYS A 25 0.73 -10.12 -2.13
CA LYS A 25 0.64 -8.99 -1.21
C LYS A 25 -0.64 -8.18 -1.42
N VAL A 26 -0.98 -7.88 -2.66
CA VAL A 26 -2.19 -7.11 -2.96
C VAL A 26 -3.44 -7.90 -2.61
N LYS A 27 -3.40 -9.21 -2.85
CA LYS A 27 -4.52 -10.09 -2.51
C LYS A 27 -4.80 -10.04 -1.01
N HIS A 28 -3.74 -10.16 -0.23
CA HIS A 28 -3.84 -10.12 1.22
C HIS A 28 -4.25 -8.72 1.70
N ALA A 29 -3.70 -7.70 1.04
CA ALA A 29 -3.98 -6.30 1.39
C ALA A 29 -5.45 -5.95 1.22
N LEU A 30 -6.07 -6.52 0.20
CA LEU A 30 -7.47 -6.26 -0.11
C LEU A 30 -8.37 -6.68 1.06
N GLU A 31 -8.06 -7.81 1.67
CA GLU A 31 -8.86 -8.35 2.76
C GLU A 31 -8.92 -7.39 3.96
N PHE A 32 -7.79 -6.79 4.29
CA PHE A 32 -7.74 -5.84 5.41
C PHE A 32 -8.61 -4.64 5.14
N LEU A 33 -8.60 -4.22 3.88
CA LEU A 33 -9.39 -3.10 3.45
C LEU A 33 -10.88 -3.42 3.61
N GLU A 34 -11.24 -4.64 3.25
CA GLU A 34 -12.61 -5.12 3.36
C GLU A 34 -13.09 -5.12 4.81
N GLN A 35 -12.15 -5.13 5.74
CA GLN A 35 -12.48 -5.16 7.16
C GLN A 35 -12.72 -3.75 7.68
N GLY A 36 -12.47 -2.76 6.83
CA GLY A 36 -12.64 -1.38 7.23
C GLY A 36 -11.36 -0.83 7.83
N LYS A 37 -10.27 -1.53 7.60
CA LYS A 37 -8.97 -1.11 8.09
C LYS A 37 -8.12 -0.55 6.96
N HIS A 38 -6.95 -0.08 7.30
CA HIS A 38 -6.03 0.48 6.31
C HIS A 38 -4.80 -0.41 6.19
N VAL A 39 -4.11 -0.30 5.08
CA VAL A 39 -2.87 -1.02 4.89
C VAL A 39 -1.73 -0.03 4.83
N ARG A 40 -0.72 -0.31 5.61
CA ARG A 40 0.45 0.52 5.65
C ARG A 40 1.53 -0.12 4.78
N PHE A 41 1.72 0.42 3.60
CA PHE A 41 2.71 -0.13 2.69
C PHE A 41 4.06 0.46 2.99
N ARG A 42 4.97 -0.38 3.38
CA ARG A 42 6.31 0.04 3.72
C ARG A 42 7.32 -0.76 2.92
N VAL A 43 7.97 -0.11 1.98
CA VAL A 43 8.93 -0.78 1.14
C VAL A 43 10.34 -0.39 1.52
N PHE A 44 11.16 -1.38 1.73
CA PHE A 44 12.55 -1.17 2.07
C PHE A 44 13.38 -1.25 0.80
N LEU A 45 14.26 -0.29 0.61
CA LEU A 45 15.10 -0.29 -0.56
C LEU A 45 16.29 -1.23 -0.37
N LYS A 46 16.04 -2.49 -0.62
CA LYS A 46 17.07 -3.51 -0.49
C LYS A 46 18.01 -3.46 -1.68
N GLY A 47 19.30 -3.47 -1.40
CA GLY A 47 20.28 -3.41 -2.46
C GLY A 47 21.06 -2.11 -2.47
N ARG A 48 21.32 -1.60 -3.66
CA ARG A 48 22.07 -0.36 -3.82
C ARG A 48 21.14 0.76 -4.23
N GLU A 49 19.87 0.41 -4.39
CA GLU A 49 18.83 1.34 -4.79
C GLU A 49 18.43 2.27 -3.64
N MET A 50 19.02 2.08 -2.47
CA MET A 50 18.73 2.89 -1.31
C MET A 50 19.07 4.38 -1.54
N ALA A 51 19.94 4.64 -2.50
CA ALA A 51 20.32 6.01 -2.83
C ALA A 51 19.22 6.70 -3.65
N THR A 52 18.29 5.90 -4.16
CA THR A 52 17.20 6.44 -4.97
C THR A 52 15.84 6.08 -4.40
N PRO A 53 15.19 7.05 -3.76
CA PRO A 53 13.87 6.87 -3.14
C PRO A 53 12.77 6.63 -4.16
N GLU A 54 13.05 6.99 -5.41
CA GLU A 54 12.08 6.82 -6.49
C GLU A 54 11.77 5.34 -6.70
N ALA A 55 12.75 4.47 -6.41
CA ALA A 55 12.57 3.05 -6.60
C ALA A 55 11.38 2.53 -5.81
N GLY A 56 11.28 2.99 -4.56
CA GLY A 56 10.15 2.61 -3.72
C GLY A 56 8.85 3.15 -4.25
N VAL A 57 8.88 4.39 -4.70
CA VAL A 57 7.69 5.05 -5.25
C VAL A 57 7.20 4.33 -6.51
N ALA A 58 8.14 4.00 -7.39
CA ALA A 58 7.83 3.31 -8.63
C ALA A 58 7.20 1.95 -8.35
N LEU A 59 7.75 1.25 -7.37
CA LEU A 59 7.22 -0.06 -6.97
C LEU A 59 5.79 0.10 -6.45
N LEU A 60 5.59 1.11 -5.61
CA LEU A 60 4.31 1.38 -5.01
C LEU A 60 3.27 1.76 -6.06
N GLU A 61 3.66 2.55 -7.05
CA GLU A 61 2.76 2.93 -8.14
C GLU A 61 2.22 1.70 -8.87
N LYS A 62 3.09 0.73 -9.11
CA LYS A 62 2.71 -0.50 -9.80
C LYS A 62 1.69 -1.26 -8.95
N ILE A 63 2.00 -1.38 -7.67
CA ILE A 63 1.17 -2.08 -6.70
C ILE A 63 -0.17 -1.35 -6.52
N TRP A 64 -0.11 -0.04 -6.44
CA TRP A 64 -1.30 0.79 -6.29
C TRP A 64 -2.28 0.54 -7.43
N THR A 65 -1.76 0.37 -8.63
CA THR A 65 -2.59 0.09 -9.78
C THR A 65 -3.35 -1.24 -9.60
N MET A 66 -2.71 -2.18 -8.93
CA MET A 66 -3.31 -3.49 -8.66
C MET A 66 -4.48 -3.39 -7.65
N ILE A 67 -4.32 -2.55 -6.63
CA ILE A 67 -5.32 -2.47 -5.54
C ILE A 67 -6.32 -1.35 -5.69
N GLU A 68 -6.10 -0.43 -6.64
CA GLU A 68 -7.01 0.72 -6.81
C GLU A 68 -8.45 0.30 -7.07
N ASN A 69 -8.65 -0.97 -7.42
CA ASN A 69 -9.98 -1.50 -7.66
C ASN A 69 -10.82 -1.40 -6.39
N GLU A 70 -10.21 -1.71 -5.25
CA GLU A 70 -10.93 -1.75 -3.99
C GLU A 70 -10.23 -0.88 -2.95
N ALA A 71 -9.33 -0.03 -3.40
CA ALA A 71 -8.58 0.81 -2.50
C ALA A 71 -8.51 2.23 -3.02
N ASN A 72 -8.54 3.16 -2.11
CA ASN A 72 -8.39 4.57 -2.41
C ASN A 72 -7.09 5.03 -1.80
N ARG A 73 -6.39 5.88 -2.47
CA ARG A 73 -5.12 6.31 -1.98
C ARG A 73 -5.25 7.60 -1.22
N ASP A 74 -4.99 7.53 0.08
CA ASP A 74 -5.11 8.69 0.95
C ASP A 74 -4.08 9.76 0.57
N LYS A 75 -2.87 9.32 0.27
CA LYS A 75 -1.80 10.23 -0.11
C LYS A 75 -0.76 9.48 -0.95
N GLU A 76 0.04 10.23 -1.69
CA GLU A 76 1.09 9.66 -2.53
C GLU A 76 2.20 9.07 -1.65
N PRO A 77 3.03 8.17 -2.22
CA PRO A 77 4.15 7.56 -1.49
C PRO A 77 5.16 8.60 -0.99
N ASN A 78 5.73 8.31 0.16
CA ASN A 78 6.70 9.21 0.78
C ASN A 78 7.87 8.42 1.37
N PHE A 79 9.07 8.93 1.17
CA PHE A 79 10.27 8.27 1.69
C PHE A 79 10.59 8.76 3.10
N GLU A 80 10.72 7.84 4.02
CA GLU A 80 11.07 8.17 5.39
C GLU A 80 12.00 7.11 5.95
N GLY A 81 13.14 7.55 6.46
CA GLY A 81 14.13 6.62 6.97
C GLY A 81 14.75 5.83 5.84
N ARG A 82 14.42 4.55 5.77
CA ARG A 82 14.91 3.70 4.70
C ARG A 82 13.74 3.02 3.99
N TYR A 83 12.55 3.50 4.27
CA TYR A 83 11.33 2.94 3.69
C TYR A 83 10.59 3.99 2.89
N VAL A 84 9.87 3.53 1.90
CA VAL A 84 8.97 4.37 1.16
C VAL A 84 7.57 3.92 1.54
N ASN A 85 6.77 4.82 2.05
CA ASN A 85 5.50 4.46 2.62
C ASN A 85 4.34 5.00 1.81
N MET A 86 3.30 4.20 1.73
CA MET A 86 2.06 4.61 1.07
C MET A 86 0.88 4.12 1.90
N LEU A 87 0.00 5.03 2.23
CA LEU A 87 -1.16 4.70 3.03
C LEU A 87 -2.39 4.63 2.15
N VAL A 88 -3.08 3.52 2.23
CA VAL A 88 -4.28 3.31 1.44
C VAL A 88 -5.50 3.14 2.31
N THR A 89 -6.59 3.72 1.88
CA THR A 89 -7.84 3.62 2.57
C THR A 89 -8.75 2.70 1.77
N PRO A 90 -9.51 1.82 2.42
CA PRO A 90 -10.39 0.89 1.73
C PRO A 90 -11.50 1.61 0.97
N LYS A 91 -11.81 1.13 -0.20
CA LYS A 91 -12.90 1.69 -0.97
C LYS A 91 -14.19 1.02 -0.53
N LYS A 92 -14.92 1.66 0.36
CA LYS A 92 -16.15 1.09 0.88
C LYS A 92 -17.24 1.05 -0.19
N ALA A 93 -17.74 -0.15 -0.43
CA ALA A 93 -18.75 -0.37 -1.45
C ALA A 93 -20.15 -0.21 -0.87
N GLU A 94 -20.23 0.01 0.43
CA GLU A 94 -21.51 0.20 1.12
C GLU A 94 -22.19 1.46 0.60
N GLY A 95 -21.43 2.51 0.41
CA GLY A 95 -21.97 3.75 -0.09
C GLY A 95 -21.26 4.95 0.48
N HIS A 96 -21.30 6.05 -0.25
CA HIS A 96 -20.67 7.30 0.16
C HIS A 96 -21.73 8.25 0.72
N HIS A 97 -22.89 7.70 1.00
CA HIS A 97 -24.02 8.46 1.48
C HIS A 97 -24.86 7.60 2.40
N HIS A 98 -25.71 8.22 3.19
CA HIS A 98 -26.57 7.50 4.11
C HIS A 98 -27.83 8.30 4.39
N HIS A 99 -28.94 7.62 4.52
CA HIS A 99 -30.22 8.26 4.83
C HIS A 99 -31.23 7.22 5.28
N HIS A 100 -32.21 7.65 6.04
CA HIS A 100 -33.25 6.75 6.52
C HIS A 100 -34.62 7.31 6.13
N HIS A 101 -34.95 8.47 6.69
CA HIS A 101 -36.19 9.16 6.41
C HIS A 101 -35.98 10.65 6.50
N LYS A 4 -9.52 5.68 17.01
CA LYS A 4 -8.64 4.88 16.16
C LYS A 4 -8.31 3.55 16.81
N VAL A 5 -9.30 2.67 16.80
CA VAL A 5 -9.16 1.33 17.36
C VAL A 5 -8.96 0.33 16.23
N ILE A 6 -8.68 0.87 15.06
CA ILE A 6 -8.50 0.07 13.88
C ILE A 6 -7.03 -0.31 13.73
N ASP A 7 -6.75 -1.59 13.84
CA ASP A 7 -5.38 -2.08 13.71
C ASP A 7 -4.98 -2.09 12.26
N ILE A 8 -4.01 -1.29 11.93
CA ILE A 8 -3.54 -1.17 10.58
C ILE A 8 -2.46 -2.17 10.30
N LYS A 9 -2.63 -2.88 9.21
CA LYS A 9 -1.71 -3.91 8.83
C LYS A 9 -0.58 -3.31 8.05
N GLU A 10 0.62 -3.72 8.35
CA GLU A 10 1.77 -3.20 7.68
C GLU A 10 2.34 -4.25 6.75
N ILE A 11 2.16 -4.04 5.46
CA ILE A 11 2.69 -4.94 4.47
C ILE A 11 4.06 -4.46 4.05
N LYS A 12 5.07 -5.17 4.50
CA LYS A 12 6.45 -4.82 4.20
C LYS A 12 6.86 -5.35 2.86
N LEU A 13 7.49 -4.50 2.09
CA LEU A 13 7.92 -4.82 0.76
C LEU A 13 9.40 -4.55 0.62
N SER A 14 9.97 -4.98 -0.47
CA SER A 14 11.36 -4.76 -0.74
C SER A 14 11.53 -4.45 -2.22
N VAL A 15 12.53 -3.67 -2.56
CA VAL A 15 12.85 -3.41 -3.96
C VAL A 15 13.16 -4.72 -4.67
N LYS A 16 13.94 -5.55 -4.01
CA LYS A 16 14.25 -6.85 -4.51
C LYS A 16 13.08 -7.83 -4.26
N ILE A 17 11.96 -7.51 -4.87
CA ILE A 17 10.74 -8.29 -4.73
C ILE A 17 10.40 -9.00 -6.04
N ALA A 18 9.57 -10.03 -5.96
CA ALA A 18 9.13 -10.77 -7.12
C ALA A 18 7.73 -10.31 -7.52
N GLN A 19 7.43 -10.41 -8.82
CA GLN A 19 6.14 -9.96 -9.34
C GLN A 19 4.99 -10.84 -8.82
N ASN A 20 5.23 -12.14 -8.73
CA ASN A 20 4.21 -13.06 -8.21
C ASN A 20 3.97 -12.79 -6.73
N ASP A 21 5.03 -12.39 -6.03
CA ASP A 21 4.95 -12.04 -4.62
C ASP A 21 4.06 -10.82 -4.43
N ILE A 22 4.16 -9.87 -5.37
CA ILE A 22 3.33 -8.67 -5.36
C ILE A 22 1.85 -9.04 -5.50
N ASN A 23 1.57 -9.96 -6.41
CA ASN A 23 0.19 -10.41 -6.68
C ASN A 23 -0.43 -11.04 -5.45
N TYR A 24 0.34 -11.84 -4.78
CA TYR A 24 -0.09 -12.52 -3.59
C TYR A 24 -0.45 -11.51 -2.48
N LYS A 25 0.43 -10.55 -2.28
CA LYS A 25 0.26 -9.54 -1.23
C LYS A 25 -0.95 -8.61 -1.48
N VAL A 26 -1.16 -8.19 -2.73
CA VAL A 26 -2.33 -7.34 -3.02
C VAL A 26 -3.63 -8.07 -2.77
N LYS A 27 -3.65 -9.37 -3.04
CA LYS A 27 -4.85 -10.17 -2.79
C LYS A 27 -5.18 -10.16 -1.30
N HIS A 28 -4.14 -10.27 -0.48
CA HIS A 28 -4.31 -10.20 0.97
C HIS A 28 -4.71 -8.80 1.42
N ALA A 29 -4.09 -7.79 0.82
CA ALA A 29 -4.38 -6.39 1.15
C ALA A 29 -5.84 -6.07 0.89
N LEU A 30 -6.38 -6.64 -0.17
CA LEU A 30 -7.78 -6.44 -0.52
C LEU A 30 -8.69 -6.97 0.58
N GLU A 31 -8.31 -8.10 1.15
CA GLU A 31 -9.07 -8.74 2.21
C GLU A 31 -9.11 -7.88 3.47
N PHE A 32 -7.97 -7.32 3.86
CA PHE A 32 -7.89 -6.47 5.05
C PHE A 32 -8.70 -5.19 4.87
N LEU A 33 -8.71 -4.69 3.65
CA LEU A 33 -9.44 -3.49 3.31
C LEU A 33 -10.94 -3.68 3.53
N GLU A 34 -11.43 -4.86 3.18
CA GLU A 34 -12.83 -5.22 3.34
C GLU A 34 -13.32 -4.97 4.77
N GLN A 35 -12.49 -5.28 5.76
CA GLN A 35 -12.84 -5.06 7.17
C GLN A 35 -12.85 -3.57 7.53
N GLY A 36 -12.47 -2.73 6.59
CA GLY A 36 -12.47 -1.31 6.82
C GLY A 36 -11.17 -0.82 7.42
N LYS A 37 -10.12 -1.61 7.26
CA LYS A 37 -8.83 -1.25 7.81
C LYS A 37 -7.93 -0.69 6.73
N HIS A 38 -6.75 -0.26 7.12
CA HIS A 38 -5.79 0.30 6.20
C HIS A 38 -4.60 -0.62 6.08
N VAL A 39 -3.91 -0.53 4.96
CA VAL A 39 -2.67 -1.24 4.77
C VAL A 39 -1.55 -0.23 4.62
N ARG A 40 -0.51 -0.40 5.40
CA ARG A 40 0.63 0.48 5.35
C ARG A 40 1.74 -0.24 4.60
N PHE A 41 2.03 0.22 3.41
CA PHE A 41 3.06 -0.40 2.63
C PHE A 41 4.41 0.21 2.95
N ARG A 42 5.26 -0.56 3.57
CA ARG A 42 6.58 -0.11 3.95
C ARG A 42 7.63 -0.90 3.20
N VAL A 43 8.44 -0.24 2.43
CA VAL A 43 9.46 -0.90 1.65
C VAL A 43 10.84 -0.41 2.01
N PHE A 44 11.72 -1.35 2.27
CA PHE A 44 13.09 -1.06 2.56
C PHE A 44 13.91 -1.18 1.29
N LEU A 45 14.70 -0.18 1.00
CA LEU A 45 15.50 -0.17 -0.21
C LEU A 45 16.72 -1.06 -0.06
N LYS A 46 16.56 -2.34 -0.31
CA LYS A 46 17.67 -3.25 -0.25
C LYS A 46 18.41 -3.21 -1.57
N GLY A 47 19.68 -2.85 -1.53
CA GLY A 47 20.45 -2.78 -2.73
C GLY A 47 21.21 -1.49 -2.85
N ARG A 48 21.16 -0.88 -4.02
CA ARG A 48 21.89 0.36 -4.27
C ARG A 48 20.94 1.45 -4.74
N GLU A 49 19.66 1.17 -4.64
CA GLU A 49 18.61 2.08 -5.02
C GLU A 49 18.35 3.11 -3.94
N MET A 50 19.17 3.10 -2.90
CA MET A 50 19.02 4.03 -1.79
C MET A 50 19.26 5.47 -2.26
N ALA A 51 20.13 5.61 -3.26
CA ALA A 51 20.44 6.90 -3.85
C ALA A 51 19.19 7.59 -4.43
N THR A 52 18.20 6.80 -4.83
CA THR A 52 16.99 7.35 -5.42
C THR A 52 15.76 6.53 -4.99
N PRO A 53 14.83 7.17 -4.26
CA PRO A 53 13.64 6.51 -3.69
C PRO A 53 12.59 6.17 -4.75
N GLU A 54 12.90 6.45 -6.02
CA GLU A 54 11.99 6.20 -7.11
C GLU A 54 11.63 4.72 -7.19
N ALA A 55 12.60 3.86 -6.88
CA ALA A 55 12.37 2.42 -6.92
C ALA A 55 11.27 2.03 -5.96
N GLY A 56 11.30 2.61 -4.76
CA GLY A 56 10.28 2.34 -3.77
C GLY A 56 8.94 2.93 -4.16
N VAL A 57 8.95 4.16 -4.66
CA VAL A 57 7.73 4.85 -5.05
C VAL A 57 7.03 4.12 -6.21
N ALA A 58 7.81 3.77 -7.22
CA ALA A 58 7.28 3.06 -8.38
C ALA A 58 6.76 1.69 -7.98
N LEU A 59 7.46 1.07 -7.04
CA LEU A 59 7.07 -0.23 -6.53
C LEU A 59 5.69 -0.15 -5.88
N LEU A 60 5.53 0.83 -5.01
CA LEU A 60 4.29 1.02 -4.28
C LEU A 60 3.15 1.39 -5.21
N GLU A 61 3.40 2.27 -6.18
CA GLU A 61 2.36 2.68 -7.10
C GLU A 61 1.91 1.54 -8.03
N LYS A 62 2.85 0.69 -8.43
CA LYS A 62 2.50 -0.46 -9.29
C LYS A 62 1.55 -1.38 -8.53
N ILE A 63 1.88 -1.60 -7.26
CA ILE A 63 1.08 -2.41 -6.37
C ILE A 63 -0.28 -1.76 -6.16
N TRP A 64 -0.27 -0.47 -5.96
CA TRP A 64 -1.46 0.34 -5.81
C TRP A 64 -2.40 0.21 -7.02
N THR A 65 -1.83 0.17 -8.21
CA THR A 65 -2.61 0.08 -9.43
C THR A 65 -3.46 -1.20 -9.46
N MET A 66 -2.98 -2.25 -8.82
CA MET A 66 -3.69 -3.52 -8.76
C MET A 66 -4.92 -3.46 -7.84
N ILE A 67 -4.84 -2.69 -6.76
CA ILE A 67 -5.91 -2.64 -5.75
C ILE A 67 -6.80 -1.38 -5.85
N GLU A 68 -6.41 -0.44 -6.70
CA GLU A 68 -7.14 0.83 -6.84
C GLU A 68 -8.62 0.65 -7.26
N ASN A 69 -8.97 -0.53 -7.74
CA ASN A 69 -10.34 -0.79 -8.21
C ASN A 69 -11.35 -0.87 -7.08
N GLU A 70 -10.86 -0.97 -5.85
CA GLU A 70 -11.73 -0.99 -4.68
C GLU A 70 -11.00 -0.40 -3.48
N ALA A 71 -10.10 0.52 -3.77
CA ALA A 71 -9.26 1.15 -2.75
C ALA A 71 -8.97 2.57 -3.14
N ASN A 72 -8.72 3.41 -2.16
CA ASN A 72 -8.39 4.80 -2.42
C ASN A 72 -7.05 5.15 -1.78
N ARG A 73 -6.21 5.86 -2.52
CA ARG A 73 -4.92 6.26 -2.06
C ARG A 73 -5.06 7.33 -0.99
N ASP A 74 -4.73 6.98 0.25
CA ASP A 74 -4.80 7.95 1.34
C ASP A 74 -3.72 8.99 1.17
N LYS A 75 -2.54 8.53 0.81
CA LYS A 75 -1.41 9.40 0.60
C LYS A 75 -0.41 8.78 -0.36
N GLU A 76 0.18 9.62 -1.19
CA GLU A 76 1.21 9.21 -2.13
C GLU A 76 2.42 8.66 -1.37
N PRO A 77 3.25 7.83 -2.03
CA PRO A 77 4.45 7.27 -1.39
C PRO A 77 5.41 8.35 -0.93
N ASN A 78 6.02 8.12 0.21
CA ASN A 78 6.94 9.06 0.81
C ASN A 78 8.16 8.35 1.34
N PHE A 79 9.32 8.89 1.03
CA PHE A 79 10.57 8.31 1.50
C PHE A 79 10.92 8.87 2.86
N GLU A 80 11.00 7.98 3.82
CA GLU A 80 11.31 8.34 5.18
C GLU A 80 12.41 7.45 5.72
N GLY A 81 13.57 8.03 5.94
CA GLY A 81 14.69 7.28 6.45
C GLY A 81 15.21 6.31 5.42
N ARG A 82 14.80 5.06 5.53
CA ARG A 82 15.20 4.04 4.59
C ARG A 82 13.97 3.31 4.04
N TYR A 83 12.80 3.83 4.35
CA TYR A 83 11.56 3.22 3.90
C TYR A 83 10.74 4.16 3.06
N VAL A 84 10.12 3.60 2.06
CA VAL A 84 9.18 4.32 1.24
C VAL A 84 7.78 3.85 1.67
N ASN A 85 6.98 4.76 2.18
CA ASN A 85 5.68 4.44 2.75
C ASN A 85 4.52 4.90 1.88
N MET A 86 3.47 4.12 1.84
CA MET A 86 2.24 4.48 1.15
C MET A 86 1.04 3.82 1.85
N LEU A 87 -0.03 4.58 2.02
CA LEU A 87 -1.23 4.09 2.70
C LEU A 87 -2.42 3.96 1.76
N VAL A 88 -3.11 2.84 1.88
CA VAL A 88 -4.31 2.59 1.10
C VAL A 88 -5.50 2.43 2.02
N THR A 89 -6.57 3.09 1.67
CA THR A 89 -7.79 3.01 2.43
C THR A 89 -8.80 2.24 1.61
N PRO A 90 -9.65 1.42 2.25
CA PRO A 90 -10.69 0.68 1.56
C PRO A 90 -11.70 1.66 0.97
N LYS A 91 -12.36 1.27 -0.10
CA LYS A 91 -13.26 2.18 -0.82
C LYS A 91 -14.30 2.78 0.12
N LYS A 92 -14.27 4.11 0.22
CA LYS A 92 -15.12 4.86 1.14
C LYS A 92 -16.59 4.73 0.80
N ALA A 93 -17.41 4.57 1.83
CA ALA A 93 -18.84 4.49 1.66
C ALA A 93 -19.38 5.90 1.43
N GLU A 94 -19.85 6.13 0.20
CA GLU A 94 -20.37 7.43 -0.23
C GLU A 94 -19.22 8.44 -0.42
N GLY A 95 -19.24 9.11 -1.55
CA GLY A 95 -18.19 10.03 -1.90
C GLY A 95 -17.73 9.80 -3.32
N HIS A 96 -16.52 9.28 -3.49
CA HIS A 96 -16.03 8.97 -4.82
C HIS A 96 -16.64 7.66 -5.31
N HIS A 97 -17.76 7.78 -5.98
CA HIS A 97 -18.49 6.64 -6.48
C HIS A 97 -17.67 5.93 -7.55
N HIS A 98 -17.23 6.71 -8.53
CA HIS A 98 -16.46 6.20 -9.64
C HIS A 98 -15.42 7.24 -10.05
N HIS A 99 -14.61 6.90 -11.04
CA HIS A 99 -13.58 7.80 -11.51
C HIS A 99 -13.62 7.92 -13.03
N HIS A 100 -13.57 9.14 -13.53
CA HIS A 100 -13.58 9.39 -14.96
C HIS A 100 -12.30 8.87 -15.60
N HIS A 101 -11.16 9.17 -14.99
CA HIS A 101 -9.88 8.74 -15.49
C HIS A 101 -8.88 8.64 -14.36
N LYS A 4 -9.35 5.46 18.24
CA LYS A 4 -10.07 4.40 18.95
C LYS A 4 -9.28 3.10 18.85
N VAL A 5 -8.01 3.24 18.46
CA VAL A 5 -7.10 2.11 18.25
C VAL A 5 -7.49 1.37 16.98
N ILE A 6 -6.84 1.72 15.89
CA ILE A 6 -7.12 1.12 14.60
C ILE A 6 -6.00 0.15 14.22
N ASP A 7 -6.37 -1.08 13.95
CA ASP A 7 -5.43 -2.09 13.56
C ASP A 7 -5.11 -1.95 12.08
N ILE A 8 -3.86 -1.69 11.79
CA ILE A 8 -3.43 -1.45 10.44
C ILE A 8 -2.39 -2.48 10.03
N LYS A 9 -2.58 -3.02 8.85
CA LYS A 9 -1.73 -4.10 8.38
C LYS A 9 -0.48 -3.56 7.74
N GLU A 10 0.63 -3.97 8.30
CA GLU A 10 1.92 -3.54 7.85
C GLU A 10 2.48 -4.53 6.82
N ILE A 11 2.46 -4.15 5.57
CA ILE A 11 3.01 -4.99 4.53
C ILE A 11 4.33 -4.41 4.02
N LYS A 12 5.41 -5.10 4.32
CA LYS A 12 6.74 -4.66 3.94
C LYS A 12 7.24 -5.41 2.72
N LEU A 13 7.72 -4.66 1.74
CA LEU A 13 8.22 -5.23 0.50
C LEU A 13 9.60 -4.69 0.19
N SER A 14 10.12 -5.08 -0.95
CA SER A 14 11.44 -4.67 -1.36
C SER A 14 11.42 -4.33 -2.84
N VAL A 15 12.36 -3.53 -3.29
CA VAL A 15 12.49 -3.18 -4.69
C VAL A 15 12.80 -4.43 -5.49
N LYS A 16 13.66 -5.25 -4.95
CA LYS A 16 14.04 -6.52 -5.54
C LYS A 16 13.11 -7.61 -5.02
N ILE A 17 11.88 -7.58 -5.48
CA ILE A 17 10.87 -8.56 -5.10
C ILE A 17 10.27 -9.25 -6.32
N ALA A 18 9.92 -10.52 -6.17
CA ALA A 18 9.30 -11.27 -7.23
C ALA A 18 7.88 -10.78 -7.46
N GLN A 19 7.45 -10.76 -8.71
CA GLN A 19 6.13 -10.27 -9.08
C GLN A 19 5.03 -11.15 -8.49
N ASN A 20 5.31 -12.44 -8.37
CA ASN A 20 4.34 -13.39 -7.81
C ASN A 20 4.01 -13.02 -6.36
N ASP A 21 5.03 -12.60 -5.61
CA ASP A 21 4.86 -12.20 -4.22
C ASP A 21 3.97 -10.95 -4.12
N ILE A 22 4.16 -10.03 -5.08
CA ILE A 22 3.36 -8.79 -5.11
C ILE A 22 1.87 -9.11 -5.29
N ASN A 23 1.61 -10.06 -6.18
CA ASN A 23 0.24 -10.52 -6.44
C ASN A 23 -0.39 -11.06 -5.19
N TYR A 24 0.39 -11.81 -4.45
CA TYR A 24 -0.01 -12.37 -3.19
C TYR A 24 -0.33 -11.24 -2.17
N LYS A 25 0.53 -10.22 -2.14
CA LYS A 25 0.38 -9.10 -1.21
C LYS A 25 -0.88 -8.26 -1.50
N VAL A 26 -1.15 -7.95 -2.78
CA VAL A 26 -2.34 -7.16 -3.12
C VAL A 26 -3.62 -7.90 -2.79
N LYS A 27 -3.59 -9.22 -2.93
CA LYS A 27 -4.72 -10.04 -2.58
C LYS A 27 -5.02 -9.87 -1.09
N HIS A 28 -3.97 -9.90 -0.28
CA HIS A 28 -4.11 -9.71 1.16
C HIS A 28 -4.62 -8.32 1.46
N ALA A 29 -4.08 -7.33 0.76
CA ALA A 29 -4.48 -5.96 0.96
C ALA A 29 -5.98 -5.79 0.80
N LEU A 30 -6.52 -6.34 -0.27
CA LEU A 30 -7.97 -6.24 -0.54
C LEU A 30 -8.78 -6.93 0.55
N GLU A 31 -8.31 -8.10 0.98
CA GLU A 31 -8.99 -8.88 1.99
C GLU A 31 -9.02 -8.15 3.34
N PHE A 32 -8.01 -7.34 3.62
CA PHE A 32 -7.99 -6.55 4.85
C PHE A 32 -8.73 -5.22 4.68
N LEU A 33 -8.70 -4.68 3.47
CA LEU A 33 -9.36 -3.42 3.17
C LEU A 33 -10.87 -3.54 3.37
N GLU A 34 -11.44 -4.61 2.86
CA GLU A 34 -12.87 -4.87 2.98
C GLU A 34 -13.29 -5.02 4.46
N GLN A 35 -12.32 -5.28 5.33
CA GLN A 35 -12.58 -5.40 6.76
C GLN A 35 -12.76 -4.02 7.37
N GLY A 36 -12.38 -2.98 6.64
CA GLY A 36 -12.49 -1.64 7.13
C GLY A 36 -11.19 -1.14 7.72
N LYS A 37 -10.10 -1.86 7.45
CA LYS A 37 -8.80 -1.46 7.97
C LYS A 37 -7.95 -0.83 6.89
N HIS A 38 -6.75 -0.45 7.26
CA HIS A 38 -5.82 0.19 6.33
C HIS A 38 -4.60 -0.69 6.15
N VAL A 39 -3.93 -0.53 5.02
CA VAL A 39 -2.69 -1.22 4.77
C VAL A 39 -1.58 -0.23 4.52
N ARG A 40 -0.47 -0.40 5.19
CA ARG A 40 0.66 0.44 4.97
C ARG A 40 1.75 -0.34 4.28
N PHE A 41 2.08 0.09 3.09
CA PHE A 41 3.12 -0.55 2.32
C PHE A 41 4.43 0.10 2.65
N ARG A 42 5.36 -0.68 3.14
CA ARG A 42 6.63 -0.16 3.54
C ARG A 42 7.72 -0.87 2.75
N VAL A 43 8.43 -0.13 1.94
CA VAL A 43 9.49 -0.73 1.17
C VAL A 43 10.83 -0.20 1.62
N PHE A 44 11.69 -1.12 1.98
CA PHE A 44 13.01 -0.77 2.42
C PHE A 44 13.97 -1.01 1.28
N LEU A 45 14.69 0.01 0.91
CA LEU A 45 15.64 -0.10 -0.17
C LEU A 45 16.87 -0.84 0.35
N LYS A 46 17.02 -2.08 -0.07
CA LYS A 46 18.03 -2.99 0.48
C LYS A 46 19.47 -2.57 0.14
N GLY A 47 19.91 -2.86 -1.07
CA GLY A 47 21.28 -2.59 -1.44
C GLY A 47 21.41 -1.76 -2.67
N ARG A 48 22.04 -0.58 -2.52
CA ARG A 48 22.27 0.39 -3.62
C ARG A 48 20.96 1.07 -4.05
N GLU A 49 19.85 0.43 -3.72
CA GLU A 49 18.53 0.92 -4.01
C GLU A 49 18.27 2.24 -3.29
N MET A 50 18.88 2.40 -2.11
CA MET A 50 18.71 3.59 -1.29
C MET A 50 19.25 4.85 -1.99
N ALA A 51 20.12 4.64 -2.98
CA ALA A 51 20.69 5.75 -3.73
C ALA A 51 19.65 6.37 -4.67
N THR A 52 18.54 5.66 -4.87
CA THR A 52 17.48 6.15 -5.74
C THR A 52 16.10 5.81 -5.14
N PRO A 53 15.46 6.82 -4.53
CA PRO A 53 14.16 6.67 -3.87
C PRO A 53 13.03 6.42 -4.87
N GLU A 54 13.32 6.72 -6.13
CA GLU A 54 12.38 6.57 -7.23
C GLU A 54 11.90 5.11 -7.34
N ALA A 55 12.80 4.18 -7.02
CA ALA A 55 12.51 2.76 -7.11
C ALA A 55 11.40 2.35 -6.13
N GLY A 56 11.43 2.92 -4.94
CA GLY A 56 10.41 2.63 -3.96
C GLY A 56 9.06 3.09 -4.40
N VAL A 57 9.02 4.28 -4.99
CA VAL A 57 7.78 4.85 -5.48
C VAL A 57 7.22 4.03 -6.63
N ALA A 58 8.10 3.63 -7.55
CA ALA A 58 7.68 2.83 -8.72
C ALA A 58 7.06 1.51 -8.29
N LEU A 59 7.66 0.90 -7.27
CA LEU A 59 7.15 -0.36 -6.74
C LEU A 59 5.73 -0.18 -6.19
N LEU A 60 5.56 0.86 -5.38
CA LEU A 60 4.28 1.14 -4.75
C LEU A 60 3.21 1.48 -5.77
N GLU A 61 3.57 2.28 -6.78
CA GLU A 61 2.61 2.67 -7.82
C GLU A 61 2.18 1.45 -8.62
N LYS A 62 3.10 0.53 -8.85
CA LYS A 62 2.80 -0.69 -9.57
C LYS A 62 1.75 -1.49 -8.81
N ILE A 63 1.94 -1.56 -7.50
CA ILE A 63 1.04 -2.25 -6.59
C ILE A 63 -0.33 -1.57 -6.57
N TRP A 64 -0.30 -0.24 -6.50
CA TRP A 64 -1.53 0.56 -6.46
C TRP A 64 -2.37 0.33 -7.71
N THR A 65 -1.72 0.14 -8.84
CA THR A 65 -2.42 -0.08 -10.09
C THR A 65 -3.30 -1.36 -10.01
N MET A 66 -2.93 -2.26 -9.12
CA MET A 66 -3.65 -3.52 -8.97
C MET A 66 -4.77 -3.42 -7.91
N ILE A 67 -4.59 -2.54 -6.92
CA ILE A 67 -5.56 -2.42 -5.82
C ILE A 67 -6.33 -1.11 -5.83
N GLU A 68 -6.31 -0.40 -6.94
CA GLU A 68 -7.06 0.85 -7.03
C GLU A 68 -8.57 0.60 -6.92
N ASN A 69 -8.97 -0.62 -7.20
CA ASN A 69 -10.35 -1.04 -7.11
C ASN A 69 -10.76 -1.18 -5.65
N GLU A 70 -11.94 -0.65 -5.34
CA GLU A 70 -12.51 -0.61 -3.96
C GLU A 70 -11.57 0.05 -2.92
N ALA A 71 -10.44 0.59 -3.38
CA ALA A 71 -9.50 1.25 -2.50
C ALA A 71 -9.23 2.67 -2.94
N ASN A 72 -8.70 3.46 -2.04
CA ASN A 72 -8.30 4.83 -2.31
C ASN A 72 -7.01 5.08 -1.59
N ARG A 73 -6.16 5.96 -2.12
CA ARG A 73 -4.90 6.17 -1.46
C ARG A 73 -5.07 7.17 -0.33
N ASP A 74 -4.72 6.75 0.87
CA ASP A 74 -4.85 7.59 2.05
C ASP A 74 -3.69 8.53 2.13
N LYS A 75 -2.66 8.22 1.37
CA LYS A 75 -1.43 8.98 1.40
C LYS A 75 -0.67 8.71 0.12
N GLU A 76 0.20 9.62 -0.25
CA GLU A 76 1.02 9.45 -1.43
C GLU A 76 2.36 8.83 -1.04
N PRO A 77 3.00 8.07 -1.96
CA PRO A 77 4.28 7.45 -1.67
C PRO A 77 5.33 8.50 -1.42
N ASN A 78 6.08 8.33 -0.38
CA ASN A 78 7.13 9.26 -0.02
C ASN A 78 8.27 8.54 0.67
N PHE A 79 9.46 9.05 0.50
CA PHE A 79 10.63 8.46 1.12
C PHE A 79 10.87 9.14 2.46
N GLU A 80 10.67 8.38 3.52
CA GLU A 80 10.82 8.90 4.87
C GLU A 80 11.22 7.78 5.82
N GLY A 81 12.26 7.99 6.60
CA GLY A 81 12.72 6.96 7.50
C GLY A 81 13.40 5.84 6.76
N ARG A 82 13.93 6.17 5.57
CA ARG A 82 14.59 5.21 4.68
C ARG A 82 13.61 4.23 4.05
N TYR A 83 12.33 4.48 4.25
CA TYR A 83 11.27 3.69 3.66
C TYR A 83 10.43 4.54 2.75
N VAL A 84 9.98 3.95 1.67
CA VAL A 84 9.02 4.60 0.82
C VAL A 84 7.65 4.05 1.21
N ASN A 85 6.83 4.88 1.80
CA ASN A 85 5.57 4.43 2.37
C ASN A 85 4.36 4.96 1.62
N MET A 86 3.33 4.13 1.58
CA MET A 86 2.06 4.50 0.99
C MET A 86 0.93 3.83 1.78
N LEU A 87 -0.14 4.56 2.02
CA LEU A 87 -1.27 4.05 2.76
C LEU A 87 -2.48 3.88 1.87
N VAL A 88 -3.16 2.76 2.01
CA VAL A 88 -4.36 2.50 1.27
C VAL A 88 -5.54 2.27 2.20
N THR A 89 -6.62 2.93 1.88
CA THR A 89 -7.83 2.82 2.64
C THR A 89 -8.93 2.32 1.72
N PRO A 90 -9.83 1.49 2.21
CA PRO A 90 -10.94 0.99 1.41
C PRO A 90 -11.95 2.12 1.18
N LYS A 91 -12.73 2.04 0.11
CA LYS A 91 -13.71 3.06 -0.16
C LYS A 91 -14.76 3.11 0.93
N LYS A 92 -15.08 4.32 1.36
CA LYS A 92 -16.01 4.51 2.46
C LYS A 92 -17.44 4.17 2.09
N ALA A 93 -17.86 2.97 2.46
CA ALA A 93 -19.24 2.55 2.25
C ALA A 93 -20.17 3.41 3.10
N GLU A 94 -19.70 3.72 4.30
CA GLU A 94 -20.43 4.55 5.22
C GLU A 94 -19.66 5.83 5.48
N GLY A 95 -20.34 6.96 5.41
CA GLY A 95 -19.69 8.23 5.61
C GLY A 95 -19.08 8.75 4.32
N HIS A 96 -19.90 9.35 3.49
CA HIS A 96 -19.48 9.83 2.19
C HIS A 96 -19.29 11.34 2.21
N HIS A 97 -18.65 11.86 1.17
CA HIS A 97 -18.47 13.30 1.00
C HIS A 97 -19.81 13.95 0.68
N HIS A 98 -19.89 15.27 0.83
CA HIS A 98 -21.14 16.01 0.56
C HIS A 98 -21.56 15.84 -0.91
N HIS A 99 -20.91 16.56 -1.80
CA HIS A 99 -21.19 16.48 -3.23
C HIS A 99 -20.09 17.20 -4.01
N HIS A 100 -19.03 17.59 -3.32
CA HIS A 100 -17.94 18.35 -3.93
C HIS A 100 -16.86 17.42 -4.49
N HIS A 101 -17.03 16.12 -4.24
CA HIS A 101 -16.05 15.10 -4.64
C HIS A 101 -14.81 15.20 -3.76
N LYS A 4 -12.24 1.23 20.94
CA LYS A 4 -11.06 1.57 20.16
C LYS A 4 -10.16 0.37 19.97
N VAL A 5 -10.38 -0.36 18.92
CA VAL A 5 -9.56 -1.49 18.58
C VAL A 5 -9.26 -1.48 17.09
N ILE A 6 -8.35 -0.62 16.70
CA ILE A 6 -7.97 -0.50 15.32
C ILE A 6 -6.53 -0.94 15.13
N ASP A 7 -6.34 -2.09 14.53
CA ASP A 7 -5.02 -2.61 14.25
C ASP A 7 -4.68 -2.41 12.80
N ILE A 8 -3.80 -1.47 12.52
CA ILE A 8 -3.41 -1.18 11.16
C ILE A 8 -2.25 -2.04 10.74
N LYS A 9 -2.41 -2.68 9.59
CA LYS A 9 -1.41 -3.60 9.09
C LYS A 9 -0.41 -2.91 8.21
N GLU A 10 0.81 -3.31 8.36
CA GLU A 10 1.88 -2.78 7.57
C GLU A 10 2.51 -3.91 6.77
N ILE A 11 2.28 -3.89 5.48
CA ILE A 11 2.79 -4.93 4.60
C ILE A 11 4.15 -4.53 4.03
N LYS A 12 5.16 -5.35 4.34
CA LYS A 12 6.53 -5.08 3.91
C LYS A 12 6.83 -5.69 2.55
N LEU A 13 7.50 -4.90 1.72
CA LEU A 13 7.85 -5.27 0.38
C LEU A 13 9.34 -5.00 0.14
N SER A 14 9.84 -5.48 -0.99
CA SER A 14 11.22 -5.25 -1.35
C SER A 14 11.27 -4.70 -2.77
N VAL A 15 12.26 -3.89 -3.08
CA VAL A 15 12.42 -3.36 -4.42
C VAL A 15 12.70 -4.50 -5.40
N LYS A 16 13.57 -5.39 -4.99
CA LYS A 16 13.89 -6.56 -5.78
C LYS A 16 13.01 -7.70 -5.28
N ILE A 17 11.72 -7.55 -5.53
CA ILE A 17 10.70 -8.46 -5.03
C ILE A 17 10.23 -9.43 -6.12
N ALA A 18 9.86 -10.64 -5.70
CA ALA A 18 9.34 -11.64 -6.61
C ALA A 18 7.97 -11.22 -7.14
N GLN A 19 7.71 -11.56 -8.38
CA GLN A 19 6.46 -11.18 -9.03
C GLN A 19 5.26 -11.85 -8.34
N ASN A 20 5.44 -13.10 -7.94
CA ASN A 20 4.38 -13.84 -7.25
C ASN A 20 4.05 -13.19 -5.91
N ASP A 21 5.09 -12.72 -5.22
CA ASP A 21 4.95 -12.10 -3.91
C ASP A 21 4.09 -10.83 -4.00
N ILE A 22 4.27 -10.06 -5.09
CA ILE A 22 3.49 -8.84 -5.29
C ILE A 22 2.01 -9.17 -5.38
N ASN A 23 1.68 -10.15 -6.20
CA ASN A 23 0.29 -10.52 -6.43
C ASN A 23 -0.36 -11.00 -5.15
N TYR A 24 0.35 -11.83 -4.44
CA TYR A 24 -0.14 -12.41 -3.22
C TYR A 24 -0.44 -11.35 -2.14
N LYS A 25 0.53 -10.46 -1.91
CA LYS A 25 0.38 -9.42 -0.88
C LYS A 25 -0.67 -8.37 -1.23
N VAL A 26 -0.67 -7.92 -2.48
CA VAL A 26 -1.65 -6.92 -2.94
C VAL A 26 -3.06 -7.50 -2.88
N LYS A 27 -3.20 -8.75 -3.29
CA LYS A 27 -4.48 -9.46 -3.22
C LYS A 27 -4.94 -9.57 -1.76
N HIS A 28 -4.00 -9.93 -0.89
CA HIS A 28 -4.29 -10.06 0.54
C HIS A 28 -4.69 -8.73 1.15
N ALA A 29 -4.05 -7.66 0.69
CA ALA A 29 -4.33 -6.30 1.19
C ALA A 29 -5.80 -5.95 1.02
N LEU A 30 -6.40 -6.48 -0.03
CA LEU A 30 -7.80 -6.24 -0.32
C LEU A 30 -8.69 -6.76 0.81
N GLU A 31 -8.35 -7.94 1.32
CA GLU A 31 -9.14 -8.55 2.38
C GLU A 31 -9.07 -7.74 3.67
N PHE A 32 -7.89 -7.17 3.95
CA PHE A 32 -7.73 -6.31 5.13
C PHE A 32 -8.56 -5.04 4.99
N LEU A 33 -8.62 -4.54 3.76
CA LEU A 33 -9.39 -3.34 3.45
C LEU A 33 -10.87 -3.60 3.71
N GLU A 34 -11.30 -4.80 3.34
CA GLU A 34 -12.67 -5.25 3.53
C GLU A 34 -13.06 -5.23 5.01
N GLN A 35 -12.07 -5.36 5.88
CA GLN A 35 -12.29 -5.37 7.32
C GLN A 35 -12.53 -3.96 7.84
N GLY A 36 -12.33 -2.99 6.98
CA GLY A 36 -12.49 -1.61 7.37
C GLY A 36 -11.23 -1.04 7.99
N LYS A 37 -10.10 -1.70 7.72
CA LYS A 37 -8.83 -1.27 8.25
C LYS A 37 -7.96 -0.66 7.17
N HIS A 38 -6.77 -0.26 7.55
CA HIS A 38 -5.83 0.34 6.65
C HIS A 38 -4.61 -0.52 6.41
N VAL A 39 -4.10 -0.45 5.19
CA VAL A 39 -2.88 -1.12 4.82
C VAL A 39 -1.82 -0.10 4.50
N ARG A 40 -0.69 -0.25 5.12
CA ARG A 40 0.43 0.62 4.86
C ARG A 40 1.51 -0.19 4.17
N PHE A 41 1.77 0.13 2.93
CA PHE A 41 2.79 -0.60 2.18
C PHE A 41 4.14 -0.01 2.46
N ARG A 42 4.99 -0.77 3.12
CA ARG A 42 6.32 -0.31 3.44
C ARG A 42 7.34 -1.16 2.71
N VAL A 43 8.26 -0.53 2.06
CA VAL A 43 9.25 -1.25 1.31
C VAL A 43 10.64 -0.88 1.77
N PHE A 44 11.43 -1.88 2.04
CA PHE A 44 12.79 -1.68 2.45
C PHE A 44 13.69 -1.77 1.25
N LEU A 45 14.37 -0.68 0.96
CA LEU A 45 15.26 -0.61 -0.18
C LEU A 45 16.50 -1.45 0.09
N LYS A 46 17.04 -2.07 -0.93
CA LYS A 46 18.18 -2.96 -0.74
C LYS A 46 19.18 -2.85 -1.87
N GLY A 47 20.39 -2.43 -1.55
CA GLY A 47 21.43 -2.35 -2.55
C GLY A 47 21.76 -0.94 -2.98
N ARG A 48 22.05 -0.06 -2.01
CA ARG A 48 22.41 1.35 -2.29
C ARG A 48 21.21 2.15 -2.81
N GLU A 49 20.07 1.49 -2.95
CA GLU A 49 18.89 2.11 -3.52
C GLU A 49 18.27 3.15 -2.60
N MET A 50 18.90 3.38 -1.45
CA MET A 50 18.44 4.40 -0.50
C MET A 50 18.50 5.78 -1.13
N ALA A 51 19.50 5.97 -1.97
CA ALA A 51 19.69 7.24 -2.65
C ALA A 51 18.67 7.41 -3.78
N THR A 52 17.92 6.37 -4.06
CA THR A 52 16.93 6.40 -5.12
C THR A 52 15.54 6.03 -4.60
N PRO A 53 14.76 7.04 -4.19
CA PRO A 53 13.40 6.85 -3.65
C PRO A 53 12.46 6.26 -4.70
N GLU A 54 12.80 6.51 -5.97
CA GLU A 54 12.01 6.04 -7.11
C GLU A 54 11.85 4.52 -7.07
N ALA A 55 12.84 3.84 -6.51
CA ALA A 55 12.82 2.39 -6.43
C ALA A 55 11.60 1.91 -5.65
N GLY A 56 11.27 2.62 -4.59
CA GLY A 56 10.13 2.26 -3.80
C GLY A 56 8.84 2.83 -4.35
N VAL A 57 8.92 4.05 -4.87
CA VAL A 57 7.76 4.73 -5.41
C VAL A 57 7.19 3.98 -6.63
N ALA A 58 8.08 3.57 -7.55
CA ALA A 58 7.65 2.86 -8.75
C ALA A 58 7.02 1.52 -8.38
N LEU A 59 7.57 0.88 -7.36
CA LEU A 59 7.06 -0.40 -6.88
C LEU A 59 5.63 -0.22 -6.37
N LEU A 60 5.44 0.83 -5.59
CA LEU A 60 4.15 1.16 -5.02
C LEU A 60 3.15 1.57 -6.09
N GLU A 61 3.60 2.31 -7.11
CA GLU A 61 2.71 2.71 -8.21
C GLU A 61 2.12 1.48 -8.89
N LYS A 62 2.94 0.45 -9.05
CA LYS A 62 2.51 -0.80 -9.66
C LYS A 62 1.38 -1.40 -8.82
N ILE A 63 1.59 -1.41 -7.52
CA ILE A 63 0.61 -1.93 -6.58
C ILE A 63 -0.66 -1.10 -6.62
N TRP A 64 -0.49 0.21 -6.65
CA TRP A 64 -1.63 1.11 -6.73
C TRP A 64 -2.43 0.83 -7.99
N THR A 65 -1.74 0.50 -9.07
CA THR A 65 -2.40 0.18 -10.33
C THR A 65 -3.30 -1.08 -10.17
N MET A 66 -2.98 -1.89 -9.19
CA MET A 66 -3.74 -3.10 -8.89
C MET A 66 -4.96 -2.81 -8.00
N ILE A 67 -4.77 -1.98 -6.99
CA ILE A 67 -5.81 -1.73 -5.98
C ILE A 67 -6.49 -0.36 -6.15
N GLU A 68 -6.20 0.35 -7.23
CA GLU A 68 -6.76 1.69 -7.49
C GLU A 68 -8.27 1.64 -7.69
N ASN A 69 -8.81 0.46 -7.81
CA ASN A 69 -10.23 0.29 -8.05
C ASN A 69 -11.03 0.19 -6.75
N GLU A 70 -10.62 -0.71 -5.86
CA GLU A 70 -11.37 -0.95 -4.63
C GLU A 70 -10.80 -0.16 -3.44
N ALA A 71 -9.69 0.50 -3.67
CA ALA A 71 -9.06 1.30 -2.62
C ALA A 71 -8.84 2.71 -3.09
N ASN A 72 -8.80 3.64 -2.14
CA ASN A 72 -8.56 5.04 -2.47
C ASN A 72 -7.23 5.50 -1.87
N ARG A 73 -6.45 6.22 -2.66
CA ARG A 73 -5.19 6.71 -2.23
C ARG A 73 -5.33 7.81 -1.18
N ASP A 74 -4.95 7.50 0.05
CA ASP A 74 -4.98 8.48 1.14
C ASP A 74 -3.88 9.49 0.95
N LYS A 75 -2.70 9.01 0.64
CA LYS A 75 -1.55 9.86 0.39
C LYS A 75 -0.62 9.18 -0.60
N GLU A 76 0.14 9.98 -1.30
CA GLU A 76 1.10 9.48 -2.26
C GLU A 76 2.31 8.88 -1.55
N PRO A 77 3.03 7.94 -2.22
CA PRO A 77 4.19 7.27 -1.63
C PRO A 77 5.25 8.25 -1.12
N ASN A 78 5.78 7.95 0.05
CA ASN A 78 6.76 8.81 0.70
C ASN A 78 7.99 8.01 1.11
N PHE A 79 9.14 8.66 1.12
CA PHE A 79 10.40 8.01 1.49
C PHE A 79 10.88 8.50 2.85
N GLU A 80 11.04 7.58 3.78
CA GLU A 80 11.48 7.88 5.12
C GLU A 80 12.71 7.02 5.48
N GLY A 81 13.87 7.65 5.55
CA GLY A 81 15.10 6.95 5.92
C GLY A 81 15.56 5.98 4.85
N ARG A 82 14.92 4.83 4.80
CA ARG A 82 15.23 3.82 3.80
C ARG A 82 13.98 3.03 3.42
N TYR A 83 12.83 3.51 3.88
CA TYR A 83 11.57 2.88 3.58
C TYR A 83 10.68 3.81 2.79
N VAL A 84 10.00 3.27 1.83
CA VAL A 84 9.04 4.02 1.05
C VAL A 84 7.66 3.46 1.39
N ASN A 85 6.72 4.32 1.71
CA ASN A 85 5.41 3.86 2.12
C ASN A 85 4.26 4.59 1.44
N MET A 86 3.21 3.83 1.15
CA MET A 86 1.99 4.37 0.58
C MET A 86 0.81 3.90 1.42
N LEU A 87 -0.11 4.81 1.69
CA LEU A 87 -1.25 4.48 2.53
C LEU A 87 -2.53 4.47 1.68
N VAL A 88 -3.26 3.37 1.77
CA VAL A 88 -4.50 3.22 1.01
C VAL A 88 -5.68 3.00 1.94
N THR A 89 -6.75 3.71 1.67
CA THR A 89 -7.95 3.58 2.46
C THR A 89 -8.97 2.72 1.72
N PRO A 90 -9.62 1.81 2.43
CA PRO A 90 -10.64 0.94 1.85
C PRO A 90 -11.87 1.74 1.47
N LYS A 91 -12.52 1.38 0.39
CA LYS A 91 -13.71 2.09 -0.01
C LYS A 91 -14.94 1.54 0.68
N LYS A 92 -15.24 2.08 1.85
CA LYS A 92 -16.41 1.65 2.57
C LYS A 92 -17.64 2.37 2.04
N ALA A 93 -17.51 3.68 1.86
CA ALA A 93 -18.58 4.52 1.34
C ALA A 93 -18.05 5.89 0.95
N GLU A 94 -17.44 5.98 -0.21
CA GLU A 94 -16.89 7.24 -0.68
C GLU A 94 -17.88 7.97 -1.59
N GLY A 95 -17.87 9.29 -1.48
CA GLY A 95 -18.74 10.09 -2.31
C GLY A 95 -18.03 10.54 -3.57
N HIS A 96 -16.79 10.12 -3.70
CA HIS A 96 -15.98 10.47 -4.84
C HIS A 96 -16.46 9.72 -6.08
N HIS A 97 -16.60 10.45 -7.17
CA HIS A 97 -17.00 9.84 -8.42
C HIS A 97 -15.84 9.17 -9.07
N HIS A 98 -16.06 7.96 -9.55
CA HIS A 98 -15.02 7.18 -10.19
C HIS A 98 -14.58 7.86 -11.48
N HIS A 99 -15.48 7.88 -12.45
CA HIS A 99 -15.25 8.56 -13.71
C HIS A 99 -16.58 8.73 -14.41
N HIS A 100 -17.36 9.65 -13.88
CA HIS A 100 -18.69 9.92 -14.36
C HIS A 100 -18.71 11.20 -15.16
N HIS A 101 -19.77 11.40 -15.92
CA HIS A 101 -19.90 12.58 -16.75
C HIS A 101 -21.01 13.46 -16.23
N LYS A 4 -10.17 -2.88 20.13
CA LYS A 4 -10.03 -1.51 20.59
C LYS A 4 -9.08 -0.76 19.67
N VAL A 5 -9.44 0.49 19.32
CA VAL A 5 -8.64 1.33 18.43
C VAL A 5 -8.61 0.74 17.00
N ILE A 6 -8.46 1.61 16.01
CA ILE A 6 -8.39 1.16 14.64
C ILE A 6 -6.98 0.69 14.33
N ASP A 7 -6.77 -0.62 14.41
CA ASP A 7 -5.47 -1.21 14.14
C ASP A 7 -5.16 -1.19 12.66
N ILE A 8 -4.06 -0.55 12.30
CA ILE A 8 -3.66 -0.41 10.92
C ILE A 8 -2.63 -1.47 10.54
N LYS A 9 -2.85 -2.10 9.40
CA LYS A 9 -2.02 -3.19 8.93
C LYS A 9 -0.88 -2.68 8.09
N GLU A 10 0.23 -3.35 8.18
CA GLU A 10 1.38 -2.97 7.41
C GLU A 10 1.89 -4.15 6.59
N ILE A 11 2.13 -3.89 5.33
CA ILE A 11 2.68 -4.89 4.45
C ILE A 11 4.01 -4.41 3.89
N LYS A 12 5.09 -5.07 4.30
CA LYS A 12 6.43 -4.68 3.91
C LYS A 12 6.83 -5.27 2.56
N LEU A 13 7.54 -4.48 1.80
CA LEU A 13 7.92 -4.83 0.45
C LEU A 13 9.42 -4.65 0.26
N SER A 14 9.91 -5.04 -0.91
CA SER A 14 11.29 -4.85 -1.28
C SER A 14 11.37 -4.68 -2.80
N VAL A 15 12.39 -4.00 -3.28
CA VAL A 15 12.55 -3.80 -4.72
C VAL A 15 12.93 -5.13 -5.41
N LYS A 16 13.45 -6.06 -4.62
CA LYS A 16 13.84 -7.37 -5.10
C LYS A 16 12.66 -8.35 -5.02
N ILE A 17 11.47 -7.82 -4.87
CA ILE A 17 10.25 -8.63 -4.74
C ILE A 17 9.85 -9.24 -6.07
N ALA A 18 9.25 -10.42 -6.02
CA ALA A 18 8.79 -11.11 -7.22
C ALA A 18 7.36 -10.68 -7.54
N GLN A 19 7.00 -10.74 -8.82
CA GLN A 19 5.69 -10.31 -9.27
C GLN A 19 4.57 -11.16 -8.68
N ASN A 20 4.79 -12.46 -8.59
CA ASN A 20 3.79 -13.35 -8.01
C ASN A 20 3.59 -13.04 -6.54
N ASP A 21 4.65 -12.55 -5.90
CA ASP A 21 4.58 -12.16 -4.50
C ASP A 21 3.77 -10.88 -4.35
N ILE A 22 3.94 -9.95 -5.31
CA ILE A 22 3.20 -8.68 -5.32
C ILE A 22 1.71 -8.95 -5.46
N ASN A 23 1.39 -9.87 -6.37
CA ASN A 23 0.01 -10.27 -6.63
C ASN A 23 -0.63 -10.89 -5.40
N TYR A 24 0.13 -11.69 -4.73
CA TYR A 24 -0.32 -12.35 -3.54
C TYR A 24 -0.59 -11.33 -2.42
N LYS A 25 0.32 -10.38 -2.24
CA LYS A 25 0.18 -9.36 -1.21
C LYS A 25 -1.01 -8.44 -1.42
N VAL A 26 -1.24 -8.01 -2.66
CA VAL A 26 -2.39 -7.14 -2.94
C VAL A 26 -3.71 -7.85 -2.63
N LYS A 27 -3.74 -9.17 -2.85
CA LYS A 27 -4.91 -9.96 -2.53
C LYS A 27 -5.23 -9.86 -1.03
N HIS A 28 -4.21 -10.04 -0.21
CA HIS A 28 -4.38 -9.97 1.22
C HIS A 28 -4.67 -8.55 1.68
N ALA A 29 -4.04 -7.58 1.03
CA ALA A 29 -4.26 -6.19 1.36
C ALA A 29 -5.72 -5.84 1.16
N LEU A 30 -6.30 -6.34 0.07
CA LEU A 30 -7.72 -6.13 -0.23
C LEU A 30 -8.59 -6.74 0.85
N GLU A 31 -8.21 -7.92 1.29
CA GLU A 31 -8.96 -8.63 2.32
C GLU A 31 -8.93 -7.89 3.65
N PHE A 32 -7.78 -7.30 3.98
CA PHE A 32 -7.69 -6.48 5.19
C PHE A 32 -8.47 -5.17 5.02
N LEU A 33 -8.43 -4.60 3.83
CA LEU A 33 -9.13 -3.36 3.53
C LEU A 33 -10.65 -3.51 3.68
N GLU A 34 -11.20 -4.58 3.16
CA GLU A 34 -12.65 -4.83 3.24
C GLU A 34 -13.10 -5.03 4.70
N GLN A 35 -12.16 -5.33 5.57
CA GLN A 35 -12.43 -5.49 6.98
C GLN A 35 -12.52 -4.12 7.67
N GLY A 36 -12.36 -3.06 6.89
CA GLY A 36 -12.42 -1.71 7.43
C GLY A 36 -11.09 -1.30 8.02
N LYS A 37 -10.02 -1.80 7.42
CA LYS A 37 -8.69 -1.53 7.90
C LYS A 37 -7.85 -0.82 6.85
N HIS A 38 -6.84 -0.13 7.30
CA HIS A 38 -5.92 0.55 6.39
C HIS A 38 -4.65 -0.26 6.25
N VAL A 39 -4.04 -0.19 5.08
CA VAL A 39 -2.77 -0.88 4.86
C VAL A 39 -1.69 0.13 4.52
N ARG A 40 -0.58 0.02 5.21
CA ARG A 40 0.54 0.85 4.94
C ARG A 40 1.63 0.01 4.27
N PHE A 41 1.94 0.32 3.05
CA PHE A 41 2.96 -0.41 2.33
C PHE A 41 4.29 0.25 2.56
N ARG A 42 5.23 -0.51 3.08
CA ARG A 42 6.55 0.02 3.37
C ARG A 42 7.60 -0.85 2.72
N VAL A 43 8.40 -0.25 1.85
CA VAL A 43 9.39 -0.99 1.11
C VAL A 43 10.80 -0.61 1.52
N PHE A 44 11.61 -1.62 1.77
CA PHE A 44 12.99 -1.43 2.12
C PHE A 44 13.83 -1.51 0.86
N LEU A 45 14.57 -0.46 0.56
CA LEU A 45 15.39 -0.44 -0.65
C LEU A 45 16.72 -1.11 -0.38
N LYS A 46 16.74 -2.42 -0.51
CA LYS A 46 17.93 -3.21 -0.25
C LYS A 46 19.02 -2.90 -1.28
N GLY A 47 20.21 -2.64 -0.78
CA GLY A 47 21.34 -2.34 -1.65
C GLY A 47 21.67 -0.87 -1.66
N ARG A 48 22.15 -0.38 -2.79
CA ARG A 48 22.50 1.03 -2.94
C ARG A 48 21.34 1.79 -3.57
N GLU A 49 20.19 1.10 -3.70
CA GLU A 49 19.01 1.68 -4.33
C GLU A 49 18.47 2.87 -3.54
N MET A 50 18.87 2.98 -2.26
CA MET A 50 18.41 4.07 -1.39
C MET A 50 18.89 5.45 -1.88
N ALA A 51 19.80 5.44 -2.84
CA ALA A 51 20.27 6.69 -3.44
C ALA A 51 19.13 7.39 -4.20
N THR A 52 18.18 6.59 -4.67
CA THR A 52 17.04 7.11 -5.38
C THR A 52 15.73 6.54 -4.80
N PRO A 53 14.95 7.39 -4.13
CA PRO A 53 13.66 7.01 -3.52
C PRO A 53 12.64 6.58 -4.55
N GLU A 54 12.88 6.98 -5.80
CA GLU A 54 11.98 6.69 -6.91
C GLU A 54 11.82 5.20 -7.12
N ALA A 55 12.84 4.44 -6.79
CA ALA A 55 12.79 2.98 -6.91
C ALA A 55 11.65 2.41 -6.07
N GLY A 56 11.55 2.90 -4.84
CA GLY A 56 10.48 2.47 -3.95
C GLY A 56 9.13 2.97 -4.41
N VAL A 57 9.12 4.21 -4.89
CA VAL A 57 7.89 4.84 -5.34
C VAL A 57 7.31 4.10 -6.54
N ALA A 58 8.17 3.74 -7.49
CA ALA A 58 7.75 3.04 -8.70
C ALA A 58 7.12 1.69 -8.36
N LEU A 59 7.68 1.01 -7.36
CA LEU A 59 7.14 -0.26 -6.90
C LEU A 59 5.72 -0.07 -6.40
N LEU A 60 5.53 0.97 -5.60
CA LEU A 60 4.23 1.31 -5.04
C LEU A 60 3.26 1.72 -6.14
N GLU A 61 3.76 2.46 -7.13
CA GLU A 61 2.95 2.89 -8.27
C GLU A 61 2.33 1.67 -8.96
N LYS A 62 3.14 0.63 -9.17
CA LYS A 62 2.68 -0.59 -9.82
C LYS A 62 1.64 -1.31 -8.95
N ILE A 63 1.90 -1.35 -7.67
CA ILE A 63 1.01 -1.98 -6.70
C ILE A 63 -0.32 -1.25 -6.62
N TRP A 64 -0.24 0.07 -6.61
CA TRP A 64 -1.41 0.91 -6.51
C TRP A 64 -2.43 0.60 -7.61
N THR A 65 -1.98 0.45 -8.84
CA THR A 65 -2.90 0.18 -9.93
C THR A 65 -3.57 -1.19 -9.79
N MET A 66 -2.95 -2.06 -9.01
CA MET A 66 -3.49 -3.38 -8.73
C MET A 66 -4.67 -3.32 -7.75
N ILE A 67 -4.55 -2.44 -6.74
CA ILE A 67 -5.54 -2.37 -5.65
C ILE A 67 -6.49 -1.17 -5.76
N GLU A 68 -6.23 -0.26 -6.70
CA GLU A 68 -7.07 0.94 -6.85
C GLU A 68 -8.54 0.59 -7.13
N ASN A 69 -8.77 -0.65 -7.53
CA ASN A 69 -10.12 -1.14 -7.80
C ASN A 69 -10.99 -1.14 -6.53
N GLU A 70 -10.42 -1.55 -5.40
CA GLU A 70 -11.16 -1.63 -4.14
C GLU A 70 -10.47 -0.81 -3.05
N ALA A 71 -9.54 0.04 -3.45
CA ALA A 71 -8.77 0.83 -2.51
C ALA A 71 -8.58 2.24 -3.03
N ASN A 72 -8.63 3.20 -2.13
CA ASN A 72 -8.43 4.59 -2.50
C ASN A 72 -7.16 5.12 -1.84
N ARG A 73 -6.48 6.00 -2.54
CA ARG A 73 -5.26 6.58 -2.10
C ARG A 73 -5.49 7.55 -0.94
N ASP A 74 -4.86 7.28 0.19
CA ASP A 74 -4.94 8.17 1.33
C ASP A 74 -3.79 9.16 1.31
N LYS A 75 -2.62 8.65 0.99
CA LYS A 75 -1.42 9.45 0.97
C LYS A 75 -0.52 8.98 -0.15
N GLU A 76 0.36 9.85 -0.60
CA GLU A 76 1.30 9.53 -1.66
C GLU A 76 2.53 8.86 -1.07
N PRO A 77 3.23 8.03 -1.87
CA PRO A 77 4.44 7.34 -1.42
C PRO A 77 5.49 8.30 -0.86
N ASN A 78 6.01 7.95 0.29
CA ASN A 78 6.99 8.77 0.99
C ASN A 78 8.21 7.97 1.39
N PHE A 79 9.36 8.49 1.09
CA PHE A 79 10.61 7.86 1.47
C PHE A 79 11.15 8.50 2.73
N GLU A 80 11.09 7.78 3.81
CA GLU A 80 11.61 8.24 5.07
C GLU A 80 12.03 7.05 5.91
N GLY A 81 13.15 7.18 6.58
CA GLY A 81 13.62 6.11 7.42
C GLY A 81 14.10 4.93 6.61
N ARG A 82 14.63 5.21 5.41
CA ARG A 82 15.17 4.19 4.51
C ARG A 82 14.07 3.29 3.93
N TYR A 83 12.82 3.69 4.14
CA TYR A 83 11.67 2.99 3.61
C TYR A 83 10.79 3.91 2.81
N VAL A 84 10.20 3.38 1.76
CA VAL A 84 9.22 4.12 0.98
C VAL A 84 7.85 3.56 1.38
N ASN A 85 6.97 4.42 1.84
CA ASN A 85 5.70 3.98 2.36
C ASN A 85 4.52 4.73 1.76
N MET A 86 3.41 4.03 1.62
CA MET A 86 2.17 4.59 1.09
C MET A 86 0.99 4.04 1.87
N LEU A 87 -0.01 4.88 2.07
CA LEU A 87 -1.23 4.50 2.79
C LEU A 87 -2.41 4.35 1.86
N VAL A 88 -3.09 3.23 1.97
CA VAL A 88 -4.27 2.97 1.17
C VAL A 88 -5.47 2.71 2.07
N THR A 89 -6.57 3.31 1.72
CA THR A 89 -7.80 3.17 2.46
C THR A 89 -8.79 2.33 1.65
N PRO A 90 -9.60 1.48 2.29
CA PRO A 90 -10.59 0.67 1.60
C PRO A 90 -11.66 1.54 0.95
N LYS A 91 -12.13 1.13 -0.22
CA LYS A 91 -13.15 1.90 -0.92
C LYS A 91 -14.54 1.64 -0.37
N LYS A 92 -14.73 2.09 0.87
CA LYS A 92 -16.00 2.00 1.59
C LYS A 92 -16.56 0.57 1.65
N ALA A 93 -17.36 0.20 0.66
CA ALA A 93 -17.99 -1.10 0.62
C ALA A 93 -18.25 -1.54 -0.81
N GLU A 94 -17.31 -1.23 -1.70
CA GLU A 94 -17.44 -1.59 -3.10
C GLU A 94 -17.19 -3.08 -3.33
N GLY A 95 -17.82 -3.60 -4.39
CA GLY A 95 -17.68 -5.00 -4.72
C GLY A 95 -18.93 -5.78 -4.39
N HIS A 96 -19.71 -6.11 -5.42
CA HIS A 96 -20.94 -6.86 -5.23
C HIS A 96 -20.60 -8.33 -4.99
N HIS A 97 -19.83 -8.89 -5.91
CA HIS A 97 -19.37 -10.26 -5.80
C HIS A 97 -17.91 -10.32 -6.17
N HIS A 98 -17.10 -10.78 -5.25
CA HIS A 98 -15.68 -10.81 -5.46
C HIS A 98 -15.28 -12.09 -6.18
N HIS A 99 -15.27 -12.03 -7.50
CA HIS A 99 -14.89 -13.13 -8.34
C HIS A 99 -14.65 -12.61 -9.75
N HIS A 100 -13.46 -12.83 -10.27
CA HIS A 100 -13.11 -12.31 -11.59
C HIS A 100 -13.40 -13.34 -12.68
N HIS A 101 -13.78 -14.54 -12.26
CA HIS A 101 -14.08 -15.64 -13.17
C HIS A 101 -12.82 -16.08 -13.92
#